data_9E3E
#
_entry.id   9E3E
#
_cell.length_a   1.00
_cell.length_b   1.00
_cell.length_c   1.00
_cell.angle_alpha   90.00
_cell.angle_beta   90.00
_cell.angle_gamma   90.00
#
_symmetry.space_group_name_H-M   'P 1'
#
loop_
_entity.id
_entity.type
_entity.pdbx_description
1 polymer 'Acetylcholine receptor subunit alpha'
2 polymer 'Acetylcholine receptor subunit beta'
3 polymer 'Acetylcholine receptor subunit delta'
4 polymer 'Acetylcholine receptor subunit gamma'
5 branched alpha-D-mannopyranose-(1-3)-[alpha-D-mannopyranose-(1-6)]alpha-D-mannopyranose-(1-6)-[alpha-D-mannopyranose-(1-3)]beta-D-mannopyranose-(1-4)-2-acetamido-2-deoxy-beta-D-glucopyranose-(1-4)-2-acetamido-2-deoxy-beta-D-glucopyranose
6 branched alpha-D-mannopyranose-(1-3)-[alpha-D-mannopyranose-(1-6)]beta-D-mannopyranose-(1-4)-2-acetamido-2-deoxy-beta-D-glucopyranose-(1-4)-2-acetamido-2-deoxy-beta-D-glucopyranose
7 branched 2-acetamido-2-deoxy-beta-D-glucopyranose-(1-4)-2-acetamido-2-deoxy-beta-D-glucopyranose
8 branched alpha-D-mannopyranose-(1-6)-alpha-D-mannopyranose-(1-6)-[alpha-D-mannopyranose-(1-3)]beta-D-mannopyranose-(1-4)-2-acetamido-2-deoxy-beta-D-glucopyranose-(1-4)-2-acetamido-2-deoxy-beta-D-glucopyranose
9 non-polymer ACETYLCHOLINE
#
loop_
_entity_poly.entity_id
_entity_poly.type
_entity_poly.pdbx_seq_one_letter_code
_entity_poly.pdbx_strand_id
1 'polypeptide(L)'
;SEHETRLVANLLENYNKVIRPVEHHTHFVDITVGLQLIQLISVDEVNQIVETNVRLRQQWIDVRLRWNPADYGGIKKIRL
PSDDVWLPDLVLYNNADGDFAIVHMTKLLLDYTGKIMWTPPAIFKSYCEIIVTHFPFDQQNCTMKLGIWTYDGTKVSISP
ESDRPDLSTFMESGEWVMKDYRGWKHWVYYTCCPDTPYLDITYHFIMQRIPLYFVVNVIIPCLLFSFLTGLVFYLPTDSG
EKMTLSISVLLSLTVFLLVIVELIPSTSSAVPLIGKYMLFTMIFVISSIIITVVVINTHHRSPSTHTMPQWVRKIFIDTI
PNVMFFSTMKRASKEKQENKIFADDIDISDISGKQVTGEVIFQTPLIKNPDVKSAIEGVKYIAEHMKSDEESSNAAEEWK
YVAMVIDHILLCVFMLICIIGTVSVFAGRLIELSQEG
;
A,D
2 'polypeptide(L)'
;SVMEDTLLSVLFETYNPKVRPAQTVGDKVTVRVGLTLTNLLILNEKIEEMTTNVFLNLAWTDYRLQWDPAAYEGIKDLRI
PSSDVWQPDIVLMNNNDGSFEITLHVNVLVQHTGAVSWQPSAIYRSSCTIKVMYFPFDWQNCTMVFKSYTYDTSEVTLQH
ALDAKGEREVKEIVINKDAFTENGQWSIEHKPSRKNWRSDDPSYEDVTFYLIIQRKPLFYIVYTIIPCILISILAILVFY
LPPDAGEKMSLSISALLAVTVFLLLLADKVPETSLSVPIIIRYLMFIMILVAFSVILSVVVLNLHHRSPNTHTMPNWIRQ
IFIETLPPFLWIQRPVTTPSPDSKPTIISRANDEYFIRKPAGDFVCPVDNARVAVQPERLFSEMKWHLNGLTQPVTLPQD
LKEAVEAIKYIAEQLESASEFDDLKKDWQYVAMVADRLFLYVFFVICSIGTFSIFLDASHNVPPDNPFA
;
B
3 'polypeptide(L)'
;VNEEERLINDLLIVNKYNKHVRPVKHNNEVVNIALSLTLSNLISLKETDETLTSNVWMDHAWYDHRLTWNASEYSDISIL
RLPPELVWIPDIVLQNNNDGQYHVAYFCNVLVRPNGYVTWLPPAIFRSSCPINVLYFPFDWQNCSLKFTALNYDANEITM
DLMTDTIDGKDYPIEWIIIDPEAFTENGEWEIIHKPAKKNIYPDKFPNGTNYQDVTFYLIIRRKPLFYVINFITPCVLIS
FLASLAFYLPAESGEKMSTAISVLLAQAVFLLLTSQRLPETALAVPLIGKYLMFIMSLVTGVIVNCGIVLNFHFRTPSTH
VLSTRVKQIFLEKLPRILHMSRADESEQPDWQNDLKLRRSSSVGYISKAQEYFNIKSRSELMFEKQSERHGLVPRVTPRI
GFGNNNENIAASDQLHDEIKSGIDSTNYIVKQIKEKNAYDEEVGNWNLVGQTIDRLSMFIITPVMVLGTIFIFVMGNFNH
PPAKPFEGDPFDYSSDHPRCA
;
C
4 'polypeptide(L)'
;NEEGRLIEKLLGDYDKRIIPAKTLDHIIDVTLKLTLTNLISLNEKEEALTTNVWIEIQWNDYRLSWNTSEYEGIDLVRIP
SELLWLPDVVLENNVDGQFEVAYYANVLVYNDGSMYWLPPAIYRSTCPIAVTYFPFDWQNCSLVFRSQTYNAHEVNLQLS
AEEGEAVEWIHIDPEDFTENGEWTIRHRPAKKNYNWQLTKDDTDFQEIIFFLIIQRKPLFYIINIIAPCVLISSLVVLVY
FLPAQAGGQKCTLSISVLLAQTIFLFLIAQKVPETSLNVPLIGKYLIFVMFVSMLIVMNCVIVLNVSLRTPNTHSLSEKI
KHLFLGFLPKYLGMQLEPSEETPEKPQPRRRSSFGIMIKAEEYILKKPRSELMFEEQKDRHGLKRVNKMTSDIDIGTTVD
LYKDLANFAPEIKSCVEACNFIAKSTKEQNDSGSENENWVLIGKVIDKACFWIALLLFSIGTLAIFLTGHFNQVPEFPFP
GDPRKYVP
;
E
#
loop_
_chem_comp.id
_chem_comp.type
_chem_comp.name
_chem_comp.formula
ACH non-polymer ACETYLCHOLINE 'C7 H16 N O2 1'
BMA D-saccharide, beta linking beta-D-mannopyranose 'C6 H12 O6'
MAN D-saccharide, alpha linking alpha-D-mannopyranose 'C6 H12 O6'
NAG D-saccharide, beta linking 2-acetamido-2-deoxy-beta-D-glucopyranose 'C8 H15 N O6'
#
# COMPACT_ATOMS: atom_id res chain seq x y z
N SER A 1 -11.93 37.59 -37.87
CA SER A 1 -12.03 38.02 -39.26
C SER A 1 -13.46 37.90 -39.75
N GLU A 2 -13.94 38.93 -40.43
CA GLU A 2 -15.24 38.84 -41.08
C GLU A 2 -15.22 37.85 -42.24
N HIS A 3 -14.08 37.78 -42.95
CA HIS A 3 -13.95 36.81 -44.03
C HIS A 3 -13.99 35.39 -43.50
N GLU A 4 -13.26 35.11 -42.42
CA GLU A 4 -13.27 33.77 -41.85
C GLU A 4 -14.64 33.45 -41.26
N THR A 5 -15.33 34.45 -40.69
CA THR A 5 -16.67 34.23 -40.18
C THR A 5 -17.63 33.84 -41.30
N ARG A 6 -17.57 34.56 -42.42
CA ARG A 6 -18.40 34.21 -43.56
C ARG A 6 -18.07 32.81 -44.08
N LEU A 7 -16.78 32.48 -44.12
CA LEU A 7 -16.37 31.18 -44.61
C LEU A 7 -16.89 30.06 -43.73
N VAL A 8 -16.76 30.20 -42.41
CA VAL A 8 -17.21 29.15 -41.50
C VAL A 8 -18.73 29.03 -41.54
N ALA A 9 -19.44 30.16 -41.65
CA ALA A 9 -20.89 30.10 -41.76
C ALA A 9 -21.31 29.42 -43.07
N ASN A 10 -20.53 29.62 -44.14
CA ASN A 10 -20.87 29.00 -45.41
C ASN A 10 -20.56 27.51 -45.46
N LEU A 11 -19.49 27.09 -44.78
CA LEU A 11 -19.09 25.68 -44.86
C LEU A 11 -20.07 24.78 -44.13
N LEU A 12 -20.55 25.19 -42.95
CA LEU A 12 -21.39 24.35 -42.12
C LEU A 12 -22.87 24.64 -42.30
N GLU A 13 -23.25 25.41 -43.32
CA GLU A 13 -24.65 25.76 -43.51
C GLU A 13 -25.49 24.55 -43.87
N ASN A 14 -25.00 23.71 -44.77
CA ASN A 14 -25.72 22.51 -45.20
C ASN A 14 -24.80 21.30 -45.14
N TYR A 15 -24.04 21.18 -44.06
CA TYR A 15 -23.07 20.11 -43.88
C TYR A 15 -23.62 19.11 -42.87
N ASN A 16 -23.61 17.84 -43.23
CA ASN A 16 -24.05 16.77 -42.36
C ASN A 16 -22.85 15.93 -41.99
N LYS A 17 -22.56 15.84 -40.69
CA LYS A 17 -21.36 15.14 -40.23
C LYS A 17 -21.58 13.66 -40.03
N VAL A 18 -22.76 13.15 -40.37
CA VAL A 18 -23.02 11.71 -40.30
C VAL A 18 -22.47 10.97 -41.50
N ILE A 19 -22.29 11.65 -42.63
CA ILE A 19 -22.09 11.01 -43.92
C ILE A 19 -20.62 11.08 -44.32
N ARG A 20 -20.12 9.99 -44.89
CA ARG A 20 -18.72 9.90 -45.30
C ARG A 20 -18.40 10.95 -46.35
N PRO A 21 -17.20 11.51 -46.33
CA PRO A 21 -16.79 12.52 -47.33
C PRO A 21 -16.32 11.89 -48.63
N VAL A 22 -17.28 11.41 -49.42
CA VAL A 22 -17.00 10.85 -50.72
C VAL A 22 -17.95 11.47 -51.74
N GLU A 23 -17.48 11.59 -52.99
CA GLU A 23 -18.35 12.11 -54.04
C GLU A 23 -19.42 11.09 -54.41
N HIS A 24 -19.08 9.81 -54.39
CA HIS A 24 -20.01 8.74 -54.68
C HIS A 24 -19.86 7.67 -53.60
N HIS A 25 -20.97 6.99 -53.28
CA HIS A 25 -20.95 6.06 -52.17
C HIS A 25 -20.10 4.83 -52.46
N THR A 26 -19.83 4.53 -53.72
CA THR A 26 -18.96 3.40 -54.03
C THR A 26 -17.50 3.70 -53.70
N HIS A 27 -17.11 4.97 -53.73
CA HIS A 27 -15.74 5.34 -53.41
C HIS A 27 -15.48 5.18 -51.92
N PHE A 28 -14.21 5.20 -51.55
CA PHE A 28 -13.79 5.01 -50.18
C PHE A 28 -12.93 6.19 -49.73
N VAL A 29 -13.04 6.52 -48.45
CA VAL A 29 -12.26 7.62 -47.88
C VAL A 29 -10.84 7.14 -47.66
N ASP A 30 -9.87 7.82 -48.26
CA ASP A 30 -8.46 7.49 -48.10
C ASP A 30 -7.92 8.28 -46.92
N ILE A 31 -7.56 7.58 -45.85
CA ILE A 31 -7.13 8.20 -44.61
C ILE A 31 -5.70 7.80 -44.32
N THR A 32 -4.84 8.78 -44.10
CA THR A 32 -3.44 8.56 -43.77
C THR A 32 -3.28 8.70 -42.25
N VAL A 33 -3.03 7.59 -41.57
CA VAL A 33 -2.95 7.56 -40.12
C VAL A 33 -1.49 7.40 -39.72
N GLY A 34 -1.03 8.28 -38.85
CA GLY A 34 0.30 8.18 -38.30
C GLY A 34 0.27 8.32 -36.80
N LEU A 35 1.10 7.53 -36.13
CA LEU A 35 1.21 7.55 -34.68
C LEU A 35 2.45 8.32 -34.29
N GLN A 36 2.33 9.19 -33.30
CA GLN A 36 3.43 10.00 -32.82
C GLN A 36 3.58 9.76 -31.33
N LEU A 37 4.55 8.94 -30.94
CA LEU A 37 4.78 8.65 -29.54
C LEU A 37 5.46 9.84 -28.87
N ILE A 38 4.87 10.32 -27.77
CA ILE A 38 5.38 11.48 -27.07
C ILE A 38 6.08 11.09 -25.77
N GLN A 39 5.51 10.17 -25.01
CA GLN A 39 6.06 9.82 -23.71
C GLN A 39 5.56 8.45 -23.32
N LEU A 40 6.48 7.56 -22.94
CA LEU A 40 6.12 6.27 -22.38
C LEU A 40 5.84 6.48 -20.90
N ILE A 41 4.57 6.55 -20.53
CA ILE A 41 4.20 6.92 -19.17
C ILE A 41 4.62 5.83 -18.18
N SER A 42 4.06 4.64 -18.32
CA SER A 42 4.37 3.55 -17.42
C SER A 42 4.17 2.23 -18.13
N VAL A 43 4.82 1.19 -17.61
CA VAL A 43 4.64 -0.17 -18.07
C VAL A 43 4.30 -0.98 -16.82
N ASP A 44 3.00 -1.21 -16.61
CA ASP A 44 2.53 -1.94 -15.43
C ASP A 44 2.71 -3.43 -15.70
N GLU A 45 3.68 -4.04 -15.01
CA GLU A 45 3.98 -5.45 -15.28
C GLU A 45 2.93 -6.36 -14.68
N VAL A 46 2.41 -6.01 -13.50
CA VAL A 46 1.43 -6.87 -12.84
C VAL A 46 0.12 -6.90 -13.60
N ASN A 47 -0.34 -5.75 -14.07
CA ASN A 47 -1.60 -5.67 -14.80
C ASN A 47 -1.42 -5.88 -16.30
N GLN A 48 -0.18 -5.95 -16.78
CA GLN A 48 0.13 -6.13 -18.20
C GLN A 48 -0.50 -5.05 -19.06
N ILE A 49 -0.44 -3.81 -18.59
CA ILE A 49 -1.02 -2.66 -19.27
C ILE A 49 0.07 -1.61 -19.46
N VAL A 50 0.21 -1.10 -20.67
CA VAL A 50 1.21 -0.09 -21.00
C VAL A 50 0.50 1.21 -21.34
N GLU A 51 0.85 2.26 -20.62
CA GLU A 51 0.25 3.58 -20.80
C GLU A 51 1.19 4.48 -21.59
N THR A 52 0.71 5.03 -22.69
CA THR A 52 1.52 5.87 -23.55
C THR A 52 0.76 7.16 -23.88
N ASN A 53 1.52 8.23 -24.05
CA ASN A 53 0.99 9.52 -24.48
C ASN A 53 1.29 9.65 -25.96
N VAL A 54 0.24 9.69 -26.79
CA VAL A 54 0.42 9.66 -28.24
C VAL A 54 -0.37 10.81 -28.86
N ARG A 55 0.01 11.15 -30.09
CA ARG A 55 -0.72 12.10 -30.93
C ARG A 55 -1.12 11.35 -32.19
N LEU A 56 -2.40 11.08 -32.35
CA LEU A 56 -2.89 10.23 -33.43
C LEU A 56 -3.17 11.10 -34.65
N ARG A 57 -2.11 11.39 -35.40
CA ARG A 57 -2.23 12.24 -36.58
C ARG A 57 -3.02 11.53 -37.66
N GLN A 58 -4.04 12.20 -38.19
CA GLN A 58 -4.92 11.62 -39.19
C GLN A 58 -5.16 12.65 -40.28
N GLN A 59 -5.14 12.21 -41.53
CA GLN A 59 -5.39 13.09 -42.67
C GLN A 59 -6.39 12.45 -43.61
N TRP A 60 -7.32 13.24 -44.13
CA TRP A 60 -8.21 12.79 -45.18
C TRP A 60 -8.67 14.01 -45.96
N ILE A 61 -9.42 13.77 -47.03
CA ILE A 61 -9.88 14.84 -47.92
C ILE A 61 -11.39 14.86 -47.91
N ASP A 62 -11.97 16.01 -47.59
CA ASP A 62 -13.41 16.22 -47.59
C ASP A 62 -13.74 17.20 -48.71
N VAL A 63 -14.48 16.72 -49.71
CA VAL A 63 -14.82 17.57 -50.85
C VAL A 63 -15.79 18.67 -50.43
N ARG A 64 -16.62 18.42 -49.44
CA ARG A 64 -17.62 19.39 -49.01
C ARG A 64 -17.02 20.57 -48.26
N LEU A 65 -15.73 20.53 -47.92
CA LEU A 65 -15.08 21.59 -47.15
C LEU A 65 -13.97 22.25 -47.94
N ARG A 66 -14.23 22.56 -49.20
CA ARG A 66 -13.26 23.26 -50.03
C ARG A 66 -13.84 24.62 -50.45
N TRP A 67 -12.94 25.59 -50.65
CA TRP A 67 -13.37 26.93 -51.02
C TRP A 67 -12.28 27.57 -51.88
N ASN A 68 -12.69 28.59 -52.62
CA ASN A 68 -11.75 29.40 -53.38
C ASN A 68 -11.22 30.51 -52.50
N PRO A 69 -9.91 30.58 -52.25
CA PRO A 69 -9.38 31.60 -51.32
C PRO A 69 -9.64 33.03 -51.76
N ALA A 70 -9.67 33.31 -53.06
CA ALA A 70 -9.84 34.67 -53.53
C ALA A 70 -11.21 35.25 -53.20
N ASP A 71 -12.19 34.40 -52.91
CA ASP A 71 -13.52 34.88 -52.53
C ASP A 71 -13.64 35.18 -51.04
N TYR A 72 -12.60 34.94 -50.27
CA TYR A 72 -12.64 35.17 -48.82
C TYR A 72 -11.40 35.89 -48.35
N GLY A 73 -10.91 36.85 -49.15
CA GLY A 73 -9.81 37.68 -48.73
C GLY A 73 -8.46 37.00 -48.69
N GLY A 74 -8.29 35.91 -49.43
CA GLY A 74 -7.01 35.24 -49.50
C GLY A 74 -6.71 34.27 -48.38
N ILE A 75 -7.71 33.87 -47.60
CA ILE A 75 -7.48 32.90 -46.53
C ILE A 75 -7.27 31.52 -47.15
N LYS A 76 -6.20 30.85 -46.72
CA LYS A 76 -5.90 29.52 -47.25
C LYS A 76 -6.04 28.41 -46.23
N LYS A 77 -5.83 28.67 -44.95
CA LYS A 77 -5.96 27.67 -43.91
C LYS A 77 -6.77 28.24 -42.76
N ILE A 78 -7.78 27.49 -42.29
CA ILE A 78 -8.56 27.84 -41.12
C ILE A 78 -8.52 26.66 -40.15
N ARG A 79 -9.23 26.81 -39.03
CA ARG A 79 -9.33 25.75 -38.05
C ARG A 79 -10.74 25.67 -37.51
N LEU A 80 -11.26 24.45 -37.42
CA LEU A 80 -12.62 24.18 -36.98
C LEU A 80 -12.60 23.17 -35.84
N PRO A 81 -13.58 23.24 -34.95
CA PRO A 81 -13.72 22.17 -33.94
C PRO A 81 -14.03 20.85 -34.60
N SER A 82 -13.49 19.77 -34.02
CA SER A 82 -13.65 18.46 -34.62
C SER A 82 -15.09 17.97 -34.54
N ASP A 83 -15.89 18.51 -33.62
CA ASP A 83 -17.28 18.07 -33.50
C ASP A 83 -18.16 18.56 -34.62
N ASP A 84 -17.68 19.49 -35.46
CA ASP A 84 -18.49 20.02 -36.54
C ASP A 84 -18.31 19.27 -37.85
N VAL A 85 -17.36 18.34 -37.94
CA VAL A 85 -17.06 17.66 -39.19
C VAL A 85 -17.05 16.15 -38.96
N TRP A 86 -17.15 15.42 -40.06
CA TRP A 86 -17.11 13.96 -40.02
C TRP A 86 -15.75 13.49 -39.56
N LEU A 87 -15.73 12.52 -38.66
CA LEU A 87 -14.48 12.00 -38.15
C LEU A 87 -14.43 10.49 -38.31
N PRO A 88 -13.28 9.92 -38.63
CA PRO A 88 -13.15 8.47 -38.64
C PRO A 88 -13.23 7.91 -37.23
N ASP A 89 -13.81 6.71 -37.14
CA ASP A 89 -14.03 6.06 -35.85
C ASP A 89 -12.87 5.11 -35.56
N LEU A 90 -11.70 5.70 -35.36
CA LEU A 90 -10.50 4.93 -35.07
C LEU A 90 -10.55 4.42 -33.64
N VAL A 91 -10.45 3.10 -33.47
CA VAL A 91 -10.63 2.45 -32.19
C VAL A 91 -9.39 1.62 -31.88
N LEU A 92 -8.90 1.72 -30.65
CA LEU A 92 -7.83 0.84 -30.16
C LEU A 92 -8.42 -0.52 -29.83
N TYR A 93 -8.06 -1.53 -30.61
CA TYR A 93 -8.63 -2.87 -30.44
C TYR A 93 -8.25 -3.47 -29.09
N ASN A 94 -6.98 -3.33 -28.70
CA ASN A 94 -6.48 -3.96 -27.49
C ASN A 94 -6.52 -3.04 -26.29
N ASN A 95 -7.55 -2.20 -26.20
CA ASN A 95 -7.71 -1.33 -25.05
C ASN A 95 -7.94 -2.15 -23.79
N ALA A 96 -7.34 -1.68 -22.69
CA ALA A 96 -7.53 -2.32 -21.39
C ALA A 96 -7.43 -1.23 -20.33
N ASP A 97 -8.53 -1.00 -19.62
CA ASP A 97 -8.62 0.05 -18.60
C ASP A 97 -8.31 1.42 -19.21
N GLY A 98 -9.13 1.81 -20.18
CA GLY A 98 -8.94 3.07 -20.85
C GLY A 98 -10.09 3.38 -21.77
N ASP A 99 -9.87 4.34 -22.66
CA ASP A 99 -10.87 4.74 -23.65
C ASP A 99 -10.52 4.11 -24.99
N PHE A 100 -11.55 3.63 -25.69
CA PHE A 100 -11.33 2.97 -26.97
C PHE A 100 -10.96 3.96 -28.06
N ALA A 101 -11.52 5.17 -28.02
CA ALA A 101 -11.26 6.11 -29.09
C ALA A 101 -10.85 7.48 -28.58
N ILE A 102 -10.80 8.46 -29.47
CA ILE A 102 -10.43 9.81 -29.09
C ILE A 102 -11.59 10.45 -28.33
N VAL A 103 -11.27 11.05 -27.19
CA VAL A 103 -12.29 11.71 -26.37
C VAL A 103 -12.03 13.20 -26.22
N HIS A 104 -10.82 13.70 -26.48
CA HIS A 104 -10.53 15.11 -26.24
C HIS A 104 -11.15 16.01 -27.29
N MET A 105 -11.08 15.60 -28.56
CA MET A 105 -11.72 16.30 -29.68
C MET A 105 -11.23 17.75 -29.79
N THR A 106 -9.92 17.89 -30.02
CA THR A 106 -9.37 19.20 -30.25
C THR A 106 -9.66 19.66 -31.67
N LYS A 107 -9.31 20.90 -31.98
CA LYS A 107 -9.57 21.44 -33.30
C LYS A 107 -8.66 20.80 -34.33
N LEU A 108 -8.95 21.07 -35.60
CA LEU A 108 -8.24 20.50 -36.73
C LEU A 108 -7.94 21.56 -37.76
N LEU A 109 -6.86 21.36 -38.51
CA LEU A 109 -6.50 22.23 -39.61
C LEU A 109 -7.28 21.85 -40.85
N LEU A 110 -7.63 22.84 -41.67
CA LEU A 110 -8.41 22.61 -42.87
C LEU A 110 -7.99 23.63 -43.92
N ASP A 111 -7.35 23.18 -44.99
CA ASP A 111 -6.91 24.09 -46.03
C ASP A 111 -7.98 24.20 -47.12
N TYR A 112 -7.72 25.03 -48.12
CA TYR A 112 -8.73 25.35 -49.12
C TYR A 112 -9.00 24.22 -50.10
N THR A 113 -8.15 23.20 -50.14
CA THR A 113 -8.37 22.06 -51.02
C THR A 113 -9.21 20.97 -50.39
N GLY A 114 -9.67 21.18 -49.16
CA GLY A 114 -10.45 20.18 -48.45
C GLY A 114 -9.64 19.24 -47.59
N LYS A 115 -8.32 19.32 -47.63
CA LYS A 115 -7.49 18.42 -46.84
C LYS A 115 -7.60 18.77 -45.37
N ILE A 116 -7.83 17.77 -44.54
CA ILE A 116 -8.01 17.94 -43.10
C ILE A 116 -6.85 17.27 -42.39
N MET A 117 -6.21 18.00 -41.50
CA MET A 117 -5.10 17.50 -40.70
C MET A 117 -5.52 17.58 -39.24
N TRP A 118 -5.85 16.43 -38.65
CA TRP A 118 -6.34 16.36 -37.28
C TRP A 118 -5.34 15.61 -36.41
N THR A 119 -4.93 16.22 -35.32
CA THR A 119 -3.92 15.66 -34.42
C THR A 119 -4.41 15.71 -32.98
N PRO A 120 -5.30 14.80 -32.59
CA PRO A 120 -5.79 14.82 -31.22
C PRO A 120 -4.89 14.04 -30.30
N PRO A 121 -4.79 14.43 -29.03
CA PRO A 121 -4.01 13.67 -28.07
C PRO A 121 -4.81 12.50 -27.53
N ALA A 122 -4.08 11.54 -26.96
CA ALA A 122 -4.73 10.36 -26.40
C ALA A 122 -3.77 9.70 -25.42
N ILE A 123 -4.31 9.20 -24.32
CA ILE A 123 -3.57 8.37 -23.39
C ILE A 123 -4.02 6.93 -23.62
N PHE A 124 -3.22 6.17 -24.35
CA PHE A 124 -3.58 4.80 -24.72
C PHE A 124 -3.06 3.85 -23.66
N LYS A 125 -3.97 3.38 -22.81
CA LYS A 125 -3.66 2.31 -21.86
C LYS A 125 -4.05 1.00 -22.54
N SER A 126 -3.07 0.34 -23.16
CA SER A 126 -3.31 -0.81 -24.00
C SER A 126 -2.72 -2.07 -23.38
N TYR A 127 -3.38 -3.19 -23.61
CA TYR A 127 -2.91 -4.47 -23.13
C TYR A 127 -1.84 -5.02 -24.08
N CYS A 128 -0.73 -5.48 -23.52
CA CYS A 128 0.23 -6.25 -24.29
C CYS A 128 0.88 -7.25 -23.36
N GLU A 129 0.93 -8.51 -23.81
CA GLU A 129 1.44 -9.59 -22.99
C GLU A 129 2.91 -9.37 -22.66
N ILE A 130 3.25 -9.49 -21.38
CA ILE A 130 4.58 -9.18 -20.89
C ILE A 130 5.33 -10.47 -20.67
N ILE A 131 6.40 -10.66 -21.44
CA ILE A 131 7.23 -11.85 -21.35
C ILE A 131 8.25 -11.62 -20.24
N VAL A 132 8.11 -12.36 -19.16
CA VAL A 132 8.98 -12.20 -18.00
C VAL A 132 10.11 -13.22 -18.00
N THR A 133 10.42 -13.81 -19.15
CA THR A 133 11.42 -14.88 -19.20
C THR A 133 12.79 -14.37 -18.78
N HIS A 134 13.18 -13.18 -19.23
CA HIS A 134 14.51 -12.65 -18.96
C HIS A 134 14.47 -11.42 -18.05
N PHE A 135 13.43 -11.31 -17.23
CA PHE A 135 13.34 -10.21 -16.27
C PHE A 135 14.49 -10.29 -15.28
N PRO A 136 15.10 -9.17 -14.88
CA PRO A 136 14.83 -7.77 -15.25
C PRO A 136 15.62 -7.28 -16.46
N PHE A 137 16.35 -8.14 -17.15
CA PHE A 137 17.02 -7.76 -18.39
C PHE A 137 16.14 -8.00 -19.61
N ASP A 138 14.82 -7.98 -19.43
CA ASP A 138 13.89 -8.42 -20.45
C ASP A 138 13.73 -7.40 -21.56
N GLN A 139 13.13 -7.86 -22.66
CA GLN A 139 12.80 -7.02 -23.79
C GLN A 139 11.33 -7.26 -24.13
N GLN A 140 10.53 -6.20 -24.08
CA GLN A 140 9.09 -6.30 -24.24
C GLN A 140 8.69 -5.81 -25.62
N ASN A 141 7.83 -6.57 -26.30
CA ASN A 141 7.29 -6.20 -27.60
C ASN A 141 5.82 -5.83 -27.39
N CYS A 142 5.59 -4.56 -27.08
CA CYS A 142 4.25 -4.07 -26.81
C CYS A 142 3.63 -3.51 -28.08
N THR A 143 2.37 -3.84 -28.32
CA THR A 143 1.69 -3.48 -29.54
C THR A 143 0.50 -2.58 -29.26
N MET A 144 0.11 -1.82 -30.28
CA MET A 144 -1.04 -0.93 -30.23
C MET A 144 -1.79 -1.10 -31.54
N LYS A 145 -2.95 -1.74 -31.51
CA LYS A 145 -3.71 -2.06 -32.71
C LYS A 145 -4.80 -1.01 -32.90
N LEU A 146 -4.74 -0.30 -34.02
CA LEU A 146 -5.69 0.76 -34.34
C LEU A 146 -6.41 0.42 -35.63
N GLY A 147 -7.73 0.48 -35.61
CA GLY A 147 -8.48 0.21 -36.82
C GLY A 147 -9.84 0.85 -36.77
N ILE A 148 -10.41 1.05 -37.96
CA ILE A 148 -11.76 1.60 -38.06
C ILE A 148 -12.76 0.52 -37.66
N TRP A 149 -13.71 0.88 -36.81
CA TRP A 149 -14.58 -0.12 -36.22
C TRP A 149 -15.70 -0.52 -37.17
N THR A 150 -16.58 0.42 -37.51
CA THR A 150 -17.82 0.09 -38.19
C THR A 150 -17.73 0.14 -39.70
N TYR A 151 -16.60 0.56 -40.26
CA TYR A 151 -16.45 0.66 -41.70
C TYR A 151 -15.39 -0.32 -42.17
N ASP A 152 -15.66 -0.98 -43.29
CA ASP A 152 -14.74 -1.96 -43.83
C ASP A 152 -13.83 -1.30 -44.87
N GLY A 153 -13.02 -2.11 -45.55
CA GLY A 153 -12.02 -1.57 -46.45
C GLY A 153 -12.61 -0.92 -47.68
N THR A 154 -13.76 -1.38 -48.14
CA THR A 154 -14.37 -0.77 -49.32
C THR A 154 -15.15 0.49 -48.99
N LYS A 155 -15.30 0.83 -47.71
CA LYS A 155 -16.01 2.03 -47.30
C LYS A 155 -15.06 3.12 -46.82
N VAL A 156 -14.22 2.82 -45.82
CA VAL A 156 -13.17 3.73 -45.39
C VAL A 156 -11.88 2.93 -45.26
N SER A 157 -10.82 3.42 -45.89
CA SER A 157 -9.53 2.76 -45.92
C SER A 157 -8.49 3.61 -45.21
N ILE A 158 -7.59 2.97 -44.48
CA ILE A 158 -6.49 3.67 -43.84
C ILE A 158 -5.18 3.21 -44.48
N SER A 159 -4.13 3.99 -44.26
CA SER A 159 -2.81 3.71 -44.76
C SER A 159 -1.82 4.37 -43.81
N PRO A 160 -0.75 3.69 -43.43
CA PRO A 160 0.23 4.31 -42.54
C PRO A 160 0.96 5.46 -43.22
N GLU A 161 1.20 6.52 -42.45
CA GLU A 161 1.93 7.67 -42.96
C GLU A 161 3.36 7.30 -43.31
N SER A 162 4.01 6.53 -42.45
CA SER A 162 5.37 6.06 -42.70
C SER A 162 5.52 4.70 -42.04
N ASP A 163 6.54 3.96 -42.48
CA ASP A 163 6.76 2.60 -41.99
C ASP A 163 7.10 2.56 -40.51
N ARG A 164 7.54 3.68 -39.93
CA ARG A 164 7.89 3.73 -38.52
C ARG A 164 7.12 4.85 -37.84
N PRO A 165 6.72 4.67 -36.59
CA PRO A 165 6.04 5.75 -35.87
C PRO A 165 6.99 6.91 -35.62
N ASP A 166 6.40 8.10 -35.52
CA ASP A 166 7.17 9.32 -35.32
C ASP A 166 7.62 9.41 -33.87
N LEU A 167 8.93 9.49 -33.66
CA LEU A 167 9.51 9.66 -32.33
C LEU A 167 10.51 10.81 -32.31
N SER A 168 10.31 11.81 -33.17
CA SER A 168 11.22 12.95 -33.21
C SER A 168 11.16 13.74 -31.92
N THR A 169 9.97 13.95 -31.37
CA THR A 169 9.78 14.67 -30.12
C THR A 169 9.57 13.71 -28.95
N PHE A 170 10.12 12.51 -29.02
CA PHE A 170 9.91 11.52 -27.98
C PHE A 170 10.72 11.88 -26.74
N MET A 171 10.05 11.93 -25.59
CA MET A 171 10.70 12.20 -24.33
C MET A 171 11.32 10.90 -23.80
N GLU A 172 12.57 10.98 -23.38
CA GLU A 172 13.27 9.80 -22.88
C GLU A 172 12.64 9.35 -21.56
N SER A 173 12.30 8.06 -21.48
CA SER A 173 11.60 7.55 -20.31
C SER A 173 12.51 7.43 -19.10
N GLY A 174 13.77 7.07 -19.32
CA GLY A 174 14.68 6.81 -18.22
C GLY A 174 14.57 5.43 -17.63
N GLU A 175 13.63 4.61 -18.11
CA GLU A 175 13.53 3.22 -17.70
C GLU A 175 13.54 2.26 -18.86
N TRP A 176 13.27 2.72 -20.07
CA TRP A 176 13.28 1.88 -21.26
C TRP A 176 14.02 2.59 -22.37
N VAL A 177 14.68 1.80 -23.21
CA VAL A 177 15.36 2.29 -24.40
C VAL A 177 14.61 1.74 -25.61
N MET A 178 14.20 2.64 -26.50
CA MET A 178 13.40 2.25 -27.67
C MET A 178 14.34 1.62 -28.68
N LYS A 179 14.48 0.29 -28.58
CA LYS A 179 15.39 -0.43 -29.45
C LYS A 179 14.91 -0.43 -30.89
N ASP A 180 13.60 -0.60 -31.11
CA ASP A 180 13.05 -0.60 -32.45
C ASP A 180 11.58 -0.21 -32.36
N TYR A 181 11.03 0.19 -33.50
CA TYR A 181 9.62 0.56 -33.59
C TYR A 181 9.21 0.54 -35.05
N ARG A 182 8.03 0.00 -35.31
CA ARG A 182 7.57 -0.15 -36.69
C ARG A 182 6.05 -0.26 -36.70
N GLY A 183 5.48 -0.09 -37.88
CA GLY A 183 4.04 -0.20 -38.03
C GLY A 183 3.64 -0.97 -39.27
N TRP A 184 2.83 -2.00 -39.11
CA TRP A 184 2.38 -2.85 -40.21
C TRP A 184 0.88 -2.76 -40.36
N LYS A 185 0.41 -2.93 -41.58
CA LYS A 185 -1.01 -2.83 -41.92
C LYS A 185 -1.51 -4.19 -42.37
N HIS A 186 -2.68 -4.58 -41.86
CA HIS A 186 -3.23 -5.90 -42.13
C HIS A 186 -4.63 -5.79 -42.73
N TRP A 187 -4.99 -6.80 -43.51
CA TRP A 187 -6.34 -7.00 -43.98
C TRP A 187 -6.88 -8.23 -43.25
N VAL A 188 -7.78 -8.02 -42.31
CA VAL A 188 -8.29 -9.07 -41.43
C VAL A 188 -9.72 -9.36 -41.80
N TYR A 189 -10.04 -10.63 -42.02
CA TYR A 189 -11.40 -11.09 -42.27
C TYR A 189 -11.98 -11.62 -40.97
N TYR A 190 -12.92 -10.89 -40.40
CA TYR A 190 -13.54 -11.31 -39.15
C TYR A 190 -14.76 -12.18 -39.41
N THR A 191 -15.11 -12.98 -38.40
CA THR A 191 -16.25 -13.88 -38.52
C THR A 191 -17.57 -13.12 -38.56
N CYS A 192 -17.62 -11.94 -37.94
CA CYS A 192 -18.86 -11.15 -37.96
C CYS A 192 -19.19 -10.69 -39.37
N CYS A 193 -18.21 -10.23 -40.12
CA CYS A 193 -18.40 -9.75 -41.50
C CYS A 193 -17.34 -10.39 -42.38
N PRO A 194 -17.55 -11.64 -42.81
CA PRO A 194 -16.54 -12.33 -43.60
C PRO A 194 -16.52 -11.92 -45.07
N ASP A 195 -17.49 -11.12 -45.52
CA ASP A 195 -17.54 -10.75 -46.93
C ASP A 195 -16.50 -9.69 -47.28
N THR A 196 -16.17 -8.80 -46.35
CA THR A 196 -15.26 -7.71 -46.62
C THR A 196 -14.19 -7.63 -45.54
N PRO A 197 -12.96 -7.27 -45.89
CA PRO A 197 -11.90 -7.17 -44.89
C PRO A 197 -11.92 -5.85 -44.16
N TYR A 198 -11.54 -5.89 -42.88
CA TYR A 198 -11.40 -4.69 -42.07
C TYR A 198 -9.93 -4.40 -41.87
N LEU A 199 -9.55 -3.17 -42.14
CA LEU A 199 -8.15 -2.76 -42.14
C LEU A 199 -7.74 -2.30 -40.74
N ASP A 200 -6.47 -2.49 -40.42
CA ASP A 200 -5.94 -2.01 -39.16
C ASP A 200 -4.43 -1.80 -39.31
N ILE A 201 -3.89 -0.99 -38.41
CA ILE A 201 -2.46 -0.73 -38.34
C ILE A 201 -1.99 -1.03 -36.93
N THR A 202 -0.98 -1.88 -36.80
CA THR A 202 -0.45 -2.31 -35.51
C THR A 202 0.95 -1.74 -35.33
N TYR A 203 1.10 -0.84 -34.37
CA TYR A 203 2.40 -0.25 -34.05
C TYR A 203 3.01 -1.01 -32.88
N HIS A 204 4.14 -1.66 -33.12
CA HIS A 204 4.84 -2.41 -32.07
C HIS A 204 6.13 -1.68 -31.72
N PHE A 205 6.40 -1.56 -30.43
CA PHE A 205 7.62 -0.94 -29.92
C PHE A 205 8.43 -2.00 -29.19
N ILE A 206 9.67 -2.20 -29.64
CA ILE A 206 10.58 -3.13 -29.00
C ILE A 206 11.35 -2.35 -27.94
N MET A 207 10.93 -2.49 -26.69
CA MET A 207 11.49 -1.72 -25.58
C MET A 207 12.44 -2.59 -24.78
N GLN A 208 13.66 -2.10 -24.58
CA GLN A 208 14.67 -2.80 -23.80
C GLN A 208 14.76 -2.14 -22.43
N ARG A 209 14.61 -2.93 -21.37
CA ARG A 209 14.57 -2.38 -20.02
C ARG A 209 15.98 -2.04 -19.55
N ILE A 210 16.15 -0.85 -19.01
CA ILE A 210 17.40 -0.48 -18.35
C ILE A 210 17.40 -1.17 -16.99
N PRO A 211 18.34 -2.06 -16.72
CA PRO A 211 18.25 -2.91 -15.53
C PRO A 211 18.96 -2.37 -14.29
N LEU A 212 19.47 -1.14 -14.31
CA LEU A 212 20.29 -0.65 -13.21
C LEU A 212 19.50 -0.58 -11.91
N TYR A 213 18.25 -0.10 -11.97
CA TYR A 213 17.46 0.05 -10.76
C TYR A 213 17.18 -1.29 -10.11
N PHE A 214 16.74 -2.28 -10.89
CA PHE A 214 16.44 -3.58 -10.32
C PHE A 214 17.70 -4.30 -9.88
N VAL A 215 18.81 -4.11 -10.59
CA VAL A 215 20.07 -4.71 -10.18
C VAL A 215 20.49 -4.17 -8.82
N VAL A 216 20.42 -2.85 -8.63
CA VAL A 216 20.86 -2.26 -7.38
C VAL A 216 19.91 -2.62 -6.25
N ASN A 217 18.61 -2.52 -6.48
CA ASN A 217 17.64 -2.68 -5.40
C ASN A 217 17.25 -4.13 -5.11
N VAL A 218 17.55 -5.07 -6.00
CA VAL A 218 17.11 -6.43 -5.80
C VAL A 218 18.25 -7.41 -5.96
N ILE A 219 18.94 -7.36 -7.10
CA ILE A 219 19.86 -8.44 -7.46
C ILE A 219 21.09 -8.44 -6.57
N ILE A 220 21.65 -7.26 -6.29
CA ILE A 220 22.87 -7.20 -5.47
C ILE A 220 22.64 -7.71 -4.05
N PRO A 221 21.57 -7.31 -3.33
CA PRO A 221 21.36 -7.93 -2.01
C PRO A 221 21.16 -9.43 -2.06
N CYS A 222 20.46 -9.93 -3.09
CA CYS A 222 20.29 -11.37 -3.22
C CYS A 222 21.62 -12.06 -3.47
N LEU A 223 22.50 -11.43 -4.25
CA LEU A 223 23.83 -11.97 -4.46
C LEU A 223 24.62 -11.99 -3.16
N LEU A 224 24.48 -10.94 -2.35
CA LEU A 224 25.18 -10.92 -1.06
C LEU A 224 24.70 -12.05 -0.16
N PHE A 225 23.39 -12.26 -0.10
CA PHE A 225 22.88 -13.33 0.76
C PHE A 225 23.23 -14.71 0.21
N SER A 226 23.30 -14.86 -1.11
CA SER A 226 23.75 -16.11 -1.69
C SER A 226 25.22 -16.37 -1.37
N PHE A 227 26.03 -15.31 -1.37
CA PHE A 227 27.42 -15.45 -0.94
C PHE A 227 27.50 -15.87 0.52
N LEU A 228 26.70 -15.24 1.38
CA LEU A 228 26.73 -15.59 2.79
C LEU A 228 26.13 -16.96 3.08
N THR A 229 25.38 -17.54 2.14
CA THR A 229 24.82 -18.86 2.35
C THR A 229 25.91 -19.89 2.57
N GLY A 230 26.89 -19.93 1.66
CA GLY A 230 27.97 -20.89 1.76
C GLY A 230 29.02 -20.54 2.78
N LEU A 231 28.97 -19.34 3.34
CA LEU A 231 29.96 -18.92 4.34
C LEU A 231 29.78 -19.60 5.68
N VAL A 232 28.60 -20.20 5.93
CA VAL A 232 28.33 -20.83 7.21
C VAL A 232 29.21 -22.04 7.43
N PHE A 233 29.80 -22.61 6.37
CA PHE A 233 30.68 -23.75 6.53
C PHE A 233 32.06 -23.36 7.05
N TYR A 234 32.44 -22.09 6.93
CA TYR A 234 33.68 -21.64 7.55
C TYR A 234 33.49 -21.26 9.00
N LEU A 235 32.25 -21.18 9.46
CA LEU A 235 31.97 -20.86 10.85
C LEU A 235 32.10 -22.13 11.70
N PRO A 236 32.93 -22.12 12.74
CA PRO A 236 33.13 -23.34 13.53
C PRO A 236 31.88 -23.72 14.29
N THR A 237 31.74 -25.02 14.55
CA THR A 237 30.55 -25.54 15.20
C THR A 237 30.49 -25.10 16.66
N ASP A 238 31.63 -24.90 17.30
CA ASP A 238 31.65 -24.56 18.72
C ASP A 238 31.04 -23.21 19.01
N SER A 239 30.96 -22.32 18.02
CA SER A 239 30.36 -21.01 18.27
C SER A 239 28.86 -21.12 18.52
N GLY A 240 28.22 -22.15 17.99
CA GLY A 240 26.79 -22.31 18.14
C GLY A 240 25.97 -21.23 17.48
N GLU A 241 26.46 -20.69 16.36
CA GLU A 241 25.73 -19.67 15.63
C GLU A 241 25.60 -19.99 14.14
N LYS A 242 25.92 -21.22 13.73
CA LYS A 242 25.75 -21.61 12.34
C LYS A 242 24.28 -21.54 11.94
N MET A 243 23.41 -22.04 12.81
CA MET A 243 21.97 -21.98 12.54
C MET A 243 21.48 -20.56 12.47
N THR A 244 22.04 -19.66 13.29
CA THR A 244 21.63 -18.26 13.26
C THR A 244 21.92 -17.65 11.89
N LEU A 245 23.14 -17.85 11.38
CA LEU A 245 23.50 -17.29 10.09
C LEU A 245 22.67 -17.90 8.97
N SER A 246 22.52 -19.22 8.96
CA SER A 246 21.76 -19.88 7.90
C SER A 246 20.30 -19.45 7.92
N ILE A 247 19.68 -19.43 9.11
CA ILE A 247 18.26 -19.09 9.18
C ILE A 247 18.04 -17.62 8.89
N SER A 248 19.02 -16.76 9.20
CA SER A 248 18.88 -15.36 8.85
C SER A 248 18.96 -15.17 7.34
N VAL A 249 19.87 -15.89 6.68
CA VAL A 249 19.92 -15.86 5.22
C VAL A 249 18.61 -16.36 4.63
N LEU A 250 18.05 -17.42 5.23
CA LEU A 250 16.78 -17.95 4.75
C LEU A 250 15.65 -16.94 4.89
N LEU A 251 15.58 -16.24 6.03
CA LEU A 251 14.55 -15.24 6.22
C LEU A 251 14.70 -14.08 5.25
N SER A 252 15.95 -13.66 4.99
CA SER A 252 16.19 -12.61 4.02
C SER A 252 15.72 -13.02 2.63
N LEU A 253 16.03 -14.26 2.23
CA LEU A 253 15.61 -14.72 0.92
C LEU A 253 14.09 -14.89 0.84
N THR A 254 13.46 -15.25 1.96
CA THR A 254 11.99 -15.30 1.99
C THR A 254 11.39 -13.92 1.77
N VAL A 255 11.95 -12.90 2.44
CA VAL A 255 11.45 -11.54 2.27
C VAL A 255 11.67 -11.06 0.84
N PHE A 256 12.84 -11.37 0.26
CA PHE A 256 13.07 -10.97 -1.12
C PHE A 256 12.18 -11.72 -2.09
N LEU A 257 11.85 -12.99 -1.80
CA LEU A 257 10.89 -13.71 -2.60
C LEU A 257 9.51 -13.06 -2.53
N LEU A 258 9.13 -12.61 -1.34
CA LEU A 258 7.90 -11.85 -1.20
C LEU A 258 7.95 -10.58 -2.04
N VAL A 259 9.12 -9.95 -2.11
CA VAL A 259 9.27 -8.73 -2.92
C VAL A 259 9.11 -9.04 -4.41
N ILE A 260 9.71 -10.15 -4.87
CA ILE A 260 9.73 -10.45 -6.30
C ILE A 260 8.33 -10.74 -6.82
N VAL A 261 7.51 -11.41 -6.01
CA VAL A 261 6.17 -11.81 -6.45
C VAL A 261 5.33 -10.58 -6.78
N GLU A 262 5.46 -9.52 -5.98
CA GLU A 262 4.71 -8.31 -6.22
C GLU A 262 5.22 -7.51 -7.41
N LEU A 263 6.37 -7.86 -7.97
CA LEU A 263 6.93 -7.11 -9.09
C LEU A 263 6.61 -7.71 -10.45
N ILE A 264 6.28 -8.99 -10.52
CA ILE A 264 6.06 -9.66 -11.80
C ILE A 264 4.61 -10.12 -11.88
N PRO A 265 4.03 -10.25 -13.08
CA PRO A 265 2.67 -10.77 -13.18
C PRO A 265 2.61 -12.24 -12.80
N SER A 266 1.42 -12.66 -12.39
CA SER A 266 1.17 -14.04 -12.01
C SER A 266 0.96 -14.94 -13.20
N THR A 267 1.31 -14.50 -14.40
CA THR A 267 1.13 -15.32 -15.60
C THR A 267 2.05 -16.53 -15.53
N SER A 268 1.58 -17.63 -16.12
CA SER A 268 2.28 -18.90 -16.08
C SER A 268 2.76 -19.34 -17.46
N SER A 269 2.92 -18.41 -18.39
CA SER A 269 3.40 -18.77 -19.72
C SER A 269 4.83 -19.29 -19.67
N ALA A 270 5.68 -18.65 -18.87
CA ALA A 270 7.08 -19.05 -18.78
C ALA A 270 7.62 -18.65 -17.42
N VAL A 271 8.50 -19.47 -16.87
CA VAL A 271 9.09 -19.15 -15.58
C VAL A 271 10.06 -17.99 -15.73
N PRO A 272 10.07 -17.03 -14.81
CA PRO A 272 11.01 -15.91 -14.92
C PRO A 272 12.43 -16.34 -14.59
N LEU A 273 13.39 -15.59 -15.13
CA LEU A 273 14.79 -15.83 -14.79
C LEU A 273 15.04 -15.55 -13.32
N ILE A 274 14.50 -14.45 -12.80
CA ILE A 274 14.70 -14.14 -11.40
C ILE A 274 13.94 -15.11 -10.52
N GLY A 275 12.80 -15.64 -10.99
CA GLY A 275 12.11 -16.67 -10.23
C GLY A 275 12.90 -17.97 -10.16
N LYS A 276 13.51 -18.36 -11.28
CA LYS A 276 14.38 -19.54 -11.26
C LYS A 276 15.57 -19.32 -10.36
N TYR A 277 16.15 -18.12 -10.37
CA TYR A 277 17.26 -17.82 -9.48
C TYR A 277 16.83 -17.88 -8.02
N MET A 278 15.64 -17.35 -7.71
CA MET A 278 15.14 -17.40 -6.34
C MET A 278 14.90 -18.83 -5.89
N LEU A 279 14.31 -19.66 -6.75
CA LEU A 279 14.10 -21.05 -6.39
C LEU A 279 15.43 -21.78 -6.22
N PHE A 280 16.40 -21.49 -7.09
CA PHE A 280 17.71 -22.12 -7.00
C PHE A 280 18.39 -21.76 -5.67
N THR A 281 18.37 -20.48 -5.31
CA THR A 281 19.04 -20.10 -4.07
C THR A 281 18.26 -20.53 -2.84
N MET A 282 16.94 -20.69 -2.97
CA MET A 282 16.15 -21.24 -1.87
C MET A 282 16.52 -22.70 -1.63
N ILE A 283 16.63 -23.49 -2.71
CA ILE A 283 17.06 -24.87 -2.57
C ILE A 283 18.49 -24.93 -2.06
N PHE A 284 19.32 -23.97 -2.48
CA PHE A 284 20.70 -23.88 -2.00
C PHE A 284 20.74 -23.66 -0.49
N VAL A 285 19.91 -22.75 0.02
CA VAL A 285 19.89 -22.48 1.45
C VAL A 285 19.31 -23.66 2.22
N ILE A 286 18.29 -24.31 1.66
CA ILE A 286 17.72 -25.49 2.33
C ILE A 286 18.77 -26.60 2.42
N SER A 287 19.51 -26.82 1.34
CA SER A 287 20.56 -27.84 1.34
C SER A 287 21.67 -27.47 2.31
N SER A 288 22.05 -26.19 2.36
CA SER A 288 23.09 -25.78 3.30
C SER A 288 22.64 -25.96 4.74
N ILE A 289 21.38 -25.68 5.03
CA ILE A 289 20.86 -25.88 6.39
C ILE A 289 20.86 -27.36 6.74
N ILE A 290 20.45 -28.22 5.80
CA ILE A 290 20.43 -29.66 6.06
C ILE A 290 21.85 -30.18 6.31
N ILE A 291 22.80 -29.76 5.48
CA ILE A 291 24.18 -30.18 5.67
C ILE A 291 24.75 -29.62 6.96
N THR A 292 24.36 -28.40 7.34
CA THR A 292 24.81 -27.83 8.60
C THR A 292 24.28 -28.65 9.77
N VAL A 293 23.02 -29.08 9.70
CA VAL A 293 22.47 -29.94 10.76
C VAL A 293 23.23 -31.25 10.82
N VAL A 294 23.58 -31.80 9.65
CA VAL A 294 24.37 -33.03 9.61
C VAL A 294 25.72 -32.83 10.27
N VAL A 295 26.39 -31.71 9.97
CA VAL A 295 27.70 -31.43 10.54
C VAL A 295 27.62 -31.23 12.04
N ILE A 296 26.61 -30.48 12.50
CA ILE A 296 26.44 -30.24 13.93
C ILE A 296 26.18 -31.55 14.67
N ASN A 297 25.35 -32.41 14.09
CA ASN A 297 25.11 -33.71 14.70
C ASN A 297 26.39 -34.55 14.72
N THR A 298 27.21 -34.42 13.68
CA THR A 298 28.49 -35.13 13.66
C THR A 298 29.44 -34.56 14.71
N HIS A 299 29.37 -33.27 14.99
CA HIS A 299 30.27 -32.64 15.95
C HIS A 299 29.98 -33.07 17.38
N HIS A 300 28.76 -33.52 17.67
CA HIS A 300 28.35 -33.87 19.02
C HIS A 300 28.07 -35.36 19.18
N ARG A 301 28.69 -36.19 18.34
CA ARG A 301 28.50 -37.63 18.46
C ARG A 301 29.18 -38.12 19.73
N SER A 302 28.40 -38.73 20.62
CA SER A 302 28.94 -39.21 21.87
C SER A 302 29.82 -40.43 21.62
N PRO A 303 31.08 -40.43 22.05
CA PRO A 303 31.93 -41.62 21.85
C PRO A 303 31.44 -42.85 22.58
N SER A 304 30.66 -42.68 23.65
CA SER A 304 30.16 -43.83 24.40
C SER A 304 29.09 -44.60 23.64
N THR A 305 28.48 -44.00 22.63
CA THR A 305 27.42 -44.63 21.89
C THR A 305 27.75 -44.84 20.42
N HIS A 306 28.25 -43.81 19.74
CA HIS A 306 28.52 -43.86 18.31
C HIS A 306 30.01 -44.10 18.12
N THR A 307 30.39 -45.34 17.81
CA THR A 307 31.76 -45.64 17.48
C THR A 307 32.11 -45.13 16.10
N MET A 308 33.37 -44.78 15.90
CA MET A 308 33.81 -44.24 14.63
C MET A 308 33.89 -45.36 13.59
N PRO A 309 33.19 -45.25 12.46
CA PRO A 309 33.32 -46.26 11.41
C PRO A 309 34.71 -46.23 10.80
N GLN A 310 35.13 -47.39 10.31
CA GLN A 310 36.45 -47.50 9.68
C GLN A 310 36.53 -46.68 8.40
N TRP A 311 35.50 -46.78 7.55
CA TRP A 311 35.56 -46.10 6.26
C TRP A 311 35.49 -44.59 6.42
N VAL A 312 34.72 -44.10 7.39
CA VAL A 312 34.65 -42.67 7.65
C VAL A 312 36.02 -42.13 8.03
N ARG A 313 36.70 -42.83 8.95
CA ARG A 313 38.04 -42.41 9.36
C ARG A 313 39.00 -42.46 8.19
N LYS A 314 38.97 -43.54 7.41
CA LYS A 314 39.88 -43.69 6.29
C LYS A 314 39.69 -42.57 5.27
N ILE A 315 38.43 -42.20 5.00
CA ILE A 315 38.16 -41.16 4.01
C ILE A 315 38.55 -39.79 4.53
N PHE A 316 38.13 -39.46 5.75
CA PHE A 316 38.18 -38.07 6.21
C PHE A 316 39.36 -37.73 7.11
N ILE A 317 40.24 -38.69 7.41
CA ILE A 317 41.41 -38.41 8.23
C ILE A 317 42.70 -38.69 7.47
N ASP A 318 42.74 -39.78 6.70
CA ASP A 318 43.98 -40.21 6.08
C ASP A 318 44.20 -39.59 4.70
N THR A 319 43.16 -39.54 3.86
CA THR A 319 43.34 -39.20 2.45
C THR A 319 42.99 -37.75 2.14
N ILE A 320 41.75 -37.33 2.44
CA ILE A 320 41.27 -36.03 1.98
C ILE A 320 42.06 -34.86 2.56
N PRO A 321 42.31 -34.76 3.88
CA PRO A 321 43.15 -33.66 4.35
C PRO A 321 44.56 -33.68 3.79
N ASN A 322 45.10 -34.86 3.51
CA ASN A 322 46.41 -34.93 2.86
C ASN A 322 46.34 -34.44 1.41
N VAL A 323 45.17 -34.56 0.78
CA VAL A 323 45.04 -34.10 -0.60
C VAL A 323 45.03 -32.58 -0.66
N MET A 324 44.16 -31.94 0.13
CA MET A 324 44.04 -30.49 0.07
C MET A 324 45.23 -29.82 0.75
N PHE A 325 45.61 -28.66 0.21
CA PHE A 325 46.73 -27.91 0.75
C PHE A 325 46.47 -26.41 0.82
N PHE A 326 45.29 -25.94 0.45
CA PHE A 326 45.00 -24.51 0.51
C PHE A 326 44.87 -24.02 1.94
N SER A 327 44.40 -24.88 2.84
CA SER A 327 44.18 -24.51 4.24
C SER A 327 45.15 -25.26 5.14
N THR A 328 45.41 -24.67 6.31
CA THR A 328 46.40 -25.21 7.24
C THR A 328 45.76 -26.22 8.20
N MET A 329 45.27 -27.31 7.61
CA MET A 329 44.75 -28.41 8.41
C MET A 329 45.89 -29.29 8.90
N LYS A 330 45.67 -29.91 10.06
CA LYS A 330 46.66 -30.82 10.61
C LYS A 330 46.68 -32.11 9.79
N ARG A 331 47.88 -32.54 9.40
CA ARG A 331 48.01 -33.72 8.55
C ARG A 331 48.78 -34.82 9.27
N PRO A 370 48.47 -51.91 56.08
CA PRO A 370 47.80 -50.84 56.82
C PRO A 370 46.60 -50.27 56.08
N ASP A 371 46.00 -49.20 56.62
CA ASP A 371 44.87 -48.54 55.99
C ASP A 371 45.29 -47.42 55.04
N VAL A 372 46.60 -47.23 54.83
CA VAL A 372 47.07 -46.26 53.86
C VAL A 372 46.75 -46.68 52.44
N LYS A 373 46.52 -47.98 52.21
CA LYS A 373 46.22 -48.49 50.89
C LYS A 373 44.89 -47.97 50.34
N SER A 374 44.00 -47.50 51.21
CA SER A 374 42.73 -46.94 50.74
C SER A 374 42.97 -45.68 49.91
N ALA A 375 43.91 -44.84 50.34
CA ALA A 375 44.24 -43.64 49.57
C ALA A 375 44.87 -43.99 48.23
N ILE A 376 45.73 -45.02 48.21
CA ILE A 376 46.38 -45.43 46.97
C ILE A 376 45.34 -45.98 45.99
N GLU A 377 44.34 -46.70 46.50
CA GLU A 377 43.26 -47.17 45.63
C GLU A 377 42.46 -46.01 45.06
N GLY A 378 42.26 -44.96 45.87
CA GLY A 378 41.61 -43.76 45.35
C GLY A 378 42.43 -43.08 44.27
N VAL A 379 43.75 -43.04 44.44
CA VAL A 379 44.63 -42.47 43.43
C VAL A 379 44.54 -43.29 42.14
N LYS A 380 44.53 -44.62 42.26
CA LYS A 380 44.36 -45.48 41.10
C LYS A 380 43.02 -45.23 40.41
N TYR A 381 41.96 -45.06 41.19
CA TYR A 381 40.64 -44.81 40.60
C TYR A 381 40.61 -43.49 39.85
N ILE A 382 41.18 -42.43 40.45
CA ILE A 382 41.13 -41.14 39.77
C ILE A 382 42.07 -41.13 38.56
N ALA A 383 43.16 -41.89 38.61
CA ALA A 383 44.02 -41.99 37.43
C ALA A 383 43.32 -42.74 36.29
N GLU A 384 42.62 -43.82 36.61
CA GLU A 384 41.86 -44.54 35.58
C GLU A 384 40.74 -43.67 35.02
N HIS A 385 40.09 -42.89 35.88
CA HIS A 385 39.07 -41.96 35.40
C HIS A 385 39.68 -40.91 34.48
N MET A 386 40.87 -40.40 34.83
CA MET A 386 41.57 -39.46 33.96
C MET A 386 41.89 -40.07 32.62
N LYS A 387 42.36 -41.32 32.61
CA LYS A 387 42.70 -41.98 31.35
C LYS A 387 41.47 -42.22 30.48
N SER A 388 40.36 -42.66 31.10
CA SER A 388 39.13 -42.87 30.33
C SER A 388 38.60 -41.55 29.79
N ASP A 389 38.69 -40.48 30.57
CA ASP A 389 38.27 -39.16 30.09
C ASP A 389 39.14 -38.69 28.94
N GLU A 390 40.46 -38.96 29.02
CA GLU A 390 41.35 -38.60 27.93
C GLU A 390 41.01 -39.35 26.64
N GLU A 391 40.71 -40.65 26.77
CA GLU A 391 40.31 -41.43 25.60
C GLU A 391 39.01 -40.91 25.01
N SER A 392 38.02 -40.60 25.86
CA SER A 392 36.75 -40.08 25.38
C SER A 392 36.93 -38.74 24.70
N SER A 393 37.76 -37.87 25.26
CA SER A 393 38.01 -36.57 24.65
C SER A 393 38.76 -36.72 23.33
N ASN A 394 39.67 -37.70 23.23
CA ASN A 394 40.34 -37.94 21.96
C ASN A 394 39.37 -38.41 20.89
N ALA A 395 38.43 -39.29 21.25
CA ALA A 395 37.41 -39.73 20.29
C ALA A 395 36.52 -38.58 19.87
N ALA A 396 36.12 -37.73 20.83
CA ALA A 396 35.33 -36.56 20.50
C ALA A 396 36.10 -35.61 19.59
N GLU A 397 37.41 -35.47 19.82
CA GLU A 397 38.25 -34.66 18.96
C GLU A 397 38.29 -35.23 17.55
N GLU A 398 38.34 -36.56 17.43
CA GLU A 398 38.28 -37.18 16.12
C GLU A 398 36.96 -36.86 15.41
N TRP A 399 35.85 -36.93 16.14
CA TRP A 399 34.56 -36.58 15.55
C TRP A 399 34.53 -35.12 15.09
N LYS A 400 35.06 -34.22 15.92
CA LYS A 400 35.10 -32.81 15.55
C LYS A 400 35.99 -32.58 14.32
N TYR A 401 37.10 -33.30 14.25
CA TYR A 401 37.99 -33.19 13.09
C TYR A 401 37.31 -33.67 11.82
N VAL A 402 36.55 -34.76 11.90
CA VAL A 402 35.78 -35.22 10.76
C VAL A 402 34.76 -34.17 10.35
N ALA A 403 34.08 -33.57 11.32
CA ALA A 403 33.10 -32.54 11.02
C ALA A 403 33.76 -31.34 10.35
N MET A 404 34.96 -30.97 10.79
CA MET A 404 35.67 -29.84 10.19
C MET A 404 36.10 -30.14 8.76
N VAL A 405 36.55 -31.37 8.51
CA VAL A 405 36.93 -31.74 7.14
C VAL A 405 35.71 -31.70 6.22
N ILE A 406 34.57 -32.21 6.71
CA ILE A 406 33.33 -32.11 5.95
C ILE A 406 32.98 -30.66 5.69
N ASP A 407 33.20 -29.79 6.70
CA ASP A 407 32.92 -28.38 6.55
C ASP A 407 33.77 -27.75 5.45
N HIS A 408 35.07 -28.09 5.40
CA HIS A 408 35.93 -27.52 4.37
C HIS A 408 35.55 -28.02 2.98
N ILE A 409 35.24 -29.31 2.86
CA ILE A 409 34.83 -29.85 1.56
C ILE A 409 33.56 -29.15 1.08
N LEU A 410 32.58 -29.02 1.97
CA LEU A 410 31.34 -28.37 1.60
C LEU A 410 31.54 -26.89 1.34
N LEU A 411 32.51 -26.25 2.01
CA LEU A 411 32.81 -24.86 1.73
C LEU A 411 33.32 -24.69 0.32
N CYS A 412 34.28 -25.53 -0.08
CA CYS A 412 34.81 -25.43 -1.44
C CYS A 412 33.72 -25.72 -2.47
N VAL A 413 32.91 -26.76 -2.22
CA VAL A 413 31.86 -27.13 -3.16
C VAL A 413 30.82 -26.03 -3.29
N PHE A 414 30.39 -25.45 -2.16
CA PHE A 414 29.34 -24.45 -2.21
C PHE A 414 29.86 -23.12 -2.75
N MET A 415 31.12 -22.78 -2.51
CA MET A 415 31.68 -21.61 -3.17
C MET A 415 31.72 -21.80 -4.68
N LEU A 416 32.14 -22.97 -5.14
CA LEU A 416 32.16 -23.22 -6.58
C LEU A 416 30.76 -23.19 -7.17
N ILE A 417 29.79 -23.78 -6.47
CA ILE A 417 28.41 -23.78 -6.95
C ILE A 417 27.85 -22.37 -7.00
N CYS A 418 28.10 -21.56 -5.96
CA CYS A 418 27.62 -20.19 -5.93
C CYS A 418 28.25 -19.36 -7.04
N ILE A 419 29.52 -19.63 -7.39
CA ILE A 419 30.17 -18.85 -8.45
C ILE A 419 29.80 -19.35 -9.85
N ILE A 420 29.36 -20.60 -10.01
CA ILE A 420 29.03 -21.04 -11.36
C ILE A 420 27.54 -20.92 -11.65
N GLY A 421 26.70 -21.09 -10.62
CA GLY A 421 25.26 -21.03 -10.84
C GLY A 421 24.77 -19.64 -11.20
N THR A 422 25.30 -18.62 -10.53
CA THR A 422 24.93 -17.24 -10.86
C THR A 422 25.35 -16.89 -12.28
N VAL A 423 26.54 -17.34 -12.70
CA VAL A 423 26.99 -17.14 -14.06
C VAL A 423 26.06 -17.85 -15.03
N SER A 424 25.72 -19.12 -14.74
CA SER A 424 24.86 -19.89 -15.63
C SER A 424 23.47 -19.28 -15.75
N VAL A 425 23.02 -18.57 -14.71
CA VAL A 425 21.72 -17.92 -14.78
C VAL A 425 21.82 -16.61 -15.55
N PHE A 426 22.82 -15.78 -15.24
CA PHE A 426 22.84 -14.42 -15.74
C PHE A 426 23.54 -14.25 -17.08
N ALA A 427 24.73 -14.86 -17.25
CA ALA A 427 25.51 -14.66 -18.45
C ALA A 427 24.84 -15.24 -19.70
N GLY A 428 23.88 -16.15 -19.53
CA GLY A 428 23.09 -16.59 -20.66
C GLY A 428 22.32 -15.46 -21.33
N ARG A 429 21.84 -14.52 -20.52
CA ARG A 429 21.15 -13.35 -21.04
C ARG A 429 22.10 -12.17 -21.26
N LEU A 430 23.13 -12.03 -20.42
CA LEU A 430 24.03 -10.88 -20.55
C LEU A 430 24.88 -10.94 -21.80
N ILE A 431 25.14 -12.14 -22.31
CA ILE A 431 25.91 -12.27 -23.56
C ILE A 431 25.12 -11.71 -24.74
N GLU A 432 23.82 -11.96 -24.77
CA GLU A 432 22.91 -11.54 -25.84
C GLU A 432 23.33 -12.07 -27.20
N SER B 1 -34.68 47.85 -19.79
CA SER B 1 -33.85 46.90 -19.08
C SER B 1 -32.46 47.46 -18.82
N VAL B 2 -31.60 46.64 -18.22
CA VAL B 2 -30.23 47.07 -17.96
C VAL B 2 -29.49 47.22 -19.29
N MET B 3 -28.76 48.32 -19.43
CA MET B 3 -28.01 48.53 -20.66
C MET B 3 -26.87 47.54 -20.83
N GLU B 4 -26.50 46.82 -19.76
CA GLU B 4 -25.55 45.73 -19.91
C GLU B 4 -26.11 44.63 -20.80
N ASP B 5 -27.39 44.31 -20.65
CA ASP B 5 -28.03 43.33 -21.52
C ASP B 5 -28.08 43.82 -22.96
N THR B 6 -28.37 45.11 -23.16
CA THR B 6 -28.38 45.66 -24.51
C THR B 6 -27.00 45.59 -25.15
N LEU B 7 -25.96 45.92 -24.37
CA LEU B 7 -24.60 45.85 -24.90
C LEU B 7 -24.20 44.42 -25.22
N LEU B 8 -24.58 43.47 -24.38
CA LEU B 8 -24.29 42.06 -24.65
C LEU B 8 -25.02 41.58 -25.91
N SER B 9 -26.26 42.03 -26.10
CA SER B 9 -26.99 41.66 -27.30
C SER B 9 -26.34 42.25 -28.55
N VAL B 10 -25.86 43.50 -28.45
CA VAL B 10 -25.24 44.13 -29.61
C VAL B 10 -23.90 43.48 -29.95
N LEU B 11 -23.10 43.18 -28.93
CA LEU B 11 -21.76 42.64 -29.17
C LEU B 11 -21.81 41.26 -29.83
N PHE B 12 -22.70 40.39 -29.35
CA PHE B 12 -22.75 39.00 -29.78
C PHE B 12 -23.84 38.74 -30.80
N GLU B 13 -24.19 39.74 -31.60
CA GLU B 13 -25.18 39.53 -32.65
C GLU B 13 -24.65 38.60 -33.73
N THR B 14 -23.42 38.85 -34.20
CA THR B 14 -22.80 38.03 -35.22
C THR B 14 -21.46 37.46 -34.78
N TYR B 15 -21.20 37.45 -33.48
CA TYR B 15 -19.93 36.96 -32.96
C TYR B 15 -19.85 35.45 -33.13
N ASN B 16 -18.67 34.96 -33.51
CA ASN B 16 -18.43 33.53 -33.69
C ASN B 16 -17.18 33.17 -32.90
N PRO B 17 -17.29 32.34 -31.86
CA PRO B 17 -16.10 31.99 -31.06
C PRO B 17 -15.16 31.01 -31.74
N LYS B 18 -15.42 30.61 -32.97
CA LYS B 18 -14.55 29.71 -33.71
C LYS B 18 -13.57 30.44 -34.63
N VAL B 19 -13.55 31.76 -34.57
CA VAL B 19 -12.80 32.58 -35.52
C VAL B 19 -11.77 33.40 -34.76
N ARG B 20 -10.53 33.39 -35.24
CA ARG B 20 -9.49 34.21 -34.66
C ARG B 20 -9.83 35.70 -34.84
N PRO B 21 -9.43 36.54 -33.89
CA PRO B 21 -9.71 37.98 -33.99
C PRO B 21 -8.67 38.74 -34.81
N ALA B 22 -8.33 38.20 -35.98
CA ALA B 22 -7.44 38.88 -36.90
C ALA B 22 -8.25 39.91 -37.69
N GLN B 23 -7.99 41.20 -37.46
CA GLN B 23 -8.75 42.23 -38.15
C GLN B 23 -8.48 42.20 -39.65
N THR B 24 -7.23 41.97 -40.04
CA THR B 24 -6.85 41.79 -41.43
C THR B 24 -6.29 40.40 -41.60
N VAL B 25 -6.51 39.83 -42.79
CA VAL B 25 -6.05 38.48 -43.08
C VAL B 25 -4.53 38.45 -43.05
N GLY B 26 -3.98 37.52 -42.27
CA GLY B 26 -2.55 37.41 -42.09
C GLY B 26 -2.04 37.97 -40.78
N ASP B 27 -2.88 38.65 -40.02
CA ASP B 27 -2.46 39.19 -38.74
C ASP B 27 -2.26 38.08 -37.72
N LYS B 28 -1.46 38.37 -36.71
CA LYS B 28 -1.18 37.44 -35.62
C LYS B 28 -1.69 38.05 -34.32
N VAL B 29 -2.43 37.27 -33.56
CA VAL B 29 -2.96 37.74 -32.28
C VAL B 29 -1.89 37.57 -31.21
N THR B 30 -1.40 38.67 -30.67
CA THR B 30 -0.38 38.64 -29.63
C THR B 30 -1.05 38.23 -28.32
N VAL B 31 -0.67 37.06 -27.81
CA VAL B 31 -1.25 36.51 -26.59
C VAL B 31 -0.17 36.55 -25.51
N ARG B 32 -0.46 37.23 -24.40
CA ARG B 32 0.46 37.29 -23.28
C ARG B 32 0.11 36.19 -22.28
N VAL B 33 1.10 35.39 -21.91
CA VAL B 33 0.90 34.24 -21.04
C VAL B 33 1.72 34.44 -19.78
N GLY B 34 1.07 34.32 -18.63
CA GLY B 34 1.75 34.36 -17.35
C GLY B 34 1.16 33.33 -16.42
N LEU B 35 1.90 33.05 -15.36
CA LEU B 35 1.47 32.03 -14.40
C LEU B 35 1.51 32.62 -12.99
N THR B 36 0.50 32.29 -12.20
CA THR B 36 0.42 32.69 -10.80
C THR B 36 0.27 31.43 -9.96
N LEU B 37 1.32 31.08 -9.23
CA LEU B 37 1.31 29.86 -8.44
C LEU B 37 0.71 30.14 -7.08
N THR B 38 -0.30 29.35 -6.70
CA THR B 38 -0.92 29.49 -5.40
C THR B 38 -0.56 28.37 -4.44
N ASN B 39 -0.27 27.16 -4.94
CA ASN B 39 0.11 26.06 -4.07
C ASN B 39 0.81 25.00 -4.91
N LEU B 40 2.02 24.63 -4.51
CA LEU B 40 2.73 23.50 -5.11
C LEU B 40 2.37 22.28 -4.27
N LEU B 41 1.39 21.50 -4.75
CA LEU B 41 0.78 20.46 -3.94
C LEU B 41 1.75 19.36 -3.54
N ILE B 42 2.20 18.56 -4.51
CA ILE B 42 3.16 17.49 -4.25
C ILE B 42 4.00 17.32 -5.51
N LEU B 43 5.16 16.70 -5.36
CA LEU B 43 5.98 16.24 -6.48
C LEU B 43 6.10 14.73 -6.33
N ASN B 44 5.29 14.00 -7.08
CA ASN B 44 5.26 12.55 -6.99
C ASN B 44 6.43 11.99 -7.79
N GLU B 45 7.45 11.49 -7.10
CA GLU B 45 8.62 10.96 -7.80
C GLU B 45 8.32 9.60 -8.44
N LYS B 46 7.37 8.85 -7.88
CA LYS B 46 7.09 7.51 -8.40
C LYS B 46 6.59 7.57 -9.83
N ILE B 47 5.73 8.54 -10.14
CA ILE B 47 5.19 8.71 -11.48
C ILE B 47 5.78 9.91 -12.21
N GLU B 48 6.72 10.61 -11.58
CA GLU B 48 7.38 11.78 -12.16
C GLU B 48 6.36 12.83 -12.60
N GLU B 49 5.56 13.27 -11.64
CA GLU B 49 4.44 14.16 -11.92
C GLU B 49 4.30 15.17 -10.80
N MET B 50 4.35 16.45 -11.17
CA MET B 50 4.15 17.55 -10.23
C MET B 50 2.79 18.18 -10.48
N THR B 51 1.98 18.25 -9.44
CA THR B 51 0.66 18.88 -9.53
C THR B 51 0.67 20.19 -8.76
N THR B 52 0.14 21.24 -9.40
CA THR B 52 0.13 22.57 -8.82
C THR B 52 -1.24 23.20 -9.02
N ASN B 53 -1.57 24.13 -8.14
CA ASN B 53 -2.74 24.98 -8.28
C ASN B 53 -2.27 26.32 -8.82
N VAL B 54 -2.70 26.67 -10.03
CA VAL B 54 -2.17 27.82 -10.74
C VAL B 54 -3.29 28.66 -11.32
N PHE B 55 -2.97 29.92 -11.61
CA PHE B 55 -3.81 30.83 -12.36
C PHE B 55 -3.11 31.17 -13.66
N LEU B 56 -3.82 31.04 -14.78
CA LEU B 56 -3.25 31.31 -16.09
C LEU B 56 -3.58 32.75 -16.47
N ASN B 57 -2.63 33.66 -16.29
CA ASN B 57 -2.84 35.06 -16.66
C ASN B 57 -2.72 35.19 -18.17
N LEU B 58 -3.86 35.16 -18.85
CA LEU B 58 -3.90 35.28 -20.30
C LEU B 58 -4.43 36.66 -20.67
N ALA B 59 -3.94 37.19 -21.79
CA ALA B 59 -4.41 38.48 -22.28
C ALA B 59 -4.23 38.54 -23.78
N TRP B 60 -5.26 39.01 -24.48
CA TRP B 60 -5.18 39.23 -25.92
C TRP B 60 -6.08 40.40 -26.27
N THR B 61 -6.19 40.68 -27.56
CA THR B 61 -6.99 41.79 -28.04
C THR B 61 -7.96 41.28 -29.10
N ASP B 62 -9.25 41.51 -28.89
CA ASP B 62 -10.28 41.14 -29.84
C ASP B 62 -10.91 42.42 -30.39
N TYR B 63 -10.78 42.64 -31.70
CA TYR B 63 -11.31 43.86 -32.29
C TYR B 63 -12.83 43.87 -32.35
N ARG B 64 -13.46 42.69 -32.35
CA ARG B 64 -14.91 42.64 -32.41
C ARG B 64 -15.54 43.10 -31.10
N LEU B 65 -14.86 42.90 -29.98
CA LEU B 65 -15.40 43.26 -28.67
C LEU B 65 -15.00 44.69 -28.29
N GLN B 66 -15.50 45.64 -29.08
CA GLN B 66 -15.23 47.05 -28.86
C GLN B 66 -16.55 47.80 -28.79
N TRP B 67 -16.62 48.80 -27.91
CA TRP B 67 -17.79 49.64 -27.80
C TRP B 67 -17.38 50.97 -27.19
N ASP B 68 -18.27 51.96 -27.31
CA ASP B 68 -18.04 53.25 -26.70
C ASP B 68 -18.75 53.29 -25.36
N PRO B 69 -18.03 53.39 -24.24
CA PRO B 69 -18.71 53.44 -22.93
C PRO B 69 -19.60 54.65 -22.75
N ALA B 70 -19.37 55.74 -23.48
CA ALA B 70 -20.21 56.92 -23.34
C ALA B 70 -21.62 56.69 -23.86
N ALA B 71 -21.81 55.72 -24.75
CA ALA B 71 -23.12 55.43 -25.30
C ALA B 71 -23.85 54.31 -24.57
N TYR B 72 -23.29 53.80 -23.48
CA TYR B 72 -23.90 52.71 -22.73
C TYR B 72 -23.85 52.99 -21.24
N GLU B 73 -24.12 54.24 -20.84
CA GLU B 73 -24.19 54.65 -19.43
C GLU B 73 -22.90 54.33 -18.68
N GLY B 74 -21.76 54.61 -19.32
CA GLY B 74 -20.47 54.50 -18.67
C GLY B 74 -20.05 53.10 -18.27
N ILE B 75 -20.25 52.12 -19.14
CA ILE B 75 -19.81 50.75 -18.88
C ILE B 75 -18.41 50.62 -19.47
N LYS B 76 -17.40 50.68 -18.61
CA LYS B 76 -16.02 50.57 -19.08
C LYS B 76 -15.63 49.14 -19.40
N ASP B 77 -16.27 48.16 -18.75
CA ASP B 77 -15.85 46.78 -18.89
C ASP B 77 -17.00 45.85 -18.56
N LEU B 78 -16.88 44.60 -18.96
CA LEU B 78 -17.89 43.58 -18.75
C LEU B 78 -17.22 42.28 -18.33
N ARG B 79 -17.99 41.42 -17.68
CA ARG B 79 -17.56 40.07 -17.33
C ARG B 79 -18.46 39.10 -18.11
N ILE B 80 -17.87 38.42 -19.08
CA ILE B 80 -18.61 37.57 -20.01
C ILE B 80 -18.20 36.12 -19.72
N PRO B 81 -19.12 35.15 -19.82
CA PRO B 81 -18.72 33.75 -19.68
C PRO B 81 -17.68 33.37 -20.72
N SER B 82 -16.73 32.54 -20.30
CA SER B 82 -15.57 32.24 -21.14
C SER B 82 -15.97 31.46 -22.39
N SER B 83 -17.09 30.74 -22.35
CA SER B 83 -17.52 29.98 -23.51
C SER B 83 -18.11 30.87 -24.60
N ASP B 84 -18.50 32.10 -24.27
CA ASP B 84 -19.15 32.96 -25.25
C ASP B 84 -18.16 33.69 -26.14
N VAL B 85 -16.89 33.75 -25.78
CA VAL B 85 -15.90 34.51 -26.54
C VAL B 85 -14.84 33.57 -27.07
N TRP B 86 -14.16 34.02 -28.13
CA TRP B 86 -13.03 33.27 -28.65
C TRP B 86 -11.89 33.28 -27.66
N GLN B 87 -11.22 32.14 -27.52
CA GLN B 87 -10.06 32.05 -26.66
C GLN B 87 -9.00 31.22 -27.35
N PRO B 88 -7.73 31.59 -27.20
CA PRO B 88 -6.66 30.70 -27.65
C PRO B 88 -6.60 29.46 -26.77
N ASP B 89 -6.24 28.34 -27.36
CA ASP B 89 -6.24 27.06 -26.65
C ASP B 89 -4.92 26.85 -25.92
N ILE B 90 -4.64 27.77 -24.98
CA ILE B 90 -3.42 27.68 -24.20
C ILE B 90 -3.56 26.50 -23.25
N VAL B 91 -2.85 25.41 -23.54
CA VAL B 91 -2.94 24.17 -22.78
C VAL B 91 -1.54 23.81 -22.30
N LEU B 92 -1.49 22.92 -21.32
CA LEU B 92 -0.22 22.45 -20.76
C LEU B 92 0.24 21.26 -21.59
N MET B 93 1.15 21.51 -22.53
CA MET B 93 1.68 20.44 -23.38
C MET B 93 2.53 19.45 -22.62
N ASN B 94 2.93 19.76 -21.41
CA ASN B 94 3.80 18.91 -20.61
C ASN B 94 3.02 18.00 -19.67
N ASN B 95 1.69 17.97 -19.80
CA ASN B 95 0.86 17.27 -18.84
C ASN B 95 1.10 15.77 -18.85
N ASN B 96 1.20 15.19 -17.65
CA ASN B 96 1.43 13.75 -17.54
C ASN B 96 0.16 12.97 -17.88
N ASP B 97 -0.97 13.39 -17.33
CA ASP B 97 -2.25 12.75 -17.63
C ASP B 97 -2.88 13.44 -18.84
N GLY B 98 -4.16 13.18 -19.08
CA GLY B 98 -4.84 13.81 -20.19
C GLY B 98 -5.54 15.11 -19.83
N SER B 99 -4.89 15.95 -19.05
CA SER B 99 -5.47 17.21 -18.59
C SER B 99 -4.75 18.36 -19.30
N PHE B 100 -5.25 18.70 -20.49
CA PHE B 100 -4.69 19.82 -21.23
C PHE B 100 -5.31 21.15 -20.82
N GLU B 101 -6.63 21.23 -20.87
CA GLU B 101 -7.34 22.49 -20.66
C GLU B 101 -7.36 22.85 -19.18
N ILE B 102 -7.79 24.08 -18.91
CA ILE B 102 -7.96 24.57 -17.55
C ILE B 102 -9.20 23.93 -16.93
N THR B 103 -9.38 24.13 -15.63
CA THR B 103 -10.47 23.49 -14.89
C THR B 103 -11.63 24.41 -14.59
N LEU B 104 -11.36 25.60 -14.06
CA LEU B 104 -12.43 26.38 -13.45
C LEU B 104 -13.33 27.06 -14.49
N HIS B 105 -12.75 27.60 -15.57
CA HIS B 105 -13.47 28.36 -16.59
C HIS B 105 -14.20 29.56 -15.97
N VAL B 106 -13.40 30.47 -15.43
CA VAL B 106 -13.92 31.71 -14.88
C VAL B 106 -14.36 32.62 -16.02
N ASN B 107 -15.06 33.70 -15.69
CA ASN B 107 -15.45 34.66 -16.71
C ASN B 107 -14.25 35.47 -17.18
N VAL B 108 -14.30 35.88 -18.45
CA VAL B 108 -13.28 36.75 -19.01
C VAL B 108 -13.66 38.19 -18.76
N LEU B 109 -12.67 39.07 -18.78
CA LEU B 109 -12.87 40.50 -18.56
C LEU B 109 -12.62 41.22 -19.88
N VAL B 110 -13.68 41.78 -20.45
CA VAL B 110 -13.61 42.46 -21.75
C VAL B 110 -13.78 43.95 -21.52
N GLN B 111 -12.79 44.72 -21.90
CA GLN B 111 -12.83 46.17 -21.78
C GLN B 111 -13.22 46.81 -23.11
N HIS B 112 -13.61 48.08 -23.04
CA HIS B 112 -14.16 48.75 -24.22
C HIS B 112 -13.15 48.93 -25.34
N THR B 113 -11.86 48.91 -25.02
CA THR B 113 -10.84 48.99 -26.05
C THR B 113 -10.63 47.67 -26.78
N GLY B 114 -11.26 46.60 -26.32
CA GLY B 114 -11.09 45.29 -26.91
C GLY B 114 -10.17 44.37 -26.14
N ALA B 115 -9.50 44.88 -25.11
CA ALA B 115 -8.56 44.04 -24.37
C ALA B 115 -9.32 43.01 -23.55
N VAL B 116 -8.95 41.74 -23.73
CA VAL B 116 -9.56 40.64 -23.02
C VAL B 116 -8.51 40.03 -22.10
N SER B 117 -8.82 39.92 -20.82
CA SER B 117 -7.96 39.27 -19.86
C SER B 117 -8.72 38.12 -19.22
N TRP B 118 -8.13 36.93 -19.25
CA TRP B 118 -8.75 35.73 -18.72
C TRP B 118 -7.79 35.10 -17.73
N GLN B 119 -8.27 34.80 -16.53
CA GLN B 119 -7.43 34.23 -15.48
C GLN B 119 -8.09 32.97 -14.92
N PRO B 120 -8.09 31.88 -15.68
CA PRO B 120 -8.67 30.64 -15.17
C PRO B 120 -7.74 29.95 -14.19
N SER B 121 -8.34 29.22 -13.27
CA SER B 121 -7.61 28.45 -12.27
C SER B 121 -7.70 26.97 -12.63
N ALA B 122 -6.63 26.23 -12.35
CA ALA B 122 -6.62 24.81 -12.69
C ALA B 122 -5.61 24.08 -11.82
N ILE B 123 -5.88 22.80 -11.59
CA ILE B 123 -4.90 21.89 -11.00
C ILE B 123 -4.24 21.17 -12.16
N TYR B 124 -2.95 21.40 -12.34
CA TYR B 124 -2.21 20.92 -13.51
C TYR B 124 -1.22 19.86 -13.06
N ARG B 125 -1.30 18.69 -13.65
CA ARG B 125 -0.38 17.59 -13.37
C ARG B 125 0.58 17.48 -14.55
N SER B 126 1.71 18.15 -14.46
CA SER B 126 2.73 18.12 -15.49
C SER B 126 3.77 17.04 -15.17
N SER B 127 4.53 16.67 -16.18
CA SER B 127 5.54 15.63 -16.05
C SER B 127 6.91 16.27 -15.90
N CYS B 128 7.66 15.82 -14.90
CA CYS B 128 8.96 16.38 -14.58
C CYS B 128 10.01 15.28 -14.60
N THR B 129 11.05 15.45 -15.41
CA THR B 129 12.17 14.53 -15.39
C THR B 129 12.95 14.71 -14.10
N ILE B 130 13.06 13.66 -13.31
CA ILE B 130 13.65 13.75 -11.98
C ILE B 130 15.12 13.38 -12.07
N LYS B 131 15.99 14.33 -11.74
CA LYS B 131 17.41 14.03 -11.61
C LYS B 131 17.61 13.40 -10.24
N VAL B 132 17.83 12.09 -10.24
CA VAL B 132 17.81 11.31 -9.01
C VAL B 132 19.19 11.10 -8.43
N MET B 133 20.23 11.73 -9.00
CA MET B 133 21.59 11.43 -8.59
C MET B 133 21.85 11.77 -7.13
N TYR B 134 21.34 12.91 -6.67
CA TYR B 134 21.61 13.38 -5.31
C TYR B 134 20.40 13.27 -4.40
N PHE B 135 19.46 12.40 -4.71
CA PHE B 135 18.28 12.23 -3.86
C PHE B 135 18.70 11.73 -2.49
N PRO B 136 18.13 12.27 -1.39
CA PRO B 136 17.12 13.33 -1.33
C PRO B 136 17.71 14.73 -1.17
N PHE B 137 19.02 14.87 -0.99
CA PHE B 137 19.65 16.18 -0.85
C PHE B 137 19.91 16.76 -2.23
N ASP B 138 18.81 17.13 -2.90
CA ASP B 138 18.88 17.50 -4.31
C ASP B 138 17.86 18.59 -4.61
N TRP B 139 17.89 19.04 -5.86
CA TRP B 139 16.93 20.01 -6.37
C TRP B 139 16.44 19.51 -7.72
N GLN B 140 15.20 19.86 -8.04
CA GLN B 140 14.57 19.42 -9.28
C GLN B 140 14.29 20.63 -10.16
N ASN B 141 14.39 20.43 -11.46
CA ASN B 141 14.19 21.46 -12.46
C ASN B 141 12.95 21.08 -13.27
N CYS B 142 11.78 21.45 -12.74
CA CYS B 142 10.51 21.05 -13.32
C CYS B 142 9.93 22.18 -14.13
N THR B 143 9.48 21.87 -15.34
CA THR B 143 8.99 22.85 -16.28
C THR B 143 7.51 22.65 -16.55
N MET B 144 6.85 23.74 -16.93
CA MET B 144 5.48 23.69 -17.44
C MET B 144 5.47 24.37 -18.80
N VAL B 145 5.12 23.62 -19.84
CA VAL B 145 5.15 24.11 -21.21
C VAL B 145 3.74 24.57 -21.59
N PHE B 146 3.58 25.85 -21.88
CA PHE B 146 2.30 26.42 -22.25
C PHE B 146 2.37 26.97 -23.66
N LYS B 147 1.49 26.48 -24.54
CA LYS B 147 1.36 27.03 -25.88
C LYS B 147 -0.02 26.65 -26.40
N SER B 148 -0.46 27.36 -27.43
CA SER B 148 -1.73 27.05 -28.07
C SER B 148 -1.62 25.70 -28.76
N TYR B 149 -2.57 24.81 -28.47
CA TYR B 149 -2.53 23.48 -29.05
C TYR B 149 -2.71 23.53 -30.56
N THR B 150 -3.59 24.41 -31.04
CA THR B 150 -3.94 24.45 -32.45
C THR B 150 -3.21 25.54 -33.23
N TYR B 151 -3.19 26.77 -32.73
CA TYR B 151 -2.65 27.88 -33.49
C TYR B 151 -1.13 27.91 -33.39
N ASP B 152 -0.47 27.99 -34.54
CA ASP B 152 0.98 28.03 -34.59
C ASP B 152 1.47 29.48 -34.63
N THR B 153 2.75 29.67 -34.91
CA THR B 153 3.34 31.01 -34.90
C THR B 153 2.74 31.90 -35.97
N SER B 154 2.30 31.33 -37.08
CA SER B 154 1.70 32.12 -38.15
C SER B 154 0.34 32.68 -37.80
N GLU B 155 -0.25 32.26 -36.68
CA GLU B 155 -1.58 32.69 -36.29
C GLU B 155 -1.63 33.42 -34.95
N VAL B 156 -0.81 33.01 -33.98
CA VAL B 156 -0.70 33.71 -32.71
C VAL B 156 0.77 33.98 -32.44
N THR B 157 1.02 34.94 -31.55
CA THR B 157 2.37 35.31 -31.16
C THR B 157 2.42 35.39 -29.63
N LEU B 158 2.99 34.37 -29.00
CA LEU B 158 3.06 34.35 -27.55
C LEU B 158 4.07 35.38 -27.06
N GLN B 159 3.78 35.98 -25.90
CA GLN B 159 4.64 36.98 -25.30
C GLN B 159 4.64 36.74 -23.78
N HIS B 160 5.13 37.71 -23.04
CA HIS B 160 5.13 37.67 -21.59
C HIS B 160 4.07 38.60 -21.03
N ALA B 161 3.57 38.26 -19.85
CA ALA B 161 2.56 39.09 -19.22
C ALA B 161 3.16 40.39 -18.70
N LEU B 162 2.30 41.35 -18.42
CA LEU B 162 2.72 42.62 -17.87
C LEU B 162 2.55 42.63 -16.35
N ASP B 163 3.19 43.59 -15.71
CA ASP B 163 3.09 43.72 -14.26
C ASP B 163 1.81 44.46 -13.90
N ALA B 164 1.68 44.84 -12.63
CA ALA B 164 0.45 45.50 -12.18
C ALA B 164 0.26 46.85 -12.85
N LYS B 165 1.33 47.64 -12.93
CA LYS B 165 1.24 48.93 -13.62
C LYS B 165 1.18 48.75 -15.13
N GLY B 166 1.87 47.75 -15.66
CA GLY B 166 1.87 47.48 -17.08
C GLY B 166 2.96 48.14 -17.87
N GLU B 167 3.91 48.81 -17.22
CA GLU B 167 4.99 49.47 -17.94
C GLU B 167 6.12 48.53 -18.34
N ARG B 168 6.17 47.32 -17.77
CA ARG B 168 7.24 46.38 -18.07
C ARG B 168 6.65 44.98 -18.19
N GLU B 169 7.48 44.06 -18.66
CA GLU B 169 7.12 42.66 -18.77
C GLU B 169 7.74 41.88 -17.61
N VAL B 170 6.94 41.05 -16.97
CA VAL B 170 7.41 40.18 -15.90
C VAL B 170 7.86 38.86 -16.52
N LYS B 171 9.10 38.48 -16.23
CA LYS B 171 9.69 37.27 -16.77
C LYS B 171 9.86 36.20 -15.70
N GLU B 172 8.87 36.07 -14.82
CA GLU B 172 8.96 35.11 -13.74
C GLU B 172 7.56 34.69 -13.32
N ILE B 173 7.49 33.61 -12.54
CA ILE B 173 6.22 33.15 -12.00
C ILE B 173 5.80 34.11 -10.89
N VAL B 174 4.64 34.73 -11.06
CA VAL B 174 4.13 35.66 -10.06
C VAL B 174 3.58 34.86 -8.89
N ILE B 175 3.98 35.23 -7.67
CA ILE B 175 3.50 34.58 -6.47
C ILE B 175 2.80 35.62 -5.61
N ASN B 176 1.53 35.38 -5.32
CA ASN B 176 0.73 36.27 -4.48
C ASN B 176 0.86 35.81 -3.04
N LYS B 177 1.44 36.67 -2.19
CA LYS B 177 1.71 36.28 -0.81
C LYS B 177 0.43 36.04 -0.02
N ASP B 178 -0.65 36.74 -0.35
CA ASP B 178 -1.90 36.58 0.38
C ASP B 178 -2.61 35.27 0.07
N ALA B 179 -2.19 34.55 -0.97
CA ALA B 179 -2.84 33.30 -1.34
C ALA B 179 -1.89 32.13 -1.51
N PHE B 180 -0.60 32.31 -1.28
CA PHE B 180 0.37 31.26 -1.51
C PHE B 180 0.65 30.52 -0.22
N THR B 181 0.44 29.20 -0.23
CA THR B 181 0.76 28.33 0.89
C THR B 181 2.07 27.62 0.55
N GLU B 182 3.13 27.93 1.29
CA GLU B 182 4.43 27.37 0.99
C GLU B 182 4.45 25.87 1.31
N ASN B 183 4.93 25.08 0.36
CA ASN B 183 4.99 23.64 0.54
C ASN B 183 5.99 23.29 1.64
N GLY B 184 5.66 22.27 2.43
CA GLY B 184 6.51 21.91 3.54
C GLY B 184 7.72 21.09 3.19
N GLN B 185 7.89 20.73 1.92
CA GLN B 185 9.01 19.90 1.50
C GLN B 185 9.87 20.53 0.43
N TRP B 186 9.39 21.54 -0.29
CA TRP B 186 10.12 22.16 -1.38
C TRP B 186 10.17 23.66 -1.18
N SER B 187 11.34 24.25 -1.42
CA SER B 187 11.52 25.69 -1.37
C SER B 187 11.86 26.18 -2.77
N ILE B 188 11.12 27.17 -3.25
CA ILE B 188 11.28 27.67 -4.61
C ILE B 188 12.50 28.59 -4.66
N GLU B 189 13.58 28.10 -5.27
CA GLU B 189 14.79 28.90 -5.36
C GLU B 189 14.71 29.90 -6.51
N HIS B 190 14.41 29.42 -7.72
CA HIS B 190 14.29 30.26 -8.89
C HIS B 190 13.01 29.91 -9.64
N LYS B 191 12.33 30.93 -10.15
CA LYS B 191 11.09 30.74 -10.91
C LYS B 191 11.13 31.59 -12.18
N PRO B 192 12.01 31.28 -13.12
CA PRO B 192 12.11 32.09 -14.33
C PRO B 192 11.10 31.66 -15.38
N SER B 193 10.96 32.50 -16.39
CA SER B 193 10.09 32.22 -17.53
C SER B 193 10.78 32.67 -18.80
N ARG B 194 10.64 31.87 -19.86
CA ARG B 194 11.29 32.21 -21.12
C ARG B 194 10.51 31.58 -22.27
N LYS B 195 10.72 32.12 -23.46
CA LYS B 195 10.11 31.61 -24.67
C LYS B 195 11.13 30.79 -25.44
N ASN B 196 10.74 29.58 -25.84
CA ASN B 196 11.62 28.67 -26.55
C ASN B 196 11.20 28.54 -28.00
N TRP B 197 12.17 28.54 -28.90
CA TRP B 197 11.93 28.28 -30.31
C TRP B 197 12.74 27.06 -30.70
N ARG B 198 12.13 26.17 -31.48
CA ARG B 198 12.82 24.99 -31.98
C ARG B 198 13.26 25.21 -33.41
N SER B 199 14.50 24.82 -33.70
CA SER B 199 14.99 24.86 -35.08
C SER B 199 14.33 23.77 -35.91
N ASP B 200 14.46 23.93 -37.23
CA ASP B 200 13.86 23.08 -38.27
C ASP B 200 12.33 23.17 -38.31
N ASP B 201 11.71 24.01 -37.50
CA ASP B 201 10.28 24.28 -37.59
C ASP B 201 9.97 25.65 -36.99
N PRO B 202 9.89 26.68 -37.82
CA PRO B 202 9.57 28.03 -37.31
C PRO B 202 8.15 28.17 -36.80
N SER B 203 7.27 27.20 -37.07
CA SER B 203 5.90 27.28 -36.58
C SER B 203 5.78 26.98 -35.10
N TYR B 204 6.85 26.54 -34.44
CA TYR B 204 6.80 26.22 -33.02
C TYR B 204 7.23 27.43 -32.20
N GLU B 205 6.46 27.74 -31.17
CA GLU B 205 6.80 28.78 -30.22
C GLU B 205 5.98 28.57 -28.95
N ASP B 206 6.66 28.50 -27.81
CA ASP B 206 5.99 28.22 -26.55
C ASP B 206 6.59 29.07 -25.45
N VAL B 207 5.84 29.19 -24.35
CA VAL B 207 6.28 29.88 -23.14
C VAL B 207 6.33 28.86 -22.02
N THR B 208 7.48 28.69 -21.41
CA THR B 208 7.69 27.69 -20.38
C THR B 208 8.05 28.36 -19.05
N PHE B 209 7.55 27.81 -17.96
CA PHE B 209 7.81 28.31 -16.62
C PHE B 209 8.61 27.26 -15.85
N TYR B 210 9.71 27.68 -15.26
CA TYR B 210 10.62 26.79 -14.55
C TYR B 210 10.46 26.95 -13.05
N LEU B 211 10.52 25.83 -12.34
CA LEU B 211 10.45 25.81 -10.88
C LEU B 211 11.67 25.05 -10.39
N ILE B 212 12.72 25.78 -10.06
CA ILE B 212 13.95 25.17 -9.52
C ILE B 212 13.74 25.06 -8.02
N ILE B 213 13.14 23.95 -7.60
CA ILE B 213 12.74 23.74 -6.21
C ILE B 213 13.71 22.80 -5.55
N GLN B 214 14.15 23.14 -4.34
CA GLN B 214 15.12 22.35 -3.61
C GLN B 214 14.42 21.60 -2.48
N ARG B 215 14.67 20.30 -2.39
CA ARG B 215 14.04 19.49 -1.35
C ARG B 215 14.63 19.82 0.01
N LYS B 216 13.80 19.75 1.04
CA LYS B 216 14.26 19.86 2.41
C LYS B 216 14.41 18.46 2.97
N PRO B 217 15.63 17.99 3.25
CA PRO B 217 15.84 16.57 3.50
C PRO B 217 15.67 16.15 4.95
N LEU B 218 15.05 16.99 5.79
CA LEU B 218 14.98 16.69 7.21
C LEU B 218 14.22 15.40 7.48
N PHE B 219 13.15 15.15 6.74
CA PHE B 219 12.38 13.92 6.92
C PHE B 219 13.23 12.69 6.68
N TYR B 220 13.96 12.68 5.56
CA TYR B 220 14.77 11.51 5.23
C TYR B 220 15.98 11.39 6.15
N ILE B 221 16.53 12.51 6.60
CA ILE B 221 17.62 12.46 7.57
C ILE B 221 17.15 11.84 8.87
N VAL B 222 15.98 12.26 9.35
CA VAL B 222 15.49 11.75 10.63
C VAL B 222 15.10 10.29 10.53
N TYR B 223 14.36 9.91 9.49
CA TYR B 223 13.78 8.58 9.47
C TYR B 223 14.61 7.55 8.71
N THR B 224 15.64 7.95 8.00
CA THR B 224 16.43 6.95 7.29
C THR B 224 17.93 7.06 7.54
N ILE B 225 18.46 8.27 7.63
CA ILE B 225 19.91 8.43 7.71
C ILE B 225 20.42 8.13 9.11
N ILE B 226 19.81 8.74 10.13
CA ILE B 226 20.27 8.51 11.51
C ILE B 226 20.12 7.06 11.94
N PRO B 227 19.01 6.36 11.67
CA PRO B 227 18.98 4.92 12.00
C PRO B 227 20.07 4.13 11.32
N CYS B 228 20.40 4.45 10.06
CA CYS B 228 21.46 3.70 9.39
C CYS B 228 22.83 4.06 9.96
N ILE B 229 23.02 5.29 10.42
CA ILE B 229 24.26 5.64 11.11
C ILE B 229 24.39 4.86 12.40
N LEU B 230 23.28 4.71 13.14
CA LEU B 230 23.32 3.88 14.35
C LEU B 230 23.61 2.43 14.02
N ILE B 231 23.04 1.92 12.93
CA ILE B 231 23.29 0.54 12.54
C ILE B 231 24.76 0.34 12.15
N SER B 232 25.33 1.32 11.44
CA SER B 232 26.75 1.21 11.10
C SER B 232 27.62 1.31 12.33
N ILE B 233 27.23 2.12 13.32
CA ILE B 233 27.96 2.17 14.58
C ILE B 233 27.93 0.80 15.26
N LEU B 234 26.79 0.12 15.21
CA LEU B 234 26.71 -1.24 15.70
C LEU B 234 27.63 -2.17 14.93
N ALA B 235 27.67 -2.01 13.61
CA ALA B 235 28.52 -2.86 12.77
C ALA B 235 29.99 -2.69 13.16
N ILE B 236 30.41 -1.45 13.42
CA ILE B 236 31.77 -1.23 13.91
C ILE B 236 31.98 -1.91 15.26
N LEU B 237 30.94 -1.90 16.11
CA LEU B 237 31.06 -2.46 17.45
C LEU B 237 31.30 -3.97 17.45
N VAL B 238 30.91 -4.67 16.38
CA VAL B 238 31.00 -6.13 16.39
C VAL B 238 32.43 -6.62 16.41
N PHE B 239 33.41 -5.76 16.09
CA PHE B 239 34.81 -6.13 16.20
C PHE B 239 35.39 -5.81 17.56
N TYR B 240 34.53 -5.50 18.53
CA TYR B 240 34.93 -5.27 19.90
C TYR B 240 34.37 -6.32 20.85
N LEU B 241 33.38 -7.09 20.42
CA LEU B 241 32.87 -8.18 21.23
C LEU B 241 33.92 -9.29 21.29
N PRO B 242 34.00 -9.99 22.42
CA PRO B 242 34.89 -11.15 22.50
C PRO B 242 34.34 -12.28 21.64
N PRO B 243 35.21 -13.03 20.97
CA PRO B 243 34.73 -14.21 20.25
C PRO B 243 34.15 -15.27 21.16
N ASP B 244 34.51 -15.26 22.46
CA ASP B 244 33.97 -16.24 23.39
C ASP B 244 32.46 -16.08 23.56
N ALA B 245 31.98 -14.85 23.64
CA ALA B 245 30.55 -14.61 23.70
C ALA B 245 29.91 -14.90 22.35
N GLY B 246 28.84 -15.69 22.37
CA GLY B 246 28.20 -16.09 21.14
C GLY B 246 27.17 -15.11 20.64
N GLU B 247 27.52 -13.82 20.64
CA GLU B 247 26.61 -12.78 20.19
C GLU B 247 27.20 -11.95 19.06
N LYS B 248 28.38 -12.32 18.56
CA LYS B 248 29.00 -11.59 17.46
C LYS B 248 28.18 -11.74 16.19
N MET B 249 27.86 -12.98 15.81
CA MET B 249 27.09 -13.21 14.60
C MET B 249 25.69 -12.63 14.71
N SER B 250 25.08 -12.72 15.89
CA SER B 250 23.74 -12.16 16.06
C SER B 250 23.74 -10.67 15.81
N LEU B 251 24.72 -9.95 16.37
CA LEU B 251 24.81 -8.50 16.15
C LEU B 251 25.08 -8.18 14.68
N SER B 252 26.02 -8.89 14.06
CA SER B 252 26.39 -8.59 12.67
C SER B 252 25.20 -8.81 11.73
N ILE B 253 24.56 -9.97 11.82
CA ILE B 253 23.46 -10.24 10.90
C ILE B 253 22.21 -9.46 11.26
N SER B 254 22.04 -9.06 12.52
CA SER B 254 20.94 -8.15 12.83
C SER B 254 21.15 -6.79 12.20
N ALA B 255 22.40 -6.30 12.20
CA ALA B 255 22.69 -5.06 11.49
C ALA B 255 22.43 -5.21 10.00
N LEU B 256 22.83 -6.35 9.43
CA LEU B 256 22.58 -6.59 8.01
C LEU B 256 21.09 -6.62 7.70
N LEU B 257 20.32 -7.28 8.57
CA LEU B 257 18.87 -7.34 8.38
C LEU B 257 18.25 -5.95 8.48
N ALA B 258 18.72 -5.13 9.43
CA ALA B 258 18.20 -3.79 9.56
C ALA B 258 18.49 -2.96 8.31
N VAL B 259 19.71 -3.05 7.78
CA VAL B 259 20.04 -2.30 6.57
C VAL B 259 19.20 -2.78 5.40
N THR B 260 19.01 -4.09 5.27
CA THR B 260 18.18 -4.62 4.19
C THR B 260 16.73 -4.15 4.32
N VAL B 261 16.20 -4.13 5.54
CA VAL B 261 14.83 -3.65 5.75
C VAL B 261 14.71 -2.18 5.38
N PHE B 262 15.70 -1.37 5.78
CA PHE B 262 15.65 0.05 5.42
C PHE B 262 15.77 0.26 3.93
N LEU B 263 16.56 -0.56 3.24
CA LEU B 263 16.67 -0.43 1.78
C LEU B 263 15.37 -0.83 1.11
N LEU B 264 14.74 -1.92 1.57
CA LEU B 264 13.50 -2.36 0.94
C LEU B 264 12.35 -1.40 1.20
N LEU B 265 12.25 -0.87 2.41
CA LEU B 265 11.19 0.07 2.73
C LEU B 265 11.44 1.45 2.15
N LEU B 266 12.61 1.70 1.60
CA LEU B 266 12.87 2.94 0.88
C LEU B 266 12.46 2.86 -0.58
N ALA B 267 12.11 1.67 -1.07
CA ALA B 267 11.81 1.50 -2.49
C ALA B 267 10.55 2.24 -2.90
N ASP B 268 9.62 2.44 -1.98
CA ASP B 268 8.40 3.19 -2.29
C ASP B 268 8.62 4.69 -2.31
N LYS B 269 9.79 5.16 -1.90
CA LYS B 269 10.13 6.58 -1.95
C LYS B 269 10.99 6.93 -3.17
N VAL B 270 12.03 6.15 -3.42
CA VAL B 270 12.92 6.42 -4.56
C VAL B 270 12.18 6.12 -5.85
N PRO B 271 12.29 6.96 -6.87
CA PRO B 271 11.66 6.66 -8.16
C PRO B 271 12.33 5.49 -8.86
N GLU B 272 11.59 4.87 -9.78
CA GLU B 272 12.07 3.72 -10.53
C GLU B 272 12.95 4.12 -11.71
N THR B 273 13.34 5.38 -11.82
CA THR B 273 14.21 5.79 -12.91
C THR B 273 15.56 5.09 -12.81
N SER B 274 16.02 4.57 -13.94
CA SER B 274 17.22 3.74 -13.99
C SER B 274 18.42 4.47 -14.59
N LEU B 275 18.34 5.80 -14.70
CA LEU B 275 19.46 6.53 -15.30
C LEU B 275 20.66 6.58 -14.37
N SER B 276 20.42 6.70 -13.06
CA SER B 276 21.50 6.77 -12.09
C SER B 276 21.01 6.19 -10.77
N VAL B 277 21.88 6.20 -9.77
CA VAL B 277 21.59 5.67 -8.44
C VAL B 277 21.55 6.82 -7.46
N PRO B 278 20.50 6.97 -6.66
CA PRO B 278 20.46 8.07 -5.69
C PRO B 278 21.56 7.93 -4.65
N ILE B 279 22.00 9.08 -4.13
CA ILE B 279 23.13 9.07 -3.21
C ILE B 279 22.75 8.41 -1.89
N ILE B 280 21.48 8.47 -1.50
CA ILE B 280 21.06 7.74 -0.31
C ILE B 280 21.09 6.24 -0.58
N ILE B 281 20.73 5.82 -1.79
CA ILE B 281 20.81 4.40 -2.13
C ILE B 281 22.27 3.97 -2.21
N ARG B 282 23.16 4.83 -2.71
CA ARG B 282 24.58 4.51 -2.70
C ARG B 282 25.09 4.37 -1.28
N TYR B 283 24.64 5.26 -0.38
CA TYR B 283 25.04 5.14 1.02
C TYR B 283 24.52 3.84 1.64
N LEU B 284 23.28 3.47 1.35
CA LEU B 284 22.73 2.24 1.88
C LEU B 284 23.47 1.02 1.35
N MET B 285 23.81 1.03 0.06
CA MET B 285 24.57 -0.08 -0.50
C MET B 285 25.97 -0.13 0.07
N PHE B 286 26.58 1.03 0.32
CA PHE B 286 27.89 1.06 0.95
C PHE B 286 27.84 0.47 2.34
N ILE B 287 26.83 0.84 3.12
CA ILE B 287 26.68 0.29 4.47
C ILE B 287 26.38 -1.20 4.41
N MET B 288 25.55 -1.63 3.46
CA MET B 288 25.22 -3.04 3.33
C MET B 288 26.45 -3.87 2.98
N ILE B 289 27.26 -3.40 2.04
CA ILE B 289 28.48 -4.11 1.68
C ILE B 289 29.47 -4.10 2.83
N LEU B 290 29.55 -2.99 3.56
CA LEU B 290 30.44 -2.95 4.72
C LEU B 290 30.01 -3.91 5.81
N VAL B 291 28.71 -4.01 6.06
CA VAL B 291 28.20 -4.95 7.06
C VAL B 291 28.39 -6.38 6.60
N ALA B 292 28.23 -6.64 5.30
CA ALA B 292 28.48 -7.98 4.78
C ALA B 292 29.95 -8.37 4.95
N PHE B 293 30.86 -7.44 4.69
CA PHE B 293 32.27 -7.70 4.93
C PHE B 293 32.56 -7.87 6.41
N SER B 294 31.83 -7.14 7.27
CA SER B 294 32.00 -7.33 8.70
C SER B 294 31.52 -8.70 9.13
N VAL B 295 30.45 -9.21 8.50
CA VAL B 295 30.00 -10.57 8.78
C VAL B 295 31.06 -11.58 8.35
N ILE B 296 31.64 -11.38 7.17
CA ILE B 296 32.67 -12.29 6.68
C ILE B 296 33.88 -12.27 7.60
N LEU B 297 34.32 -11.09 8.02
CA LEU B 297 35.48 -11.01 8.88
C LEU B 297 35.19 -11.50 10.30
N SER B 298 33.95 -11.34 10.77
CA SER B 298 33.59 -11.93 12.05
C SER B 298 33.61 -13.45 11.96
N VAL B 299 33.17 -14.00 10.83
CA VAL B 299 33.27 -15.44 10.62
C VAL B 299 34.73 -15.87 10.62
N VAL B 300 35.59 -15.09 9.98
CA VAL B 300 37.02 -15.42 9.95
C VAL B 300 37.60 -15.37 11.37
N VAL B 301 37.23 -14.36 12.15
CA VAL B 301 37.75 -14.22 13.51
C VAL B 301 37.27 -15.37 14.39
N LEU B 302 35.99 -15.73 14.26
CA LEU B 302 35.47 -16.85 15.03
C LEU B 302 36.15 -18.16 14.63
N ASN B 303 36.43 -18.32 13.34
CA ASN B 303 37.15 -19.51 12.90
C ASN B 303 38.57 -19.54 13.45
N LEU B 304 39.23 -18.38 13.48
CA LEU B 304 40.58 -18.32 14.05
C LEU B 304 40.58 -18.54 15.55
N HIS B 305 39.50 -18.16 16.23
CA HIS B 305 39.46 -18.26 17.68
C HIS B 305 39.29 -19.69 18.15
N HIS B 306 38.52 -20.49 17.41
CA HIS B 306 38.19 -21.85 17.83
C HIS B 306 39.18 -22.88 17.32
N ARG B 307 40.24 -22.45 16.63
CA ARG B 307 41.23 -23.41 16.16
C ARG B 307 42.04 -23.97 17.32
N SER B 308 42.72 -25.07 17.06
CA SER B 308 43.47 -25.78 18.09
C SER B 308 44.58 -26.56 17.40
N PRO B 309 45.59 -27.02 18.15
CA PRO B 309 46.60 -27.90 17.55
C PRO B 309 46.03 -29.17 16.96
N ASN B 310 44.93 -29.68 17.50
CA ASN B 310 44.31 -30.88 16.96
C ASN B 310 43.64 -30.65 15.62
N THR B 311 43.46 -29.41 15.21
CA THR B 311 42.79 -29.09 13.95
C THR B 311 43.67 -28.35 12.97
N HIS B 312 44.47 -27.40 13.43
CA HIS B 312 45.31 -26.60 12.58
C HIS B 312 46.71 -26.49 13.17
N THR B 313 47.68 -26.23 12.32
CA THR B 313 49.04 -25.92 12.73
C THR B 313 49.35 -24.47 12.39
N MET B 314 49.96 -23.75 13.33
CA MET B 314 50.21 -22.34 13.14
C MET B 314 51.25 -22.13 12.06
N PRO B 315 50.94 -21.41 10.99
CA PRO B 315 51.95 -21.12 9.97
C PRO B 315 53.01 -20.18 10.51
N ASN B 316 54.19 -20.26 9.92
CA ASN B 316 55.28 -19.37 10.32
C ASN B 316 54.97 -17.93 9.96
N TRP B 317 54.48 -17.69 8.74
CA TRP B 317 54.26 -16.32 8.29
C TRP B 317 53.11 -15.67 9.04
N ILE B 318 52.05 -16.43 9.33
CA ILE B 318 50.92 -15.88 10.08
C ILE B 318 51.36 -15.44 11.46
N ARG B 319 52.12 -16.29 12.16
CA ARG B 319 52.61 -15.93 13.47
C ARG B 319 53.53 -14.72 13.40
N GLN B 320 54.46 -14.72 12.44
CA GLN B 320 55.42 -13.62 12.32
C GLN B 320 54.73 -12.30 12.01
N ILE B 321 53.64 -12.34 11.23
CA ILE B 321 52.96 -11.11 10.84
C ILE B 321 51.90 -10.66 11.84
N PHE B 322 51.43 -11.55 12.71
CA PHE B 322 50.34 -11.18 13.60
C PHE B 322 50.73 -11.07 15.08
N ILE B 323 51.84 -11.69 15.50
CA ILE B 323 52.21 -11.62 16.91
C ILE B 323 53.37 -10.65 17.11
N GLU B 324 54.16 -10.45 16.05
CA GLU B 324 55.38 -9.66 16.17
C GLU B 324 55.21 -8.21 15.72
N THR B 325 54.57 -7.97 14.59
CA THR B 325 54.57 -6.65 13.97
C THR B 325 53.31 -5.83 14.28
N LEU B 326 52.13 -6.44 14.12
CA LEU B 326 50.87 -5.70 14.31
C LEU B 326 50.62 -5.23 15.74
N PRO B 327 50.82 -6.03 16.80
CA PRO B 327 50.49 -5.56 18.16
C PRO B 327 51.29 -4.34 18.59
N PRO B 328 52.55 -4.17 18.19
CA PRO B 328 53.19 -2.87 18.47
C PRO B 328 52.47 -1.69 17.85
N PHE B 329 51.93 -1.85 16.65
CA PHE B 329 51.25 -0.73 16.00
C PHE B 329 49.87 -0.48 16.58
N LEU B 330 49.16 -1.55 16.96
CA LEU B 330 47.77 -1.42 17.39
C LEU B 330 47.61 -1.26 18.91
N TRP B 331 48.72 -1.28 19.66
CA TRP B 331 48.71 -1.22 21.13
C TRP B 331 47.82 -2.32 21.72
N ILE B 332 47.91 -3.51 21.16
CA ILE B 332 47.13 -4.66 21.60
C ILE B 332 48.03 -5.76 22.16
N GLN B 333 49.28 -5.41 22.46
CA GLN B 333 50.26 -6.41 22.90
C GLN B 333 49.86 -7.06 24.21
N ARG B 334 49.95 -8.39 24.25
CA ARG B 334 49.62 -9.18 25.43
C ARG B 334 50.78 -9.20 26.40
N PRO B 335 50.50 -9.48 27.69
CA PRO B 335 51.56 -9.65 28.70
C PRO B 335 52.56 -10.76 28.34
N GLN B 399 54.87 -52.15 47.23
CA GLN B 399 54.61 -52.43 45.82
C GLN B 399 53.60 -51.44 45.24
N ASP B 400 52.55 -51.16 46.01
CA ASP B 400 51.52 -50.21 45.57
C ASP B 400 52.06 -48.79 45.45
N LEU B 401 53.16 -48.47 46.14
CA LEU B 401 53.75 -47.15 46.02
C LEU B 401 54.27 -46.91 44.60
N LYS B 402 54.82 -47.95 43.97
CA LYS B 402 55.32 -47.81 42.61
C LYS B 402 54.18 -47.51 41.63
N GLU B 403 53.06 -48.22 41.76
CA GLU B 403 51.91 -47.94 40.92
C GLU B 403 51.34 -46.56 41.18
N ALA B 404 51.33 -46.14 42.45
CA ALA B 404 50.86 -44.79 42.77
C ALA B 404 51.76 -43.73 42.14
N VAL B 405 53.09 -43.95 42.19
CA VAL B 405 54.02 -43.01 41.58
C VAL B 405 53.82 -42.96 40.08
N GLU B 406 53.62 -44.12 39.44
CA GLU B 406 53.37 -44.14 38.01
C GLU B 406 52.08 -43.41 37.66
N ALA B 407 51.04 -43.60 38.46
CA ALA B 407 49.78 -42.90 38.22
C ALA B 407 49.93 -41.39 38.35
N ILE B 408 50.64 -40.94 39.38
CA ILE B 408 50.82 -39.50 39.58
C ILE B 408 51.68 -38.92 38.46
N LYS B 409 52.70 -39.66 38.01
CA LYS B 409 53.51 -39.21 36.88
C LYS B 409 52.69 -39.12 35.60
N TYR B 410 51.78 -40.07 35.39
CA TYR B 410 50.88 -39.99 34.24
C TYR B 410 49.97 -38.78 34.34
N ILE B 411 49.49 -38.47 35.55
CA ILE B 411 48.66 -37.28 35.75
C ILE B 411 49.45 -36.02 35.40
N ALA B 412 50.71 -35.96 35.84
CA ALA B 412 51.54 -34.81 35.54
C ALA B 412 51.82 -34.70 34.03
N GLU B 413 52.05 -35.84 33.37
CA GLU B 413 52.27 -35.81 31.93
C GLU B 413 51.04 -35.30 31.19
N GLN B 414 49.86 -35.76 31.60
CA GLN B 414 48.62 -35.28 30.99
C GLN B 414 48.44 -33.78 31.23
N LEU B 415 48.77 -33.32 32.44
CA LEU B 415 48.64 -31.89 32.73
C LEU B 415 49.62 -31.06 31.91
N GLU B 416 50.84 -31.55 31.73
CA GLU B 416 51.82 -30.84 30.90
C GLU B 416 51.38 -30.79 29.44
N SER B 417 50.85 -31.89 28.92
CA SER B 417 50.34 -31.90 27.55
C SER B 417 49.18 -30.93 27.40
N ALA B 418 48.27 -30.92 28.37
CA ALA B 418 47.15 -29.99 28.34
C ALA B 418 47.62 -28.54 28.41
N SER B 419 48.67 -28.29 29.21
CA SER B 419 49.21 -26.94 29.31
C SER B 419 49.78 -26.46 27.99
N GLU B 420 50.55 -27.32 27.31
CA GLU B 420 51.08 -26.95 26.00
C GLU B 420 49.96 -26.76 24.98
N PHE B 421 48.94 -27.62 25.05
CA PHE B 421 47.80 -27.52 24.15
C PHE B 421 47.08 -26.19 24.33
N ASP B 422 46.81 -25.80 25.58
CA ASP B 422 46.14 -24.53 25.80
C ASP B 422 47.05 -23.35 25.54
N ASP B 423 48.37 -23.52 25.63
CA ASP B 423 49.29 -22.46 25.24
C ASP B 423 49.16 -22.17 23.74
N LEU B 424 49.17 -23.22 22.93
CA LEU B 424 48.99 -22.99 21.48
C LEU B 424 47.58 -22.48 21.18
N LYS B 425 46.58 -22.95 21.92
CA LYS B 425 45.22 -22.44 21.74
C LYS B 425 45.13 -20.96 22.06
N LYS B 426 45.80 -20.53 23.13
CA LYS B 426 45.86 -19.11 23.47
C LYS B 426 46.61 -18.32 22.41
N ASP B 427 47.64 -18.92 21.79
CA ASP B 427 48.30 -18.24 20.68
C ASP B 427 47.33 -18.02 19.52
N TRP B 428 46.51 -19.03 19.21
CA TRP B 428 45.50 -18.85 18.18
C TRP B 428 44.50 -17.76 18.57
N GLN B 429 44.07 -17.75 19.83
CA GLN B 429 43.12 -16.74 20.28
C GLN B 429 43.72 -15.34 20.22
N TYR B 430 45.01 -15.22 20.54
CA TYR B 430 45.68 -13.92 20.46
C TYR B 430 45.81 -13.46 19.01
N VAL B 431 46.08 -14.39 18.09
CA VAL B 431 46.07 -14.04 16.67
C VAL B 431 44.71 -13.53 16.26
N ALA B 432 43.65 -14.21 16.72
CA ALA B 432 42.30 -13.75 16.43
C ALA B 432 42.05 -12.35 17.00
N MET B 433 42.50 -12.11 18.22
CA MET B 433 42.27 -10.81 18.86
C MET B 433 42.97 -9.69 18.11
N VAL B 434 44.22 -9.93 17.69
CA VAL B 434 44.93 -8.94 16.89
C VAL B 434 44.20 -8.72 15.57
N ALA B 435 43.71 -9.80 14.96
CA ALA B 435 43.02 -9.66 13.69
C ALA B 435 41.78 -8.81 13.82
N ASP B 436 40.97 -9.05 14.85
CA ASP B 436 39.74 -8.27 14.97
C ASP B 436 40.02 -6.85 15.41
N ARG B 437 41.10 -6.60 16.16
CA ARG B 437 41.44 -5.21 16.47
C ARG B 437 41.85 -4.45 15.20
N LEU B 438 42.64 -5.10 14.33
CA LEU B 438 42.99 -4.49 13.06
C LEU B 438 41.77 -4.23 12.20
N PHE B 439 40.85 -5.20 12.17
CA PHE B 439 39.62 -5.04 11.42
C PHE B 439 38.76 -3.93 12.01
N LEU B 440 38.78 -3.78 13.34
CA LEU B 440 38.05 -2.70 13.99
C LEU B 440 38.56 -1.35 13.53
N TYR B 441 39.88 -1.15 13.58
CA TYR B 441 40.43 0.14 13.15
C TYR B 441 40.18 0.39 11.67
N VAL B 442 40.39 -0.63 10.83
CA VAL B 442 40.20 -0.46 9.39
C VAL B 442 38.76 -0.14 9.06
N PHE B 443 37.81 -0.86 9.67
CA PHE B 443 36.41 -0.63 9.39
C PHE B 443 35.95 0.71 9.92
N PHE B 444 36.45 1.13 11.09
CA PHE B 444 36.11 2.45 11.61
C PHE B 444 36.58 3.54 10.65
N VAL B 445 37.83 3.44 10.20
CA VAL B 445 38.38 4.46 9.30
C VAL B 445 37.60 4.47 7.98
N ILE B 446 37.34 3.28 7.42
CA ILE B 446 36.65 3.19 6.13
C ILE B 446 35.24 3.74 6.24
N CYS B 447 34.52 3.36 7.30
CA CYS B 447 33.15 3.84 7.48
C CYS B 447 33.12 5.35 7.66
N SER B 448 34.02 5.89 8.49
CA SER B 448 34.03 7.33 8.71
C SER B 448 34.35 8.09 7.44
N ILE B 449 35.38 7.65 6.70
CA ILE B 449 35.77 8.34 5.48
C ILE B 449 34.67 8.26 4.44
N GLY B 450 34.08 7.07 4.25
CA GLY B 450 33.02 6.93 3.27
C GLY B 450 31.80 7.75 3.60
N THR B 451 31.35 7.72 4.87
CA THR B 451 30.19 8.49 5.27
C THR B 451 30.46 9.99 5.11
N PHE B 452 31.63 10.44 5.53
CA PHE B 452 31.96 11.86 5.41
C PHE B 452 32.03 12.29 3.96
N SER B 453 32.64 11.48 3.09
CA SER B 453 32.73 11.85 1.68
C SER B 453 31.35 11.89 1.02
N ILE B 454 30.52 10.88 1.28
CA ILE B 454 29.19 10.84 0.67
C ILE B 454 28.37 12.03 1.13
N PHE B 455 28.39 12.34 2.42
CA PHE B 455 27.56 13.45 2.90
C PHE B 455 28.14 14.79 2.50
N LEU B 456 29.46 14.89 2.33
CA LEU B 456 30.04 16.13 1.82
C LEU B 456 29.62 16.38 0.37
N ASP B 457 29.65 15.34 -0.45
CA ASP B 457 29.17 15.48 -1.83
C ASP B 457 27.70 15.82 -1.87
N ALA B 458 26.90 15.22 -0.99
CA ALA B 458 25.49 15.56 -0.93
C ALA B 458 25.27 17.01 -0.53
N SER B 459 26.03 17.49 0.45
CA SER B 459 25.87 18.86 0.92
C SER B 459 26.33 19.87 -0.12
N HIS B 460 27.35 19.54 -0.91
CA HIS B 460 27.83 20.48 -1.91
C HIS B 460 26.86 20.65 -3.07
N ASN B 461 25.86 19.79 -3.22
CA ASN B 461 24.90 19.90 -4.32
C ASN B 461 23.92 21.01 -4.01
N VAL B 462 24.07 22.14 -4.71
CA VAL B 462 23.18 23.29 -4.54
C VAL B 462 22.70 23.72 -5.93
N PRO B 463 21.53 24.35 -6.04
CA PRO B 463 21.10 24.85 -7.34
C PRO B 463 22.01 25.97 -7.81
N PRO B 464 22.13 26.19 -9.12
CA PRO B 464 23.03 27.22 -9.62
C PRO B 464 22.58 28.61 -9.19
N ASP B 465 23.56 29.51 -9.06
CA ASP B 465 23.30 30.84 -8.55
C ASP B 465 22.35 31.63 -9.47
N ASN B 466 22.49 31.44 -10.78
CA ASN B 466 21.57 32.05 -11.72
C ASN B 466 21.01 30.95 -12.61
N PRO B 467 19.69 30.91 -12.81
CA PRO B 467 19.12 29.93 -13.73
C PRO B 467 19.49 30.27 -15.16
N PHE B 468 19.50 29.25 -16.01
CA PHE B 468 19.71 29.46 -17.43
C PHE B 468 18.42 29.78 -18.17
N ALA B 469 17.29 29.74 -17.48
CA ALA B 469 15.97 30.05 -18.03
C ALA B 469 15.64 29.17 -19.23
N VAL C 1 -55.65 24.73 -12.08
CA VAL C 1 -54.30 24.72 -12.62
C VAL C 1 -53.35 25.26 -11.57
N ASN C 2 -52.05 24.95 -11.72
CA ASN C 2 -51.05 25.45 -10.79
C ASN C 2 -50.66 26.86 -11.16
N GLU C 3 -50.75 27.78 -10.19
CA GLU C 3 -50.35 29.16 -10.44
C GLU C 3 -48.83 29.31 -10.45
N GLU C 4 -48.10 28.32 -9.95
CA GLU C 4 -46.64 28.39 -9.97
C GLU C 4 -46.11 28.41 -11.39
N GLU C 5 -46.75 27.66 -12.29
CA GLU C 5 -46.32 27.66 -13.69
C GLU C 5 -46.49 29.04 -14.31
N ARG C 6 -47.65 29.66 -14.07
CA ARG C 6 -47.88 31.00 -14.59
C ARG C 6 -46.89 32.00 -14.02
N LEU C 7 -46.61 31.91 -12.72
CA LEU C 7 -45.68 32.84 -12.10
C LEU C 7 -44.26 32.66 -12.63
N ILE C 8 -43.81 31.41 -12.78
CA ILE C 8 -42.46 31.14 -13.28
C ILE C 8 -42.34 31.61 -14.73
N ASN C 9 -43.35 31.35 -15.54
CA ASN C 9 -43.32 31.82 -16.92
C ASN C 9 -43.25 33.34 -16.98
N ASP C 10 -44.06 34.02 -16.16
CA ASP C 10 -44.03 35.48 -16.14
C ASP C 10 -42.69 36.01 -15.67
N LEU C 11 -42.06 35.32 -14.71
CA LEU C 11 -40.77 35.79 -14.21
C LEU C 11 -39.67 35.62 -15.23
N LEU C 12 -39.63 34.47 -15.92
CA LEU C 12 -38.48 34.14 -16.78
C LEU C 12 -38.70 34.51 -18.24
N ILE C 13 -39.78 34.00 -18.86
CA ILE C 13 -39.92 34.15 -20.29
C ILE C 13 -40.48 35.53 -20.64
N VAL C 14 -41.52 35.97 -19.94
CA VAL C 14 -42.17 37.23 -20.28
C VAL C 14 -41.26 38.41 -19.99
N ASN C 15 -40.56 38.38 -18.86
CA ASN C 15 -39.66 39.48 -18.50
C ASN C 15 -38.29 39.37 -19.16
N LYS C 16 -38.04 38.30 -19.91
CA LYS C 16 -36.77 38.09 -20.62
C LYS C 16 -35.59 38.12 -19.65
N TYR C 17 -35.65 37.20 -18.69
CA TYR C 17 -34.60 37.10 -17.68
C TYR C 17 -33.30 36.63 -18.34
N ASN C 18 -32.21 37.29 -17.98
CA ASN C 18 -30.87 36.92 -18.46
C ASN C 18 -30.05 36.46 -17.27
N LYS C 19 -29.61 35.21 -17.31
CA LYS C 19 -28.85 34.66 -16.19
C LYS C 19 -27.38 35.05 -16.23
N HIS C 20 -26.94 35.75 -17.27
CA HIS C 20 -25.55 36.15 -17.40
C HIS C 20 -25.32 37.61 -17.03
N VAL C 21 -26.31 38.27 -16.46
CA VAL C 21 -26.22 39.68 -16.08
C VAL C 21 -26.41 39.77 -14.57
N ARG C 22 -25.58 40.59 -13.93
CA ARG C 22 -25.70 40.80 -12.49
C ARG C 22 -27.04 41.43 -12.17
N PRO C 23 -27.65 41.08 -11.04
CA PRO C 23 -28.98 41.61 -10.68
C PRO C 23 -28.92 42.99 -10.05
N VAL C 24 -28.58 43.99 -10.86
CA VAL C 24 -28.49 45.37 -10.41
C VAL C 24 -29.26 46.26 -11.38
N LYS C 25 -29.75 47.38 -10.87
CA LYS C 25 -30.44 48.34 -11.71
C LYS C 25 -29.47 49.26 -12.46
N HIS C 26 -28.28 49.46 -11.92
CA HIS C 26 -27.23 50.22 -12.59
C HIS C 26 -25.94 49.44 -12.50
N ASN C 27 -25.08 49.61 -13.51
CA ASN C 27 -23.86 48.81 -13.57
C ASN C 27 -22.88 49.16 -12.46
N ASN C 28 -22.92 50.39 -11.96
CA ASN C 28 -21.97 50.81 -10.93
C ASN C 28 -22.33 50.30 -9.54
N GLU C 29 -23.52 49.72 -9.37
CA GLU C 29 -23.93 49.21 -8.07
C GLU C 29 -23.23 47.88 -7.78
N VAL C 30 -23.45 47.37 -6.57
CA VAL C 30 -22.81 46.15 -6.12
C VAL C 30 -23.88 45.18 -5.64
N VAL C 31 -23.56 43.89 -5.69
CA VAL C 31 -24.45 42.83 -5.27
C VAL C 31 -23.89 42.23 -3.98
N ASN C 32 -24.66 42.28 -2.91
CA ASN C 32 -24.24 41.73 -1.63
C ASN C 32 -24.64 40.26 -1.57
N ILE C 33 -23.66 39.40 -1.34
CA ILE C 33 -23.88 37.97 -1.24
C ILE C 33 -23.50 37.55 0.18
N ALA C 34 -24.45 36.95 0.89
CA ALA C 34 -24.23 36.46 2.24
C ALA C 34 -23.89 34.98 2.17
N LEU C 35 -22.74 34.62 2.74
CA LEU C 35 -22.23 33.26 2.70
C LEU C 35 -22.19 32.68 4.10
N SER C 36 -22.52 31.39 4.20
CA SER C 36 -22.49 30.69 5.48
C SER C 36 -22.16 29.23 5.24
N LEU C 37 -21.59 28.59 6.25
CA LEU C 37 -21.19 27.19 6.16
C LEU C 37 -21.91 26.40 7.24
N THR C 38 -22.32 25.18 6.91
CA THR C 38 -22.99 24.28 7.84
C THR C 38 -22.30 22.94 7.78
N LEU C 39 -21.39 22.68 8.72
CA LEU C 39 -20.64 21.43 8.72
C LEU C 39 -21.52 20.31 9.25
N SER C 40 -21.81 19.33 8.40
CA SER C 40 -22.63 18.20 8.79
C SER C 40 -21.83 16.98 9.19
N ASN C 41 -20.63 16.81 8.63
CA ASN C 41 -19.78 15.67 8.97
C ASN C 41 -18.36 15.97 8.52
N LEU C 42 -17.42 15.86 9.43
CA LEU C 42 -16.00 15.95 9.09
C LEU C 42 -15.56 14.56 8.69
N ILE C 43 -15.48 14.31 7.39
CA ILE C 43 -15.32 12.94 6.89
C ILE C 43 -13.97 12.37 7.30
N SER C 44 -12.90 13.10 7.03
CA SER C 44 -11.56 12.59 7.30
C SER C 44 -10.57 13.75 7.24
N LEU C 45 -9.37 13.48 7.76
CA LEU C 45 -8.24 14.41 7.64
C LEU C 45 -7.01 13.53 7.42
N LYS C 46 -6.67 13.29 6.15
CA LYS C 46 -5.54 12.46 5.81
C LYS C 46 -4.26 13.29 5.92
N GLU C 47 -3.44 12.99 6.92
CA GLU C 47 -2.20 13.73 7.10
C GLU C 47 -1.17 13.40 6.04
N THR C 48 -1.26 12.22 5.41
CA THR C 48 -0.25 11.80 4.45
C THR C 48 -0.23 12.68 3.21
N ASP C 49 -1.38 13.23 2.83
CA ASP C 49 -1.44 14.12 1.67
C ASP C 49 -2.03 15.49 2.00
N GLU C 50 -2.21 15.80 3.29
CA GLU C 50 -2.66 17.12 3.75
C GLU C 50 -4.00 17.50 3.13
N THR C 51 -5.00 16.65 3.35
CA THR C 51 -6.32 16.83 2.77
C THR C 51 -7.36 16.78 3.88
N LEU C 52 -8.26 17.75 3.88
CA LEU C 52 -9.40 17.77 4.78
C LEU C 52 -10.67 17.57 3.96
N THR C 53 -11.29 16.41 4.11
CA THR C 53 -12.54 16.10 3.42
C THR C 53 -13.69 16.37 4.36
N SER C 54 -14.60 17.25 3.94
CA SER C 54 -15.72 17.65 4.80
C SER C 54 -17.01 17.67 4.01
N ASN C 55 -18.09 17.31 4.68
CA ASN C 55 -19.43 17.35 4.11
C ASN C 55 -20.12 18.59 4.67
N VAL C 56 -20.33 19.59 3.83
CA VAL C 56 -20.79 20.90 4.27
C VAL C 56 -22.00 21.31 3.45
N TRP C 57 -22.75 22.28 3.98
CA TRP C 57 -23.84 22.94 3.28
C TRP C 57 -23.49 24.40 3.11
N MET C 58 -23.55 24.89 1.88
CA MET C 58 -23.17 26.26 1.57
C MET C 58 -24.42 27.12 1.48
N ASP C 59 -24.55 28.09 2.36
CA ASP C 59 -25.74 28.94 2.42
C ASP C 59 -25.44 30.26 1.75
N HIS C 60 -25.98 30.45 0.54
CA HIS C 60 -25.91 31.71 -0.17
C HIS C 60 -27.20 32.48 0.00
N ALA C 61 -27.10 33.80 -0.05
CA ALA C 61 -28.28 34.65 0.08
C ALA C 61 -28.02 35.98 -0.60
N TRP C 62 -28.86 36.33 -1.57
CA TRP C 62 -28.72 37.60 -2.27
C TRP C 62 -30.08 38.04 -2.78
N TYR C 63 -30.19 39.33 -3.06
CA TYR C 63 -31.42 39.90 -3.60
C TYR C 63 -31.35 39.94 -5.12
N ASP C 64 -32.51 39.76 -5.75
CA ASP C 64 -32.63 39.84 -7.20
C ASP C 64 -33.95 40.52 -7.51
N HIS C 65 -33.89 41.78 -7.96
CA HIS C 65 -35.11 42.54 -8.22
C HIS C 65 -35.92 41.99 -9.38
N ARG C 66 -35.30 41.20 -10.25
CA ARG C 66 -36.00 40.61 -11.37
C ARG C 66 -36.88 39.44 -10.97
N LEU C 67 -36.73 38.93 -9.75
CA LEU C 67 -37.53 37.81 -9.26
C LEU C 67 -38.54 38.24 -8.20
N THR C 68 -39.07 39.44 -8.32
CA THR C 68 -40.07 39.95 -7.40
C THR C 68 -41.45 39.84 -8.03
N TRP C 69 -42.45 39.51 -7.21
CA TRP C 69 -43.82 39.44 -7.69
C TRP C 69 -44.76 39.83 -6.57
N ASN C 70 -45.95 40.27 -6.95
CA ASN C 70 -47.00 40.59 -6.00
C ASN C 70 -47.70 39.29 -5.61
N ALA C 71 -47.55 38.88 -4.35
CA ALA C 71 -48.00 37.56 -3.93
C ALA C 71 -49.52 37.44 -4.02
N SER C 72 -50.24 38.48 -3.62
CA SER C 72 -51.70 38.44 -3.68
C SER C 72 -52.23 38.36 -5.10
N GLU C 73 -51.47 38.84 -6.09
CA GLU C 73 -51.91 38.77 -7.47
C GLU C 73 -51.80 37.37 -8.04
N TYR C 74 -50.97 36.52 -7.47
CA TYR C 74 -50.74 35.16 -7.96
C TYR C 74 -51.29 34.11 -7.01
N SER C 75 -52.47 34.36 -6.45
CA SER C 75 -53.19 33.42 -5.58
C SER C 75 -52.35 33.03 -4.36
N ASP C 76 -51.67 34.02 -3.77
CA ASP C 76 -50.97 33.90 -2.50
C ASP C 76 -49.89 32.81 -2.54
N ILE C 77 -48.96 32.97 -3.46
CA ILE C 77 -47.77 32.13 -3.55
C ILE C 77 -46.65 32.84 -2.82
N SER C 78 -46.13 32.22 -1.77
CA SER C 78 -45.16 32.86 -0.91
C SER C 78 -43.74 32.38 -1.13
N ILE C 79 -43.53 31.37 -1.97
CA ILE C 79 -42.18 30.83 -2.18
C ILE C 79 -42.19 30.05 -3.48
N LEU C 80 -41.01 29.93 -4.10
CA LEU C 80 -40.85 29.18 -5.33
C LEU C 80 -39.52 28.43 -5.28
N ARG C 81 -39.41 27.41 -6.11
CA ARG C 81 -38.17 26.68 -6.30
C ARG C 81 -37.82 26.70 -7.78
N LEU C 82 -36.57 27.10 -8.07
CA LEU C 82 -36.10 27.20 -9.45
C LEU C 82 -34.74 26.53 -9.57
N PRO C 83 -34.47 25.86 -10.69
CA PRO C 83 -33.16 25.25 -10.87
C PRO C 83 -32.09 26.31 -11.01
N PRO C 84 -30.85 26.02 -10.60
CA PRO C 84 -29.78 27.01 -10.74
C PRO C 84 -29.51 27.44 -12.17
N GLU C 85 -29.71 26.55 -13.15
CA GLU C 85 -29.38 26.90 -14.52
C GLU C 85 -30.37 27.89 -15.14
N LEU C 86 -31.46 28.21 -14.46
CA LEU C 86 -32.41 29.19 -14.98
C LEU C 86 -32.23 30.58 -14.39
N VAL C 87 -31.53 30.71 -13.27
CA VAL C 87 -31.39 31.99 -12.58
C VAL C 87 -29.92 32.29 -12.36
N TRP C 88 -29.64 33.58 -12.18
CA TRP C 88 -28.27 34.02 -11.93
C TRP C 88 -27.86 33.61 -10.52
N ILE C 89 -26.70 32.97 -10.41
CA ILE C 89 -26.17 32.63 -9.09
C ILE C 89 -24.73 33.12 -9.00
N PRO C 90 -24.28 33.55 -7.82
CA PRO C 90 -22.86 33.89 -7.66
C PRO C 90 -22.03 32.62 -7.56
N ASP C 91 -20.96 32.56 -8.36
CA ASP C 91 -20.15 31.35 -8.46
C ASP C 91 -19.03 31.40 -7.43
N ILE C 92 -19.42 31.20 -6.18
CA ILE C 92 -18.45 31.12 -5.09
C ILE C 92 -17.77 29.76 -5.15
N VAL C 93 -16.44 29.76 -5.18
CA VAL C 93 -15.66 28.54 -5.34
C VAL C 93 -14.65 28.41 -4.22
N LEU C 94 -14.23 27.18 -3.98
CA LEU C 94 -13.19 26.90 -2.99
C LEU C 94 -11.84 27.02 -3.69
N GLN C 95 -11.05 28.02 -3.29
CA GLN C 95 -9.81 28.29 -4.00
C GLN C 95 -8.72 27.28 -3.64
N ASN C 96 -8.67 26.82 -2.39
CA ASN C 96 -7.56 26.01 -1.90
C ASN C 96 -7.86 24.52 -1.90
N ASN C 97 -8.57 24.02 -2.90
CA ASN C 97 -8.85 22.59 -2.99
C ASN C 97 -7.62 21.83 -3.50
N ASN C 98 -7.68 20.51 -3.38
CA ASN C 98 -6.64 19.62 -3.88
C ASN C 98 -6.98 18.99 -5.22
N ASP C 99 -8.25 18.88 -5.54
CA ASP C 99 -8.71 18.31 -6.80
C ASP C 99 -9.47 19.38 -7.58
N GLY C 100 -10.08 18.96 -8.69
CA GLY C 100 -10.78 19.89 -9.54
C GLY C 100 -12.15 20.30 -9.07
N GLN C 101 -12.55 19.90 -7.87
CA GLN C 101 -13.88 20.23 -7.35
C GLN C 101 -13.84 21.63 -6.73
N TYR C 102 -13.95 22.63 -7.61
CA TYR C 102 -14.10 24.00 -7.13
C TYR C 102 -15.52 24.29 -6.67
N HIS C 103 -16.51 23.72 -7.36
CA HIS C 103 -17.90 24.05 -7.07
C HIS C 103 -18.51 23.04 -6.10
N VAL C 104 -19.80 23.23 -5.82
CA VAL C 104 -20.52 22.31 -4.96
C VAL C 104 -20.83 21.03 -5.73
N ALA C 105 -21.11 19.97 -4.98
CA ALA C 105 -21.32 18.66 -5.60
C ALA C 105 -22.66 18.59 -6.32
N TYR C 106 -23.72 19.10 -5.70
CA TYR C 106 -25.06 18.98 -6.23
C TYR C 106 -25.66 20.38 -6.37
N PHE C 107 -26.29 20.65 -7.51
CA PHE C 107 -26.89 21.95 -7.77
C PHE C 107 -28.39 21.87 -7.48
N CYS C 108 -28.72 21.98 -6.20
CA CYS C 108 -30.10 21.92 -5.77
C CYS C 108 -30.83 23.20 -6.13
N ASN C 109 -32.15 23.17 -6.03
CA ASN C 109 -32.96 24.32 -6.40
C ASN C 109 -32.71 25.48 -5.46
N VAL C 110 -32.92 26.69 -5.97
CA VAL C 110 -32.89 27.89 -5.16
C VAL C 110 -34.30 28.19 -4.70
N LEU C 111 -34.41 28.91 -3.58
CA LEU C 111 -35.70 29.31 -3.02
C LEU C 111 -35.83 30.81 -3.14
N VAL C 112 -36.86 31.27 -3.82
CA VAL C 112 -37.08 32.70 -4.01
C VAL C 112 -38.38 33.09 -3.32
N ARG C 113 -38.45 34.35 -2.93
CA ARG C 113 -39.54 34.91 -2.14
C ARG C 113 -40.04 36.17 -2.85
N PRO C 114 -41.28 36.60 -2.57
CA PRO C 114 -41.82 37.75 -3.30
C PRO C 114 -41.05 39.04 -3.10
N ASN C 115 -40.25 39.16 -2.05
CA ASN C 115 -39.43 40.35 -1.86
C ASN C 115 -38.13 40.29 -2.64
N GLY C 116 -37.89 39.23 -3.39
CA GLY C 116 -36.68 39.08 -4.17
C GLY C 116 -35.57 38.33 -3.49
N TYR C 117 -35.75 37.93 -2.24
CA TYR C 117 -34.69 37.22 -1.51
C TYR C 117 -34.50 35.83 -2.08
N VAL C 118 -33.25 35.48 -2.37
CA VAL C 118 -32.90 34.19 -2.96
C VAL C 118 -31.97 33.48 -2.00
N THR C 119 -32.32 32.25 -1.64
CA THR C 119 -31.50 31.42 -0.77
C THR C 119 -31.16 30.13 -1.50
N TRP C 120 -29.87 29.83 -1.59
CA TRP C 120 -29.39 28.63 -2.26
C TRP C 120 -28.55 27.84 -1.26
N LEU C 121 -28.91 26.59 -1.01
CA LEU C 121 -28.26 25.77 0.00
C LEU C 121 -27.88 24.41 -0.61
N PRO C 122 -26.84 24.36 -1.42
CA PRO C 122 -26.43 23.07 -1.99
C PRO C 122 -25.48 22.34 -1.07
N PRO C 123 -25.54 21.02 -1.04
CA PRO C 123 -24.54 20.25 -0.31
C PRO C 123 -23.25 20.14 -1.13
N ALA C 124 -22.16 19.85 -0.43
CA ALA C 124 -20.88 19.78 -1.11
C ALA C 124 -19.93 18.91 -0.31
N ILE C 125 -18.99 18.30 -1.01
CA ILE C 125 -17.87 17.59 -0.42
C ILE C 125 -16.59 18.26 -0.90
N PHE C 126 -15.81 18.79 0.03
CA PHE C 126 -14.66 19.62 -0.29
C PHE C 126 -13.41 18.99 0.27
N ARG C 127 -12.36 18.93 -0.55
CA ARG C 127 -11.07 18.41 -0.14
C ARG C 127 -10.08 19.57 -0.21
N SER C 128 -9.98 20.32 0.88
CA SER C 128 -9.11 21.48 0.92
C SER C 128 -7.71 21.09 1.39
N SER C 129 -6.75 21.96 1.09
CA SER C 129 -5.36 21.75 1.48
C SER C 129 -5.16 22.30 2.89
N CYS C 130 -5.04 21.39 3.86
CA CYS C 130 -4.77 21.80 5.21
C CYS C 130 -3.33 21.48 5.55
N PRO C 131 -2.45 22.47 5.74
CA PRO C 131 -1.07 22.17 6.14
C PRO C 131 -1.05 21.55 7.53
N ILE C 132 -0.40 20.40 7.63
CA ILE C 132 -0.41 19.61 8.85
C ILE C 132 0.78 20.02 9.71
N ASN C 133 0.50 20.48 10.92
CA ASN C 133 1.54 20.81 11.89
C ASN C 133 1.79 19.57 12.74
N VAL C 134 2.84 18.82 12.42
CA VAL C 134 3.06 17.52 13.01
C VAL C 134 3.93 17.63 14.25
N LEU C 135 4.10 18.85 14.78
CA LEU C 135 5.08 19.07 15.84
C LEU C 135 4.73 18.31 17.11
N TYR C 136 3.45 18.29 17.49
CA TYR C 136 3.03 17.64 18.73
C TYR C 136 2.19 16.40 18.46
N PHE C 137 2.47 15.68 17.38
CA PHE C 137 1.76 14.45 17.10
C PHE C 137 2.08 13.41 18.17
N PRO C 138 1.11 12.60 18.61
CA PRO C 138 -0.31 12.56 18.22
C PRO C 138 -1.22 13.40 19.10
N PHE C 139 -0.67 14.21 19.99
CA PHE C 139 -1.47 15.10 20.84
C PHE C 139 -1.72 16.46 20.20
N ASP C 140 -1.69 16.52 18.88
CA ASP C 140 -1.68 17.76 18.14
C ASP C 140 -3.09 18.29 17.89
N TRP C 141 -3.16 19.56 17.50
CA TRP C 141 -4.37 20.18 17.01
C TRP C 141 -4.04 20.87 15.70
N GLN C 142 -4.95 20.78 14.73
CA GLN C 142 -4.71 21.27 13.39
C GLN C 142 -5.59 22.49 13.11
N ASN C 143 -4.99 23.50 12.49
CA ASN C 143 -5.69 24.74 12.16
C ASN C 143 -6.01 24.73 10.66
N CYS C 144 -7.00 23.92 10.30
CA CYS C 144 -7.38 23.80 8.90
C CYS C 144 -8.23 25.00 8.48
N SER C 145 -8.35 25.18 7.16
CA SER C 145 -8.98 26.37 6.61
C SER C 145 -9.65 26.04 5.30
N LEU C 146 -10.77 26.71 5.04
CA LEU C 146 -11.47 26.65 3.77
C LEU C 146 -11.63 28.07 3.26
N LYS C 147 -11.07 28.35 2.09
CA LYS C 147 -11.04 29.70 1.55
C LYS C 147 -11.98 29.79 0.35
N PHE C 148 -12.98 30.65 0.45
CA PHE C 148 -13.98 30.83 -0.60
C PHE C 148 -13.82 32.21 -1.20
N THR C 149 -13.75 32.28 -2.53
CA THR C 149 -13.59 33.55 -3.21
C THR C 149 -14.46 33.56 -4.47
N ALA C 150 -14.90 34.76 -4.85
CA ALA C 150 -15.72 34.95 -6.03
C ALA C 150 -14.82 35.38 -7.18
N LEU C 151 -14.43 34.42 -8.00
CA LEU C 151 -13.51 34.69 -9.09
C LEU C 151 -14.21 35.16 -10.35
N ASN C 152 -15.54 35.09 -10.41
CA ASN C 152 -16.27 35.53 -11.59
C ASN C 152 -16.56 37.02 -11.59
N TYR C 153 -16.31 37.72 -10.48
CA TYR C 153 -16.59 39.14 -10.40
C TYR C 153 -15.60 39.79 -9.45
N ASP C 154 -15.43 41.10 -9.61
CA ASP C 154 -14.52 41.84 -8.75
C ASP C 154 -15.29 42.47 -7.60
N ALA C 155 -14.56 43.11 -6.69
CA ALA C 155 -15.18 43.64 -5.47
C ALA C 155 -16.05 44.85 -5.73
N ASN C 156 -15.89 45.52 -6.87
CA ASN C 156 -16.80 46.61 -7.23
C ASN C 156 -18.12 46.10 -7.78
N GLU C 157 -18.22 44.81 -8.07
CA GLU C 157 -19.42 44.23 -8.64
C GLU C 157 -20.12 43.24 -7.71
N ILE C 158 -19.36 42.50 -6.91
CA ILE C 158 -19.91 41.57 -5.93
C ILE C 158 -19.15 41.76 -4.63
N THR C 159 -19.86 41.94 -3.53
CA THR C 159 -19.26 42.08 -2.21
C THR C 159 -19.70 40.89 -1.37
N MET C 160 -18.76 40.00 -1.06
CA MET C 160 -19.05 38.88 -0.19
C MET C 160 -19.16 39.35 1.25
N ASP C 161 -20.03 38.70 2.01
CA ASP C 161 -20.28 39.05 3.40
C ASP C 161 -20.60 37.79 4.18
N LEU C 162 -20.79 37.94 5.48
CA LEU C 162 -21.24 36.86 6.34
C LEU C 162 -22.73 36.98 6.57
N MET C 163 -23.41 35.83 6.59
CA MET C 163 -24.86 35.83 6.75
C MET C 163 -25.24 36.33 8.13
N THR C 164 -26.34 37.08 8.19
CA THR C 164 -26.76 37.75 9.41
C THR C 164 -28.01 37.10 9.97
N ASP C 165 -28.02 36.84 11.26
CA ASP C 165 -29.18 36.32 11.97
C ASP C 165 -29.78 37.43 12.82
N THR C 166 -31.02 37.20 13.28
CA THR C 166 -31.76 38.19 14.04
C THR C 166 -32.22 37.57 15.35
N ILE C 167 -31.91 38.25 16.46
CA ILE C 167 -32.44 37.89 17.77
C ILE C 167 -32.87 39.17 18.47
N ASP C 168 -34.09 39.16 19.02
CA ASP C 168 -34.66 40.30 19.76
C ASP C 168 -34.69 41.56 18.91
N GLY C 169 -34.92 41.42 17.60
CA GLY C 169 -34.98 42.55 16.72
C GLY C 169 -33.67 43.18 16.35
N LYS C 170 -32.55 42.56 16.73
CA LYS C 170 -31.22 43.08 16.42
C LYS C 170 -30.51 42.12 15.48
N ASP C 171 -29.74 42.67 14.55
CA ASP C 171 -28.99 41.89 13.58
C ASP C 171 -27.56 41.71 14.05
N TYR C 172 -27.07 40.47 14.00
CA TYR C 172 -25.68 40.18 14.30
C TYR C 172 -25.13 39.25 13.22
N PRO C 173 -23.88 39.42 12.83
CA PRO C 173 -23.30 38.52 11.83
C PRO C 173 -22.99 37.15 12.41
N ILE C 174 -23.15 36.13 11.58
CA ILE C 174 -22.81 34.76 11.95
C ILE C 174 -21.34 34.56 11.63
N GLU C 175 -20.49 34.72 12.65
CA GLU C 175 -19.04 34.64 12.49
C GLU C 175 -18.51 33.27 12.89
N TRP C 176 -19.26 32.21 12.61
CA TRP C 176 -18.85 30.87 12.99
C TRP C 176 -19.46 29.86 12.03
N ILE C 177 -18.92 28.66 12.06
CA ILE C 177 -19.48 27.55 11.29
C ILE C 177 -20.71 27.04 12.02
N ILE C 178 -21.84 27.00 11.31
CA ILE C 178 -23.08 26.53 11.91
C ILE C 178 -23.04 25.01 12.04
N ILE C 179 -23.34 24.51 13.24
CA ILE C 179 -23.46 23.09 13.48
C ILE C 179 -24.88 22.80 13.93
N ASP C 180 -25.62 22.08 13.11
CA ASP C 180 -27.01 21.72 13.42
C ASP C 180 -27.01 20.46 14.25
N PRO C 181 -27.55 20.48 15.47
CA PRO C 181 -27.50 19.28 16.33
C PRO C 181 -28.23 18.08 15.75
N GLU C 182 -29.21 18.30 14.89
CA GLU C 182 -29.97 17.20 14.31
C GLU C 182 -29.42 16.73 12.97
N ALA C 183 -28.31 17.30 12.51
CA ALA C 183 -27.71 16.85 11.25
C ALA C 183 -26.19 16.80 11.32
N PHE C 184 -25.61 16.73 12.51
CA PHE C 184 -24.17 16.68 12.69
C PHE C 184 -23.78 15.39 13.38
N THR C 185 -22.68 14.79 12.92
CA THR C 185 -22.15 13.56 13.49
C THR C 185 -20.72 13.80 13.94
N GLU C 186 -20.40 13.37 15.16
CA GLU C 186 -19.04 13.47 15.66
C GLU C 186 -18.11 12.57 14.88
N ASN C 187 -16.91 13.09 14.57
CA ASN C 187 -15.97 12.33 13.76
C ASN C 187 -15.43 11.12 14.52
N GLY C 188 -15.22 11.26 15.82
CA GLY C 188 -14.69 10.19 16.62
C GLY C 188 -13.19 10.20 16.78
N GLU C 189 -12.48 10.99 15.97
CA GLU C 189 -11.06 11.21 16.15
C GLU C 189 -10.71 12.68 16.29
N TRP C 190 -11.52 13.58 15.76
CA TRP C 190 -11.27 15.01 15.82
C TRP C 190 -12.41 15.70 16.54
N GLU C 191 -12.06 16.58 17.48
CA GLU C 191 -13.03 17.35 18.24
C GLU C 191 -12.92 18.82 17.84
N ILE C 192 -14.05 19.41 17.47
CA ILE C 192 -14.06 20.78 16.94
C ILE C 192 -13.96 21.74 18.13
N ILE C 193 -12.77 22.31 18.32
CA ILE C 193 -12.57 23.25 19.41
C ILE C 193 -13.10 24.62 19.04
N HIS C 194 -12.61 25.18 17.94
CA HIS C 194 -13.03 26.48 17.45
C HIS C 194 -13.43 26.36 16.00
N LYS C 195 -14.33 27.25 15.57
CA LYS C 195 -14.81 27.26 14.19
C LYS C 195 -15.19 28.69 13.82
N PRO C 196 -14.21 29.56 13.59
CA PRO C 196 -14.51 30.94 13.27
C PRO C 196 -14.77 31.14 11.78
N ALA C 197 -15.46 32.21 11.47
CA ALA C 197 -15.70 32.64 10.10
C ALA C 197 -15.27 34.09 9.99
N LYS C 198 -14.51 34.40 8.94
CA LYS C 198 -13.93 35.72 8.79
C LYS C 198 -14.13 36.21 7.37
N LYS C 199 -14.28 37.53 7.24
CA LYS C 199 -14.31 38.20 5.95
C LYS C 199 -13.01 38.98 5.82
N ASN C 200 -12.18 38.59 4.86
CA ASN C 200 -10.84 39.15 4.70
C ASN C 200 -10.81 40.10 3.52
N ILE C 201 -10.27 41.29 3.75
CA ILE C 201 -10.04 42.28 2.70
C ILE C 201 -8.56 42.60 2.68
N TYR C 202 -7.95 42.51 1.50
CA TYR C 202 -6.52 42.75 1.37
C TYR C 202 -6.29 44.16 0.85
N PRO C 203 -5.73 45.06 1.66
CA PRO C 203 -5.64 46.47 1.21
C PRO C 203 -4.64 46.69 0.09
N ASP C 204 -3.63 45.84 -0.04
CA ASP C 204 -2.61 46.04 -1.06
C ASP C 204 -3.09 45.64 -2.45
N LYS C 205 -4.24 45.01 -2.57
CA LYS C 205 -4.83 44.67 -3.86
C LYS C 205 -5.85 45.72 -4.27
N PHE C 206 -6.14 45.74 -5.51
CA PHE C 206 -7.08 46.73 -6.00
C PHE C 206 -8.50 46.19 -5.97
N PRO C 207 -9.49 47.07 -5.74
CA PRO C 207 -10.88 46.61 -5.70
C PRO C 207 -11.38 46.03 -7.01
N ASN C 208 -10.76 46.35 -8.14
CA ASN C 208 -11.22 45.87 -9.43
C ASN C 208 -10.58 44.53 -9.81
N GLY C 209 -10.06 43.78 -8.84
CA GLY C 209 -9.52 42.47 -9.07
C GLY C 209 -10.34 41.41 -8.36
N THR C 210 -10.09 40.16 -8.73
CA THR C 210 -10.79 39.03 -8.15
C THR C 210 -10.11 38.47 -6.92
N ASN C 211 -8.98 39.05 -6.50
CA ASN C 211 -8.28 38.61 -5.31
C ASN C 211 -8.37 39.61 -4.18
N TYR C 212 -9.29 40.57 -4.27
CA TYR C 212 -9.39 41.62 -3.26
C TYR C 212 -10.06 41.13 -1.99
N GLN C 213 -10.92 40.12 -2.08
CA GLN C 213 -11.73 39.70 -0.96
C GLN C 213 -11.89 38.19 -0.96
N ASP C 214 -12.18 37.64 0.21
CA ASP C 214 -12.55 36.25 0.37
C ASP C 214 -13.16 36.05 1.73
N VAL C 215 -13.92 34.96 1.87
CA VAL C 215 -14.53 34.56 3.12
C VAL C 215 -13.95 33.21 3.51
N THR C 216 -13.40 33.12 4.71
CA THR C 216 -12.66 31.94 5.15
C THR C 216 -13.32 31.34 6.37
N PHE C 217 -13.47 30.02 6.37
CA PHE C 217 -14.00 29.27 7.50
C PHE C 217 -12.89 28.39 8.06
N TYR C 218 -12.58 28.55 9.33
CA TYR C 218 -11.48 27.84 9.97
C TYR C 218 -12.03 26.73 10.84
N LEU C 219 -11.28 25.63 10.91
CA LEU C 219 -11.63 24.50 11.77
C LEU C 219 -10.40 24.18 12.62
N ILE C 220 -10.42 24.62 13.87
CA ILE C 220 -9.35 24.32 14.82
C ILE C 220 -9.79 23.07 15.58
N ILE C 221 -9.30 21.91 15.13
CA ILE C 221 -9.76 20.62 15.61
C ILE C 221 -8.58 19.92 16.29
N ARG C 222 -8.80 19.42 17.49
CA ARG C 222 -7.78 18.67 18.20
C ARG C 222 -8.04 17.17 18.05
N ARG C 223 -6.95 16.41 17.99
CA ARG C 223 -7.04 14.97 17.83
C ARG C 223 -7.19 14.31 19.19
N LYS C 224 -8.18 13.45 19.32
CA LYS C 224 -8.31 12.67 20.53
C LYS C 224 -7.25 11.58 20.53
N PRO C 225 -6.32 11.59 21.48
CA PRO C 225 -5.13 10.74 21.34
C PRO C 225 -5.27 9.36 21.96
N LEU C 226 -6.49 8.97 22.34
CA LEU C 226 -6.65 7.70 23.07
C LEU C 226 -6.23 6.51 22.20
N PHE C 227 -6.63 6.50 20.93
CA PHE C 227 -6.29 5.38 20.05
C PHE C 227 -4.78 5.26 19.89
N TYR C 228 -4.11 6.39 19.62
CA TYR C 228 -2.67 6.33 19.41
C TYR C 228 -1.93 6.02 20.69
N VAL C 229 -2.43 6.51 21.83
CA VAL C 229 -1.80 6.19 23.11
C VAL C 229 -1.89 4.70 23.40
N ILE C 230 -3.07 4.11 23.17
CA ILE C 230 -3.25 2.69 23.48
C ILE C 230 -2.46 1.81 22.50
N ASN C 231 -2.44 2.18 21.22
CA ASN C 231 -1.93 1.26 20.21
C ASN C 231 -0.48 1.52 19.80
N PHE C 232 0.05 2.73 19.96
CA PHE C 232 1.42 3.03 19.56
C PHE C 232 2.30 3.42 20.74
N ILE C 233 1.85 4.36 21.57
CA ILE C 233 2.70 4.88 22.64
C ILE C 233 2.94 3.81 23.70
N THR C 234 1.90 3.08 24.09
CA THR C 234 2.05 2.08 25.14
C THR C 234 2.99 0.94 24.78
N PRO C 235 2.89 0.28 23.61
CA PRO C 235 3.91 -0.72 23.27
C PRO C 235 5.31 -0.15 23.13
N CYS C 236 5.44 1.08 22.64
CA CYS C 236 6.75 1.72 22.56
C CYS C 236 7.36 1.88 23.94
N VAL C 237 6.56 2.34 24.92
CA VAL C 237 7.07 2.52 26.26
C VAL C 237 7.39 1.18 26.90
N LEU C 238 6.54 0.19 26.72
CA LEU C 238 6.78 -1.12 27.34
C LEU C 238 8.02 -1.80 26.77
N ILE C 239 8.21 -1.74 25.46
CA ILE C 239 9.38 -2.37 24.85
C ILE C 239 10.65 -1.64 25.27
N SER C 240 10.59 -0.31 25.35
CA SER C 240 11.77 0.47 25.73
C SER C 240 12.22 0.21 27.16
N PHE C 241 11.32 -0.29 28.02
CA PHE C 241 11.76 -0.65 29.37
C PHE C 241 12.69 -1.85 29.35
N LEU C 242 12.55 -2.74 28.36
CA LEU C 242 13.43 -3.90 28.28
C LEU C 242 14.86 -3.53 27.93
N ALA C 243 15.08 -2.36 27.32
CA ALA C 243 16.44 -1.95 26.99
C ALA C 243 17.25 -1.72 28.25
N SER C 244 16.71 -0.92 29.17
CA SER C 244 17.38 -0.73 30.46
C SER C 244 17.35 -1.99 31.30
N LEU C 245 16.42 -2.89 31.02
CA LEU C 245 16.33 -4.16 31.72
C LEU C 245 17.41 -5.14 31.27
N ALA C 246 17.99 -4.93 30.08
CA ALA C 246 19.02 -5.84 29.58
C ALA C 246 20.29 -5.80 30.41
N PHE C 247 20.49 -4.75 31.21
CA PHE C 247 21.66 -4.71 32.08
C PHE C 247 21.58 -5.75 33.19
N TYR C 248 20.37 -6.12 33.60
CA TYR C 248 20.20 -7.10 34.67
C TYR C 248 20.53 -8.52 34.23
N LEU C 249 20.68 -8.76 32.93
CA LEU C 249 21.08 -10.07 32.46
C LEU C 249 22.54 -10.33 32.79
N PRO C 250 22.88 -11.50 33.34
CA PRO C 250 24.29 -11.82 33.56
C PRO C 250 25.00 -12.01 32.23
N ALA C 251 26.29 -11.70 32.23
CA ALA C 251 27.08 -11.86 31.01
C ALA C 251 27.32 -13.30 30.64
N GLU C 252 27.05 -14.24 31.56
CA GLU C 252 27.30 -15.65 31.28
C GLU C 252 26.41 -16.17 30.16
N SER C 253 25.14 -15.80 30.17
CA SER C 253 24.21 -16.22 29.13
C SER C 253 24.33 -15.28 27.93
N GLY C 254 24.35 -15.86 26.75
CA GLY C 254 24.54 -15.09 25.54
C GLY C 254 23.25 -14.49 25.00
N GLU C 255 22.53 -13.76 25.85
CA GLU C 255 21.26 -13.15 25.46
C GLU C 255 21.20 -11.68 25.83
N LYS C 256 22.34 -11.06 26.13
CA LYS C 256 22.37 -9.65 26.47
C LYS C 256 22.24 -8.78 25.22
N MET C 257 23.21 -8.92 24.31
CA MET C 257 23.15 -8.19 23.06
C MET C 257 21.92 -8.56 22.25
N SER C 258 21.47 -9.81 22.33
CA SER C 258 20.28 -10.21 21.60
C SER C 258 19.06 -9.41 22.07
N THR C 259 18.89 -9.28 23.38
CA THR C 259 17.78 -8.50 23.92
C THR C 259 17.88 -7.03 23.54
N ALA C 260 19.07 -6.45 23.69
CA ALA C 260 19.23 -5.03 23.39
C ALA C 260 18.98 -4.75 21.91
N ILE C 261 19.52 -5.59 21.02
CA ILE C 261 19.32 -5.40 19.59
C ILE C 261 17.87 -5.61 19.22
N SER C 262 17.20 -6.56 19.87
CA SER C 262 15.78 -6.77 19.58
C SER C 262 14.94 -5.56 19.97
N VAL C 263 15.26 -4.94 21.10
CA VAL C 263 14.58 -3.71 21.49
C VAL C 263 14.84 -2.62 20.45
N LEU C 264 16.09 -2.51 19.99
CA LEU C 264 16.41 -1.53 18.96
C LEU C 264 15.61 -1.77 17.68
N LEU C 265 15.48 -3.03 17.28
CA LEU C 265 14.73 -3.35 16.07
C LEU C 265 13.26 -3.04 16.23
N ALA C 266 12.69 -3.33 17.40
CA ALA C 266 11.28 -2.98 17.64
C ALA C 266 11.06 -1.48 17.58
N GLN C 267 11.98 -0.71 18.18
CA GLN C 267 11.88 0.74 18.10
C GLN C 267 11.99 1.23 16.66
N ALA C 268 12.87 0.61 15.87
CA ALA C 268 13.00 0.99 14.47
C ALA C 268 11.73 0.67 13.69
N VAL C 269 11.09 -0.46 14.00
CA VAL C 269 9.83 -0.80 13.34
C VAL C 269 8.76 0.22 13.67
N PHE C 270 8.66 0.62 14.94
CA PHE C 270 7.70 1.65 15.31
C PHE C 270 8.01 2.98 14.63
N LEU C 271 9.30 3.31 14.49
CA LEU C 271 9.70 4.53 13.81
C LEU C 271 9.26 4.51 12.35
N LEU C 272 9.46 3.37 11.68
CA LEU C 272 9.05 3.25 10.29
C LEU C 272 7.54 3.34 10.14
N LEU C 273 6.79 2.74 11.08
CA LEU C 273 5.34 2.86 11.04
C LEU C 273 4.89 4.30 11.23
N THR C 274 5.53 5.02 12.15
CA THR C 274 5.20 6.42 12.36
C THR C 274 5.51 7.25 11.12
N SER C 275 6.64 6.97 10.46
CA SER C 275 6.96 7.69 9.23
C SER C 275 5.95 7.38 8.13
N GLN C 276 5.46 6.14 8.08
CA GLN C 276 4.40 5.81 7.13
C GLN C 276 3.11 6.56 7.44
N ARG C 277 2.85 6.82 8.72
CA ARG C 277 1.61 7.47 9.11
C ARG C 277 1.65 8.99 8.99
N LEU C 278 2.80 9.58 8.72
CA LEU C 278 2.92 11.03 8.76
C LEU C 278 3.44 11.59 7.44
N PRO C 279 3.13 12.84 7.12
CA PRO C 279 3.63 13.43 5.87
C PRO C 279 5.13 13.65 5.92
N GLU C 280 5.70 13.93 4.74
CA GLU C 280 7.13 14.11 4.58
C GLU C 280 7.56 15.56 4.72
N THR C 281 6.79 16.37 5.44
CA THR C 281 7.16 17.77 5.63
C THR C 281 8.38 17.89 6.53
N ALA C 282 9.17 18.93 6.28
CA ALA C 282 10.38 19.20 7.04
C ALA C 282 10.28 20.45 7.90
N LEU C 283 9.06 20.88 8.20
CA LEU C 283 8.89 22.02 9.09
C LEU C 283 9.36 21.71 10.50
N ALA C 284 9.01 20.53 11.02
CA ALA C 284 9.41 20.15 12.36
C ALA C 284 9.34 18.63 12.49
N VAL C 285 10.18 18.10 13.37
CA VAL C 285 10.18 16.68 13.71
C VAL C 285 9.02 16.43 14.66
N PRO C 286 8.25 15.36 14.48
CA PRO C 286 7.12 15.10 15.38
C PRO C 286 7.58 14.82 16.80
N LEU C 287 6.64 14.99 17.73
CA LEU C 287 6.95 14.68 19.14
C LEU C 287 7.23 13.20 19.32
N ILE C 288 6.37 12.34 18.75
CA ILE C 288 6.61 10.90 18.83
C ILE C 288 7.86 10.54 18.05
N GLY C 289 8.14 11.22 16.95
CA GLY C 289 9.37 10.97 16.22
C GLY C 289 10.61 11.34 17.02
N LYS C 290 10.57 12.48 17.70
CA LYS C 290 11.69 12.86 18.56
C LYS C 290 11.85 11.87 19.71
N TYR C 291 10.73 11.40 20.28
CA TYR C 291 10.81 10.39 21.33
C TYR C 291 11.44 9.11 20.82
N LEU C 292 11.05 8.67 19.62
CA LEU C 292 11.61 7.45 19.06
C LEU C 292 13.09 7.61 18.75
N MET C 293 13.49 8.78 18.24
CA MET C 293 14.91 9.01 17.97
C MET C 293 15.71 9.02 19.27
N PHE C 294 15.18 9.65 20.31
CA PHE C 294 15.85 9.65 21.61
C PHE C 294 15.99 8.25 22.17
N ILE C 295 14.92 7.45 22.07
CA ILE C 295 14.96 6.09 22.58
C ILE C 295 15.93 5.24 21.78
N MET C 296 15.94 5.39 20.45
CA MET C 296 16.86 4.61 19.63
C MET C 296 18.31 4.98 19.92
N SER C 297 18.59 6.27 20.12
CA SER C 297 19.94 6.67 20.49
C SER C 297 20.33 6.08 21.84
N LEU C 298 19.42 6.10 22.81
CA LEU C 298 19.74 5.56 24.12
C LEU C 298 19.91 4.05 24.07
N VAL C 299 19.13 3.36 23.24
CA VAL C 299 19.28 1.92 23.10
C VAL C 299 20.59 1.59 22.40
N THR C 300 21.02 2.41 21.44
CA THR C 300 22.33 2.23 20.83
C THR C 300 23.43 2.42 21.87
N GLY C 301 23.27 3.40 22.76
CA GLY C 301 24.20 3.55 23.86
C GLY C 301 24.22 2.33 24.77
N VAL C 302 23.04 1.75 25.01
CA VAL C 302 22.94 0.53 25.81
C VAL C 302 23.66 -0.62 25.13
N ILE C 303 23.52 -0.74 23.81
CA ILE C 303 24.19 -1.80 23.06
C ILE C 303 25.70 -1.62 23.14
N VAL C 304 26.18 -0.38 22.99
CA VAL C 304 27.62 -0.13 23.11
C VAL C 304 28.10 -0.48 24.50
N ASN C 305 27.33 -0.11 25.52
CA ASN C 305 27.74 -0.41 26.89
C ASN C 305 27.70 -1.92 27.18
N CYS C 306 26.74 -2.62 26.59
CA CYS C 306 26.69 -4.08 26.75
C CYS C 306 27.89 -4.72 26.07
N GLY C 307 28.29 -4.21 24.92
CA GLY C 307 29.51 -4.70 24.28
C GLY C 307 30.73 -4.45 25.14
N ILE C 308 30.80 -3.28 25.78
CA ILE C 308 31.91 -2.99 26.68
C ILE C 308 31.92 -3.94 27.86
N VAL C 309 30.74 -4.21 28.44
CA VAL C 309 30.65 -5.12 29.57
C VAL C 309 31.07 -6.52 29.17
N LEU C 310 30.62 -6.98 28.00
CA LEU C 310 31.03 -8.30 27.52
C LEU C 310 32.52 -8.37 27.29
N ASN C 311 33.12 -7.31 26.75
CA ASN C 311 34.56 -7.29 26.57
C ASN C 311 35.28 -7.37 27.90
N PHE C 312 34.80 -6.62 28.90
CA PHE C 312 35.45 -6.65 30.21
C PHE C 312 35.24 -7.98 30.92
N HIS C 313 34.14 -8.67 30.63
CA HIS C 313 33.84 -9.92 31.32
C HIS C 313 34.73 -11.06 30.82
N PHE C 314 35.06 -11.06 29.54
CA PHE C 314 35.84 -12.13 28.94
C PHE C 314 37.31 -11.81 28.82
N ARG C 315 37.78 -10.77 29.51
CA ARG C 315 39.20 -10.49 29.54
C ARG C 315 39.94 -11.58 30.31
N THR C 316 41.17 -11.83 29.89
CA THR C 316 41.99 -12.92 30.39
C THR C 316 43.33 -12.38 30.87
N PRO C 317 43.86 -12.85 32.00
CA PRO C 317 45.16 -12.36 32.46
C PRO C 317 46.30 -12.65 31.50
N SER C 318 46.16 -13.61 30.59
CA SER C 318 47.18 -13.84 29.58
C SER C 318 47.08 -12.87 28.41
N THR C 319 46.04 -12.06 28.33
CA THR C 319 45.86 -11.12 27.24
C THR C 319 45.67 -9.66 27.67
N HIS C 320 45.30 -9.41 28.93
CA HIS C 320 45.14 -8.07 29.44
C HIS C 320 45.72 -7.99 30.84
N VAL C 321 46.02 -6.76 31.27
CA VAL C 321 46.55 -6.50 32.60
C VAL C 321 45.48 -5.80 33.41
N LEU C 322 45.15 -6.37 34.57
CA LEU C 322 44.20 -5.74 35.48
C LEU C 322 44.91 -4.61 36.21
N SER C 323 44.76 -3.39 35.71
CA SER C 323 45.47 -2.26 36.27
C SER C 323 44.95 -1.92 37.66
N THR C 324 45.82 -1.29 38.46
CA THR C 324 45.47 -0.98 39.84
C THR C 324 44.35 0.06 39.92
N ARG C 325 44.38 1.07 39.05
CA ARG C 325 43.37 2.12 39.08
C ARG C 325 41.99 1.58 38.75
N VAL C 326 41.90 0.75 37.70
CA VAL C 326 40.62 0.16 37.31
C VAL C 326 40.10 -0.74 38.42
N LYS C 327 40.97 -1.52 39.05
CA LYS C 327 40.56 -2.38 40.14
C LYS C 327 40.04 -1.56 41.32
N GLN C 328 40.76 -0.51 41.70
CA GLN C 328 40.37 0.26 42.88
C GLN C 328 39.15 1.12 42.62
N ILE C 329 38.82 1.43 41.37
CA ILE C 329 37.60 2.20 41.10
C ILE C 329 36.43 1.32 40.65
N PHE C 330 36.65 0.03 40.42
CA PHE C 330 35.54 -0.83 40.00
C PHE C 330 35.26 -1.99 40.96
N LEU C 331 36.03 -2.15 42.04
CA LEU C 331 35.58 -3.08 43.07
C LEU C 331 35.81 -2.56 44.48
N GLU C 332 36.20 -1.30 44.64
CA GLU C 332 36.37 -0.73 45.98
C GLU C 332 35.44 0.45 46.19
N LYS C 333 35.39 1.37 45.22
CA LYS C 333 34.65 2.62 45.38
C LYS C 333 33.25 2.56 44.79
N LEU C 334 33.15 2.28 43.49
CA LEU C 334 31.85 2.28 42.82
C LEU C 334 30.87 1.24 43.36
N PRO C 335 31.24 -0.02 43.61
CA PRO C 335 30.26 -0.95 44.22
C PRO C 335 29.77 -0.50 45.58
N ARG C 336 30.61 0.17 46.38
CA ARG C 336 30.16 0.69 47.66
C ARG C 336 29.23 1.89 47.47
N ILE C 337 29.51 2.73 46.48
CA ILE C 337 28.66 3.90 46.24
C ILE C 337 27.27 3.46 45.79
N LEU C 338 27.19 2.46 44.93
CA LEU C 338 25.93 2.03 44.34
C LEU C 338 25.14 1.07 45.24
N HIS C 339 25.68 0.74 46.42
CA HIS C 339 25.04 -0.20 47.35
C HIS C 339 24.75 -1.55 46.71
N MET C 340 25.72 -2.05 45.93
CA MET C 340 25.59 -3.37 45.35
C MET C 340 25.71 -4.44 46.43
N SER C 341 25.28 -5.65 46.09
CA SER C 341 25.29 -6.76 47.03
C SER C 341 26.74 -7.19 47.26
N ARG C 342 27.32 -6.71 48.37
CA ARG C 342 28.70 -6.98 48.75
C ARG C 342 29.69 -6.64 47.65
N ASP C 417 65.32 -41.72 41.26
CA ASP C 417 64.49 -42.28 42.33
C ASP C 417 63.02 -42.11 42.00
N GLU C 418 62.25 -43.19 42.19
CA GLU C 418 60.81 -43.13 41.92
C GLU C 418 60.10 -42.19 42.90
N ILE C 419 60.51 -42.21 44.17
CA ILE C 419 59.88 -41.35 45.17
C ILE C 419 60.15 -39.88 44.84
N LYS C 420 61.38 -39.56 44.46
CA LYS C 420 61.71 -38.18 44.09
C LYS C 420 60.92 -37.72 42.88
N SER C 421 60.77 -38.60 41.88
CA SER C 421 59.98 -38.26 40.71
C SER C 421 58.52 -38.03 41.07
N GLY C 422 57.97 -38.87 41.95
CA GLY C 422 56.59 -38.69 42.38
C GLY C 422 56.39 -37.40 43.15
N ILE C 423 57.34 -37.05 44.00
CA ILE C 423 57.23 -35.80 44.77
C ILE C 423 57.35 -34.59 43.84
N ASP C 424 58.25 -34.66 42.86
CA ASP C 424 58.36 -33.59 41.88
C ASP C 424 57.07 -33.46 41.07
N SER C 425 56.46 -34.59 40.72
CA SER C 425 55.18 -34.56 40.02
C SER C 425 54.09 -33.95 40.87
N THR C 426 54.06 -34.28 42.17
CA THR C 426 53.08 -33.68 43.07
C THR C 426 53.28 -32.17 43.18
N ASN C 427 54.53 -31.73 43.27
CA ASN C 427 54.82 -30.30 43.29
C ASN C 427 54.37 -29.63 42.01
N TYR C 428 54.59 -30.29 40.87
CA TYR C 428 54.17 -29.71 39.59
C TYR C 428 52.65 -29.59 39.51
N ILE C 429 51.93 -30.63 39.94
CA ILE C 429 50.46 -30.54 39.84
C ILE C 429 49.91 -29.52 40.84
N VAL C 430 50.54 -29.38 42.00
CA VAL C 430 50.12 -28.34 42.94
C VAL C 430 50.38 -26.95 42.35
N LYS C 431 51.51 -26.77 41.68
CA LYS C 431 51.80 -25.50 41.02
C LYS C 431 50.77 -25.21 39.92
N GLN C 432 50.40 -26.23 39.15
CA GLN C 432 49.39 -26.05 38.11
C GLN C 432 48.05 -25.67 38.69
N ILE C 433 47.66 -26.30 39.81
CA ILE C 433 46.40 -25.96 40.46
C ILE C 433 46.44 -24.55 41.02
N LYS C 434 47.60 -24.13 41.55
CA LYS C 434 47.77 -22.77 42.04
C LYS C 434 47.60 -21.76 40.91
N GLU C 435 48.22 -22.03 39.76
CA GLU C 435 48.10 -21.13 38.62
C GLU C 435 46.67 -21.09 38.11
N LYS C 436 45.99 -22.24 38.10
CA LYS C 436 44.59 -22.27 37.68
C LYS C 436 43.71 -21.46 38.62
N ASN C 437 43.97 -21.54 39.93
CA ASN C 437 43.18 -20.75 40.88
C ASN C 437 43.46 -19.26 40.73
N ALA C 438 44.71 -18.87 40.49
CA ALA C 438 45.01 -17.46 40.26
C ALA C 438 44.32 -16.96 38.99
N TYR C 439 44.30 -17.79 37.95
CA TYR C 439 43.58 -17.45 36.73
C TYR C 439 42.09 -17.29 37.01
N ASP C 440 41.52 -18.18 37.82
CA ASP C 440 40.10 -18.10 38.16
C ASP C 440 39.80 -16.83 38.95
N GLU C 441 40.71 -16.44 39.87
CA GLU C 441 40.51 -15.21 40.62
C GLU C 441 40.57 -13.99 39.72
N GLU C 442 41.48 -13.99 38.75
CA GLU C 442 41.52 -12.88 37.79
C GLU C 442 40.23 -12.81 36.98
N VAL C 443 39.73 -13.96 36.53
CA VAL C 443 38.48 -13.99 35.78
C VAL C 443 37.32 -13.51 36.64
N GLY C 444 37.31 -13.88 37.92
CA GLY C 444 36.27 -13.40 38.82
C GLY C 444 36.33 -11.90 39.04
N ASN C 445 37.54 -11.35 39.13
CA ASN C 445 37.68 -9.90 39.24
C ASN C 445 37.15 -9.20 37.99
N TRP C 446 37.46 -9.73 36.81
CA TRP C 446 36.91 -9.15 35.59
C TRP C 446 35.39 -9.27 35.55
N ASN C 447 34.86 -10.38 36.06
CA ASN C 447 33.40 -10.54 36.11
C ASN C 447 32.75 -9.52 37.04
N LEU C 448 33.38 -9.27 38.20
CA LEU C 448 32.86 -8.26 39.12
C LEU C 448 32.94 -6.87 38.50
N VAL C 449 34.01 -6.59 37.75
CA VAL C 449 34.12 -5.32 37.04
C VAL C 449 32.98 -5.17 36.04
N GLY C 450 32.70 -6.23 35.28
CA GLY C 450 31.59 -6.19 34.35
C GLY C 450 30.26 -5.97 35.04
N GLN C 451 30.05 -6.64 36.17
CA GLN C 451 28.79 -6.49 36.91
C GLN C 451 28.62 -5.07 37.43
N THR C 452 29.70 -4.47 37.93
CA THR C 452 29.55 -3.11 38.47
C THR C 452 29.40 -2.09 37.34
N ILE C 453 29.99 -2.33 36.17
CA ILE C 453 29.74 -1.45 35.04
C ILE C 453 28.29 -1.57 34.60
N ASP C 454 27.74 -2.80 34.62
CA ASP C 454 26.33 -2.98 34.31
C ASP C 454 25.44 -2.25 35.30
N ARG C 455 25.75 -2.34 36.58
CA ARG C 455 24.95 -1.66 37.60
C ARG C 455 25.01 -0.15 37.45
N LEU C 456 26.21 0.39 37.20
CA LEU C 456 26.34 1.82 37.00
C LEU C 456 25.58 2.29 35.77
N SER C 457 25.66 1.55 34.68
CA SER C 457 24.96 1.93 33.46
C SER C 457 23.45 1.84 33.65
N MET C 458 22.98 0.84 34.40
CA MET C 458 21.55 0.76 34.68
C MET C 458 21.08 1.95 35.50
N PHE C 459 21.82 2.26 36.58
CA PHE C 459 21.43 3.38 37.43
C PHE C 459 21.62 4.73 36.76
N ILE C 460 22.37 4.81 35.66
CA ILE C 460 22.54 6.07 34.95
C ILE C 460 21.67 6.17 33.71
N ILE C 461 21.09 5.07 33.23
CA ILE C 461 20.31 5.07 32.02
C ILE C 461 18.82 4.91 32.29
N THR C 462 18.43 4.04 33.23
CA THR C 462 17.02 3.86 33.54
C THR C 462 16.33 5.16 34.00
N PRO C 463 16.87 5.93 34.95
CA PRO C 463 16.21 7.21 35.26
C PRO C 463 16.18 8.17 34.09
N VAL C 464 17.19 8.15 33.22
CA VAL C 464 17.16 9.00 32.04
C VAL C 464 16.02 8.61 31.12
N MET C 465 15.81 7.30 30.93
CA MET C 465 14.69 6.83 30.12
C MET C 465 13.36 7.26 30.72
N VAL C 466 13.21 7.05 32.03
CA VAL C 466 11.92 7.35 32.67
C VAL C 466 11.64 8.85 32.63
N LEU C 467 12.64 9.67 32.95
CA LEU C 467 12.44 11.12 32.94
C LEU C 467 12.20 11.64 31.53
N GLY C 468 12.91 11.11 30.54
CA GLY C 468 12.67 11.52 29.17
C GLY C 468 11.28 11.18 28.69
N THR C 469 10.82 9.95 28.98
CA THR C 469 9.47 9.56 28.58
C THR C 469 8.42 10.42 29.27
N ILE C 470 8.56 10.62 30.58
CA ILE C 470 7.57 11.40 31.33
C ILE C 470 7.56 12.84 30.85
N PHE C 471 8.75 13.43 30.63
CA PHE C 471 8.82 14.82 30.18
C PHE C 471 8.22 14.98 28.80
N ILE C 472 8.53 14.07 27.88
CA ILE C 472 8.01 14.18 26.52
C ILE C 472 6.49 14.05 26.52
N PHE C 473 5.96 13.08 27.29
CA PHE C 473 4.51 12.89 27.25
C PHE C 473 3.77 13.97 28.03
N VAL C 474 4.39 14.56 29.06
CA VAL C 474 3.76 15.68 29.73
C VAL C 474 3.76 16.91 28.84
N MET C 475 4.87 17.16 28.13
CA MET C 475 4.91 18.28 27.19
C MET C 475 3.91 18.10 26.06
N GLY C 476 3.75 16.88 25.58
CA GLY C 476 2.74 16.63 24.57
C GLY C 476 1.33 16.78 25.10
N ASN C 477 1.10 16.35 26.35
CA ASN C 477 -0.25 16.40 26.92
C ASN C 477 -0.70 17.82 27.20
N PHE C 478 0.25 18.73 27.47
CA PHE C 478 -0.08 20.12 27.76
C PHE C 478 -0.17 20.98 26.50
N ASN C 479 -0.35 20.38 25.34
CA ASN C 479 -0.51 21.13 24.10
C ASN C 479 -1.99 21.46 23.86
N HIS C 480 -2.54 22.27 24.75
CA HIS C 480 -3.92 22.68 24.60
C HIS C 480 -4.03 23.73 23.49
N PRO C 481 -5.07 23.66 22.65
CA PRO C 481 -5.29 24.74 21.70
C PRO C 481 -5.65 26.02 22.42
N PRO C 482 -5.32 27.18 21.85
CA PRO C 482 -5.51 28.43 22.58
C PRO C 482 -6.98 28.75 22.79
N ALA C 483 -7.25 29.51 23.86
CA ALA C 483 -8.62 29.87 24.18
C ALA C 483 -9.22 30.76 23.10
N LYS C 484 -8.45 31.69 22.58
CA LYS C 484 -9.01 32.48 21.50
C LYS C 484 -8.48 31.99 20.16
N PRO C 485 -9.32 32.00 19.11
CA PRO C 485 -8.86 31.45 17.82
C PRO C 485 -7.86 32.34 17.10
N PHE C 486 -7.95 33.65 17.23
CA PHE C 486 -7.03 34.57 16.58
C PHE C 486 -6.28 35.37 17.65
N GLU C 487 -4.97 35.49 17.48
CA GLU C 487 -4.17 36.26 18.42
C GLU C 487 -4.49 37.75 18.33
N GLY C 488 -4.63 38.37 19.50
CA GLY C 488 -4.94 39.79 19.56
C GLY C 488 -6.39 40.13 19.38
N ASP C 489 -7.26 39.14 19.18
CA ASP C 489 -8.69 39.39 19.00
C ASP C 489 -9.44 38.91 20.24
N PRO C 490 -10.03 39.81 21.03
CA PRO C 490 -10.74 39.37 22.24
C PRO C 490 -11.98 38.56 21.97
N PHE C 491 -12.55 38.63 20.76
CA PHE C 491 -13.77 37.89 20.47
C PHE C 491 -13.47 36.40 20.38
N ASP C 492 -14.34 35.59 21.00
CA ASP C 492 -14.14 34.15 21.06
C ASP C 492 -14.76 33.40 19.88
N TYR C 493 -15.54 34.09 19.04
CA TYR C 493 -16.19 33.49 17.88
C TYR C 493 -17.03 32.27 18.26
N SER C 494 -17.83 32.44 19.32
CA SER C 494 -18.69 31.38 19.81
C SER C 494 -20.14 31.66 19.44
N SER C 495 -20.87 30.58 19.15
CA SER C 495 -22.27 30.70 18.76
C SER C 495 -23.15 31.26 19.86
N ASP C 496 -22.75 31.09 21.11
CA ASP C 496 -23.56 31.55 22.24
C ASP C 496 -23.33 33.01 22.59
N HIS C 497 -22.37 33.68 21.93
CA HIS C 497 -22.07 35.08 22.20
C HIS C 497 -22.07 35.83 20.87
N PRO C 498 -23.23 36.34 20.46
CA PRO C 498 -23.28 37.13 19.23
C PRO C 498 -22.49 38.42 19.35
N ARG C 499 -21.94 38.87 18.22
CA ARG C 499 -21.07 40.04 18.23
C ARG C 499 -21.84 41.31 18.55
N CYS C 500 -22.95 41.54 17.85
CA CYS C 500 -23.72 42.78 17.97
C CYS C 500 -25.16 42.50 18.36
N ALA C 501 -25.36 41.59 19.30
CA ALA C 501 -26.71 41.27 19.77
C ALA C 501 -26.67 40.80 21.22
N SER D 1 -44.48 2.80 -32.31
CA SER D 1 -45.70 2.91 -33.10
C SER D 1 -46.10 4.36 -33.30
N GLU D 2 -47.00 4.60 -34.26
CA GLU D 2 -47.50 5.94 -34.47
C GLU D 2 -48.28 6.44 -33.27
N HIS D 3 -49.03 5.56 -32.62
CA HIS D 3 -49.80 5.96 -31.46
C HIS D 3 -48.91 6.40 -30.31
N GLU D 4 -47.82 5.67 -30.06
CA GLU D 4 -46.95 6.03 -28.95
C GLU D 4 -46.18 7.32 -29.24
N THR D 5 -45.73 7.51 -30.49
CA THR D 5 -45.05 8.75 -30.82
C THR D 5 -45.99 9.94 -30.71
N ARG D 6 -47.23 9.79 -31.18
CA ARG D 6 -48.20 10.87 -31.04
C ARG D 6 -48.50 11.16 -29.57
N LEU D 7 -48.61 10.11 -28.76
CA LEU D 7 -48.90 10.30 -27.34
C LEU D 7 -47.76 11.03 -26.64
N VAL D 8 -46.52 10.64 -26.92
CA VAL D 8 -45.38 11.29 -26.27
C VAL D 8 -45.23 12.73 -26.74
N ALA D 9 -45.51 12.99 -28.03
CA ALA D 9 -45.49 14.35 -28.52
C ALA D 9 -46.57 15.20 -27.86
N ASN D 10 -47.73 14.61 -27.61
CA ASN D 10 -48.82 15.36 -26.98
C ASN D 10 -48.59 15.59 -25.50
N LEU D 11 -47.96 14.65 -24.80
CA LEU D 11 -47.80 14.79 -23.36
C LEU D 11 -46.80 15.89 -23.01
N LEU D 12 -45.72 15.99 -23.78
CA LEU D 12 -44.65 16.93 -23.48
C LEU D 12 -44.69 18.19 -24.35
N GLU D 13 -45.80 18.42 -25.04
CA GLU D 13 -45.89 19.61 -25.90
C GLU D 13 -45.92 20.89 -25.09
N ASN D 14 -46.58 20.89 -23.93
CA ASN D 14 -46.61 22.05 -23.05
C ASN D 14 -46.37 21.63 -21.61
N TYR D 15 -45.38 20.76 -21.42
CA TYR D 15 -45.04 20.25 -20.10
C TYR D 15 -43.81 20.99 -19.60
N ASN D 16 -43.88 21.46 -18.36
CA ASN D 16 -42.77 22.18 -17.73
C ASN D 16 -42.27 21.34 -16.56
N LYS D 17 -41.05 20.82 -16.69
CA LYS D 17 -40.50 19.94 -15.68
C LYS D 17 -40.07 20.67 -14.41
N VAL D 18 -40.09 22.00 -14.41
CA VAL D 18 -39.75 22.74 -13.21
C VAL D 18 -40.86 22.63 -12.16
N ILE D 19 -42.11 22.65 -12.60
CA ILE D 19 -43.25 22.82 -11.70
C ILE D 19 -43.65 21.48 -11.10
N ARG D 20 -43.97 21.49 -9.80
CA ARG D 20 -44.41 20.29 -9.10
C ARG D 20 -45.72 19.77 -9.71
N PRO D 21 -45.93 18.45 -9.67
CA PRO D 21 -47.17 17.87 -10.22
C PRO D 21 -48.34 17.90 -9.25
N VAL D 22 -48.89 19.10 -9.05
CA VAL D 22 -50.03 19.30 -8.16
C VAL D 22 -51.09 20.10 -8.90
N GLU D 23 -52.36 19.74 -8.67
CA GLU D 23 -53.45 20.51 -9.25
C GLU D 23 -53.49 21.92 -8.67
N HIS D 24 -53.28 22.04 -7.37
CA HIS D 24 -53.23 23.33 -6.70
C HIS D 24 -51.93 23.42 -5.92
N HIS D 25 -51.36 24.62 -5.86
CA HIS D 25 -50.04 24.79 -5.25
C HIS D 25 -50.07 24.53 -3.74
N THR D 26 -51.23 24.60 -3.10
CA THR D 26 -51.31 24.30 -1.67
C THR D 26 -51.23 22.81 -1.37
N HIS D 27 -51.54 21.96 -2.35
CA HIS D 27 -51.47 20.52 -2.14
C HIS D 27 -50.02 20.06 -2.14
N PHE D 28 -49.83 18.77 -1.86
CA PHE D 28 -48.50 18.19 -1.78
C PHE D 28 -48.45 16.92 -2.60
N VAL D 29 -47.27 16.66 -3.17
CA VAL D 29 -47.05 15.45 -3.96
C VAL D 29 -46.76 14.30 -3.00
N ASP D 30 -47.59 13.26 -3.06
CA ASP D 30 -47.39 12.08 -2.25
C ASP D 30 -46.46 11.12 -2.98
N ILE D 31 -45.29 10.89 -2.41
CA ILE D 31 -44.25 10.08 -3.04
C ILE D 31 -43.98 8.86 -2.16
N THR D 32 -44.06 7.69 -2.77
CA THR D 32 -43.77 6.43 -2.09
C THR D 32 -42.34 6.02 -2.43
N VAL D 33 -41.46 6.07 -1.44
CA VAL D 33 -40.04 5.82 -1.63
C VAL D 33 -39.71 4.47 -1.00
N GLY D 34 -39.11 3.58 -1.79
CA GLY D 34 -38.62 2.33 -1.27
C GLY D 34 -37.19 2.11 -1.71
N LEU D 35 -36.49 1.26 -0.98
CA LEU D 35 -35.12 0.90 -1.27
C LEU D 35 -35.05 -0.58 -1.62
N GLN D 36 -34.13 -0.93 -2.51
CA GLN D 36 -33.92 -2.32 -2.91
C GLN D 36 -32.41 -2.56 -2.95
N LEU D 37 -31.88 -3.19 -1.90
CA LEU D 37 -30.45 -3.43 -1.81
C LEU D 37 -30.07 -4.59 -2.73
N ILE D 38 -29.23 -4.31 -3.72
CA ILE D 38 -28.81 -5.31 -4.68
C ILE D 38 -27.57 -6.06 -4.20
N GLN D 39 -26.52 -5.34 -3.84
CA GLN D 39 -25.28 -5.97 -3.41
C GLN D 39 -24.52 -5.01 -2.53
N LEU D 40 -24.04 -5.49 -1.39
CA LEU D 40 -23.13 -4.73 -0.56
C LEU D 40 -21.73 -4.90 -1.13
N ILE D 41 -21.20 -3.83 -1.73
CA ILE D 41 -19.93 -3.95 -2.43
C ILE D 41 -18.78 -4.14 -1.44
N SER D 42 -18.59 -3.18 -0.55
CA SER D 42 -17.54 -3.31 0.45
C SER D 42 -17.85 -2.38 1.62
N VAL D 43 -17.25 -2.69 2.75
CA VAL D 43 -17.32 -1.88 3.96
C VAL D 43 -15.89 -1.50 4.30
N ASP D 44 -15.52 -0.26 4.02
CA ASP D 44 -14.16 0.22 4.29
C ASP D 44 -14.09 0.64 5.75
N GLU D 45 -13.49 -0.21 6.59
CA GLU D 45 -13.49 0.06 8.03
C GLU D 45 -12.61 1.25 8.37
N VAL D 46 -11.47 1.40 7.70
CA VAL D 46 -10.54 2.48 8.03
C VAL D 46 -11.16 3.84 7.69
N ASN D 47 -11.82 3.93 6.55
CA ASN D 47 -12.42 5.19 6.11
C ASN D 47 -13.84 5.38 6.60
N GLN D 48 -14.43 4.37 7.24
CA GLN D 48 -15.82 4.42 7.72
C GLN D 48 -16.80 4.77 6.61
N ILE D 49 -16.59 4.19 5.43
CA ILE D 49 -17.43 4.43 4.26
C ILE D 49 -17.94 3.08 3.75
N VAL D 50 -19.25 2.99 3.54
CA VAL D 50 -19.89 1.78 3.07
C VAL D 50 -20.51 2.06 1.71
N GLU D 51 -20.09 1.31 0.70
CA GLU D 51 -20.59 1.47 -0.66
C GLU D 51 -21.52 0.32 -1.01
N THR D 52 -22.73 0.66 -1.44
CA THR D 52 -23.76 -0.33 -1.75
C THR D 52 -24.34 -0.04 -3.12
N ASN D 53 -24.75 -1.10 -3.81
CA ASN D 53 -25.49 -0.98 -5.05
C ASN D 53 -26.98 -1.12 -4.72
N VAL D 54 -27.76 -0.10 -5.04
CA VAL D 54 -29.16 -0.04 -4.64
C VAL D 54 -30.02 0.36 -5.82
N ARG D 55 -31.32 0.11 -5.68
CA ARG D 55 -32.35 0.59 -6.60
C ARG D 55 -33.32 1.45 -5.80
N LEU D 56 -33.33 2.75 -6.08
CA LEU D 56 -34.12 3.70 -5.30
C LEU D 56 -35.50 3.83 -5.93
N ARG D 57 -36.37 2.90 -5.58
CA ARG D 57 -37.73 2.90 -6.12
C ARG D 57 -38.49 4.12 -5.65
N GLN D 58 -39.11 4.83 -6.58
CA GLN D 58 -39.87 6.05 -6.28
C GLN D 58 -41.16 6.02 -7.08
N GLN D 59 -42.27 6.33 -6.43
CA GLN D 59 -43.57 6.36 -7.08
C GLN D 59 -44.29 7.64 -6.71
N TRP D 60 -44.94 8.26 -7.69
CA TRP D 60 -45.80 9.41 -7.44
C TRP D 60 -46.80 9.51 -8.57
N ILE D 61 -47.71 10.47 -8.46
CA ILE D 61 -48.77 10.66 -9.44
C ILE D 61 -48.62 12.04 -10.06
N ASP D 62 -48.56 12.09 -11.37
CA ASP D 62 -48.51 13.34 -12.13
C ASP D 62 -49.83 13.52 -12.86
N VAL D 63 -50.56 14.58 -12.51
CA VAL D 63 -51.85 14.82 -13.13
C VAL D 63 -51.68 15.20 -14.60
N ARG D 64 -50.61 15.92 -14.92
CA ARG D 64 -50.38 16.39 -16.29
C ARG D 64 -49.99 15.29 -17.24
N LEU D 65 -49.68 14.09 -16.75
CA LEU D 65 -49.19 13.00 -17.58
C LEU D 65 -50.18 11.85 -17.62
N ARG D 66 -51.46 12.15 -17.78
CA ARG D 66 -52.49 11.13 -17.91
C ARG D 66 -53.15 11.25 -19.28
N TRP D 67 -53.65 10.12 -19.79
CA TRP D 67 -54.28 10.09 -21.09
C TRP D 67 -55.31 8.98 -21.11
N ASN D 68 -56.26 9.09 -22.05
CA ASN D 68 -57.25 8.06 -22.25
C ASN D 68 -56.71 7.04 -23.25
N PRO D 69 -56.54 5.77 -22.85
CA PRO D 69 -55.96 4.79 -23.79
C PRO D 69 -56.78 4.57 -25.04
N ALA D 70 -58.09 4.74 -24.99
CA ALA D 70 -58.92 4.51 -26.17
C ALA D 70 -58.61 5.47 -27.30
N ASP D 71 -58.03 6.62 -27.00
CA ASP D 71 -57.68 7.60 -28.02
C ASP D 71 -56.30 7.35 -28.62
N TYR D 72 -55.56 6.37 -28.13
CA TYR D 72 -54.19 6.12 -28.60
C TYR D 72 -53.99 4.65 -28.89
N GLY D 73 -55.01 3.99 -29.42
CA GLY D 73 -54.86 2.61 -29.85
C GLY D 73 -54.86 1.59 -28.75
N GLY D 74 -55.11 1.98 -27.50
CA GLY D 74 -55.18 1.05 -26.40
C GLY D 74 -53.93 0.90 -25.57
N ILE D 75 -52.95 1.78 -25.74
CA ILE D 75 -51.73 1.70 -24.95
C ILE D 75 -52.01 2.18 -23.54
N LYS D 76 -51.55 1.41 -22.55
CA LYS D 76 -51.76 1.74 -21.15
C LYS D 76 -50.50 2.13 -20.40
N LYS D 77 -49.33 1.70 -20.86
CA LYS D 77 -48.08 2.02 -20.21
C LYS D 77 -47.03 2.38 -21.26
N ILE D 78 -46.31 3.47 -21.03
CA ILE D 78 -45.19 3.87 -21.88
C ILE D 78 -43.98 4.09 -20.98
N ARG D 79 -42.83 4.32 -21.60
CA ARG D 79 -41.60 4.59 -20.88
C ARG D 79 -40.94 5.84 -21.45
N LEU D 80 -40.56 6.75 -20.57
CA LEU D 80 -39.99 8.03 -20.95
C LEU D 80 -38.65 8.23 -20.25
N PRO D 81 -37.74 8.98 -20.85
CA PRO D 81 -36.51 9.33 -20.15
C PRO D 81 -36.83 10.18 -18.93
N SER D 82 -36.03 10.00 -17.88
CA SER D 82 -36.28 10.71 -16.63
C SER D 82 -36.08 12.21 -16.80
N ASP D 83 -35.23 12.63 -17.73
CA ASP D 83 -34.95 14.04 -17.91
C ASP D 83 -36.12 14.82 -18.51
N ASP D 84 -37.14 14.14 -19.01
CA ASP D 84 -38.26 14.81 -19.67
C ASP D 84 -39.41 15.11 -18.72
N VAL D 85 -39.33 14.69 -17.46
CA VAL D 85 -40.42 14.86 -16.51
C VAL D 85 -39.86 15.43 -15.21
N TRP D 86 -40.77 15.93 -14.37
CA TRP D 86 -40.39 16.40 -13.04
C TRP D 86 -39.91 15.24 -12.18
N LEU D 87 -38.81 15.47 -11.47
CA LEU D 87 -38.24 14.42 -10.65
C LEU D 87 -37.99 14.93 -9.24
N PRO D 88 -38.35 14.15 -8.23
CA PRO D 88 -37.98 14.52 -6.86
C PRO D 88 -36.48 14.42 -6.66
N ASP D 89 -35.95 15.34 -5.85
CA ASP D 89 -34.52 15.42 -5.62
C ASP D 89 -34.17 14.70 -4.30
N LEU D 90 -34.20 13.38 -4.37
CA LEU D 90 -33.78 12.57 -3.23
C LEU D 90 -32.27 12.65 -3.09
N VAL D 91 -31.81 13.12 -1.94
CA VAL D 91 -30.40 13.38 -1.68
C VAL D 91 -29.96 12.55 -0.48
N LEU D 92 -28.86 11.84 -0.63
CA LEU D 92 -28.27 11.11 0.48
C LEU D 92 -27.57 12.10 1.40
N TYR D 93 -28.15 12.31 2.59
CA TYR D 93 -27.60 13.28 3.53
C TYR D 93 -26.19 12.90 3.97
N ASN D 94 -25.98 11.62 4.26
CA ASN D 94 -24.70 11.16 4.79
C ASN D 94 -23.77 10.65 3.71
N ASN D 95 -23.87 11.19 2.49
CA ASN D 95 -22.93 10.83 1.43
C ASN D 95 -21.52 11.24 1.81
N ALA D 96 -20.55 10.37 1.50
CA ALA D 96 -19.19 10.62 1.93
C ALA D 96 -18.19 10.59 0.78
N ASP D 97 -18.46 9.82 -0.27
CA ASP D 97 -17.47 9.65 -1.32
C ASP D 97 -18.06 9.59 -2.72
N GLY D 98 -19.37 9.67 -2.87
CA GLY D 98 -20.02 9.56 -4.15
C GLY D 98 -20.85 10.80 -4.44
N ASP D 99 -21.96 10.56 -5.12
CA ASP D 99 -22.86 11.63 -5.54
C ASP D 99 -24.03 11.72 -4.56
N PHE D 100 -24.41 12.96 -4.23
CA PHE D 100 -25.53 13.16 -3.32
C PHE D 100 -26.85 12.68 -3.93
N ALA D 101 -27.05 12.93 -5.21
CA ALA D 101 -28.30 12.59 -5.87
C ALA D 101 -28.06 11.46 -6.88
N ILE D 102 -29.11 11.11 -7.59
CA ILE D 102 -29.06 10.07 -8.60
C ILE D 102 -28.51 10.68 -9.89
N VAL D 103 -27.57 9.99 -10.53
CA VAL D 103 -26.87 10.52 -11.68
C VAL D 103 -27.09 9.69 -12.94
N HIS D 104 -27.61 8.47 -12.83
CA HIS D 104 -27.73 7.60 -14.01
C HIS D 104 -28.84 8.05 -14.94
N MET D 105 -29.97 8.48 -14.39
CA MET D 105 -31.10 9.00 -15.15
C MET D 105 -31.62 7.99 -16.16
N THR D 106 -32.11 6.86 -15.65
CA THR D 106 -32.71 5.84 -16.50
C THR D 106 -34.16 6.18 -16.77
N LYS D 107 -34.78 5.41 -17.68
CA LYS D 107 -36.16 5.64 -18.02
C LYS D 107 -37.09 5.20 -16.88
N LEU D 108 -38.34 5.65 -16.96
CA LEU D 108 -39.34 5.39 -15.94
C LEU D 108 -40.64 4.95 -16.58
N LEU D 109 -41.37 4.09 -15.88
CA LEU D 109 -42.69 3.66 -16.33
C LEU D 109 -43.72 4.75 -16.07
N LEU D 110 -44.70 4.84 -16.95
CA LEU D 110 -45.76 5.84 -16.84
C LEU D 110 -47.09 5.21 -17.22
N ASP D 111 -48.00 5.13 -16.25
CA ASP D 111 -49.32 4.57 -16.46
C ASP D 111 -50.27 5.62 -17.01
N TYR D 112 -51.37 5.16 -17.60
CA TYR D 112 -52.33 6.07 -18.20
C TYR D 112 -53.07 6.90 -17.15
N THR D 113 -53.13 6.43 -15.91
CA THR D 113 -53.75 7.17 -14.84
C THR D 113 -52.82 8.18 -14.22
N GLY D 114 -51.56 8.26 -14.67
CA GLY D 114 -50.61 9.21 -14.19
C GLY D 114 -49.57 8.65 -13.24
N LYS D 115 -49.71 7.41 -12.81
CA LYS D 115 -48.75 6.82 -11.88
C LYS D 115 -47.39 6.67 -12.55
N ILE D 116 -46.34 7.08 -11.85
CA ILE D 116 -44.98 6.98 -12.35
C ILE D 116 -44.20 6.07 -11.43
N MET D 117 -43.56 5.06 -12.00
CA MET D 117 -42.72 4.12 -11.27
C MET D 117 -41.30 4.27 -11.81
N TRP D 118 -40.41 4.85 -11.01
CA TRP D 118 -39.05 5.11 -11.41
C TRP D 118 -38.10 4.32 -10.51
N THR D 119 -37.21 3.55 -11.13
CA THR D 119 -36.30 2.65 -10.40
C THR D 119 -34.88 2.87 -10.92
N PRO D 120 -34.23 3.95 -10.50
CA PRO D 120 -32.87 4.21 -11.00
C PRO D 120 -31.83 3.53 -10.14
N PRO D 121 -30.84 2.90 -10.75
CA PRO D 121 -29.74 2.34 -9.97
C PRO D 121 -28.78 3.41 -9.51
N ALA D 122 -28.12 3.15 -8.40
CA ALA D 122 -27.14 4.08 -7.86
C ALA D 122 -26.20 3.34 -6.94
N ILE D 123 -25.02 3.91 -6.74
CA ILE D 123 -24.05 3.40 -5.79
C ILE D 123 -23.87 4.44 -4.71
N PHE D 124 -24.22 4.08 -3.48
CA PHE D 124 -24.23 5.01 -2.36
C PHE D 124 -23.04 4.71 -1.47
N LYS D 125 -22.05 5.59 -1.50
CA LYS D 125 -20.93 5.52 -0.56
C LYS D 125 -21.27 6.44 0.59
N SER D 126 -21.84 5.88 1.64
CA SER D 126 -22.36 6.63 2.76
C SER D 126 -21.51 6.43 4.00
N TYR D 127 -21.31 7.51 4.75
CA TYR D 127 -20.56 7.46 5.99
C TYR D 127 -21.46 6.92 7.09
N CYS D 128 -21.03 5.84 7.73
CA CYS D 128 -21.69 5.36 8.94
C CYS D 128 -20.63 5.01 9.97
N GLU D 129 -20.85 5.47 11.21
CA GLU D 129 -19.88 5.24 12.27
C GLU D 129 -19.75 3.75 12.56
N ILE D 130 -18.51 3.28 12.61
CA ILE D 130 -18.23 1.86 12.73
C ILE D 130 -17.86 1.56 14.16
N ILE D 131 -18.70 0.77 14.84
CA ILE D 131 -18.46 0.39 16.22
C ILE D 131 -17.50 -0.80 16.21
N VAL D 132 -16.28 -0.58 16.67
CA VAL D 132 -15.25 -1.60 16.65
C VAL D 132 -15.12 -2.30 17.99
N THR D 133 -16.14 -2.20 18.85
CA THR D 133 -16.02 -2.71 20.22
C THR D 133 -15.84 -4.22 20.25
N HIS D 134 -16.57 -4.95 19.41
CA HIS D 134 -16.52 -6.41 19.43
C HIS D 134 -15.88 -6.98 18.17
N PHE D 135 -15.00 -6.21 17.54
CA PHE D 135 -14.31 -6.68 16.33
C PHE D 135 -13.45 -7.89 16.67
N PRO D 136 -13.38 -8.90 15.79
CA PRO D 136 -14.03 -9.06 14.49
C PRO D 136 -15.39 -9.75 14.56
N PHE D 137 -15.91 -10.02 15.75
CA PHE D 137 -17.22 -10.63 15.91
C PHE D 137 -18.33 -9.59 16.04
N ASP D 138 -18.11 -8.39 15.53
CA ASP D 138 -19.00 -7.26 15.76
C ASP D 138 -20.14 -7.22 14.74
N GLN D 139 -21.11 -6.37 15.01
CA GLN D 139 -22.16 -6.03 14.07
C GLN D 139 -22.18 -4.53 13.87
N GLN D 140 -22.44 -4.10 12.64
CA GLN D 140 -22.43 -2.69 12.28
C GLN D 140 -23.83 -2.25 11.91
N ASN D 141 -24.28 -1.15 12.51
CA ASN D 141 -25.58 -0.57 12.21
C ASN D 141 -25.33 0.62 11.26
N CYS D 142 -25.29 0.31 9.97
CA CYS D 142 -24.98 1.31 8.96
C CYS D 142 -26.27 1.84 8.36
N THR D 143 -26.37 3.16 8.29
CA THR D 143 -27.60 3.84 7.87
C THR D 143 -27.41 4.53 6.53
N MET D 144 -28.53 4.85 5.90
CA MET D 144 -28.57 5.57 4.63
C MET D 144 -29.75 6.54 4.70
N LYS D 145 -29.47 7.82 4.93
CA LYS D 145 -30.52 8.81 5.14
C LYS D 145 -30.88 9.45 3.80
N LEU D 146 -32.09 9.18 3.33
CA LEU D 146 -32.58 9.70 2.06
C LEU D 146 -33.72 10.65 2.33
N GLY D 147 -33.62 11.88 1.81
CA GLY D 147 -34.66 12.85 2.02
C GLY D 147 -34.72 13.83 0.88
N ILE D 148 -35.88 14.47 0.74
CA ILE D 148 -36.06 15.49 -0.29
C ILE D 148 -35.40 16.77 0.18
N TRP D 149 -34.57 17.35 -0.68
CA TRP D 149 -33.67 18.42 -0.26
C TRP D 149 -34.39 19.76 -0.19
N THR D 150 -34.87 20.26 -1.33
CA THR D 150 -35.32 21.64 -1.42
C THR D 150 -36.79 21.83 -1.11
N TYR D 151 -37.56 20.76 -0.95
CA TYR D 151 -38.99 20.87 -0.69
C TYR D 151 -39.30 20.37 0.71
N ASP D 152 -40.17 21.09 1.41
CA ASP D 152 -40.51 20.76 2.78
C ASP D 152 -41.74 19.85 2.80
N GLY D 153 -42.27 19.60 4.00
CA GLY D 153 -43.35 18.64 4.13
C GLY D 153 -44.65 19.09 3.48
N THR D 154 -44.95 20.37 3.56
CA THR D 154 -46.19 20.87 2.97
C THR D 154 -46.13 20.99 1.46
N LYS D 155 -44.94 20.88 0.86
CA LYS D 155 -44.80 20.95 -0.59
C LYS D 155 -44.73 19.57 -1.22
N VAL D 156 -43.78 18.74 -0.80
CA VAL D 156 -43.70 17.36 -1.25
C VAL D 156 -43.52 16.46 -0.03
N SER D 157 -44.37 15.46 0.09
CA SER D 157 -44.33 14.52 1.20
C SER D 157 -43.89 13.15 0.69
N ILE D 158 -43.15 12.43 1.54
CA ILE D 158 -42.72 11.09 1.20
C ILE D 158 -43.25 10.13 2.25
N SER D 159 -43.27 8.84 1.89
CA SER D 159 -43.70 7.77 2.76
C SER D 159 -42.98 6.50 2.33
N PRO D 160 -42.51 5.69 3.26
CA PRO D 160 -41.82 4.45 2.86
C PRO D 160 -42.78 3.46 2.22
N GLU D 161 -42.27 2.73 1.22
CA GLU D 161 -43.08 1.75 0.52
C GLU D 161 -43.49 0.61 1.44
N SER D 162 -42.56 0.13 2.25
CA SER D 162 -42.85 -0.88 3.26
C SER D 162 -41.92 -0.66 4.43
N ASP D 163 -42.25 -1.29 5.56
CA ASP D 163 -41.47 -1.09 6.77
C ASP D 163 -40.06 -1.61 6.65
N ARG D 164 -39.78 -2.50 5.70
CA ARG D 164 -38.45 -3.04 5.52
C ARG D 164 -37.98 -2.81 4.10
N PRO D 165 -36.68 -2.58 3.90
CA PRO D 165 -36.15 -2.48 2.54
C PRO D 165 -36.23 -3.81 1.81
N ASP D 166 -36.34 -3.72 0.49
CA ASP D 166 -36.47 -4.91 -0.34
C ASP D 166 -35.12 -5.59 -0.50
N LEU D 167 -35.07 -6.89 -0.20
CA LEU D 167 -33.85 -7.67 -0.37
C LEU D 167 -34.14 -8.97 -1.12
N SER D 168 -35.14 -8.96 -1.99
CA SER D 168 -35.48 -10.18 -2.73
C SER D 168 -34.37 -10.57 -3.69
N THR D 169 -33.74 -9.59 -4.33
CA THR D 169 -32.68 -9.84 -5.29
C THR D 169 -31.30 -9.61 -4.69
N PHE D 170 -31.19 -9.49 -3.37
CA PHE D 170 -29.91 -9.27 -2.73
C PHE D 170 -29.02 -10.49 -2.88
N MET D 171 -27.79 -10.28 -3.32
CA MET D 171 -26.82 -11.35 -3.46
C MET D 171 -25.91 -11.39 -2.24
N GLU D 172 -25.50 -12.60 -1.87
CA GLU D 172 -24.74 -12.79 -0.64
C GLU D 172 -23.38 -12.11 -0.73
N SER D 173 -23.04 -11.35 0.31
CA SER D 173 -21.81 -10.58 0.29
C SER D 173 -20.58 -11.46 0.49
N GLY D 174 -20.72 -12.54 1.25
CA GLY D 174 -19.58 -13.37 1.57
C GLY D 174 -18.75 -12.87 2.71
N GLU D 175 -19.07 -11.71 3.28
CA GLU D 175 -18.38 -11.20 4.45
C GLU D 175 -19.31 -10.68 5.53
N TRP D 176 -20.57 -10.37 5.21
CA TRP D 176 -21.53 -9.88 6.18
C TRP D 176 -22.83 -10.65 6.05
N VAL D 177 -23.55 -10.76 7.15
CA VAL D 177 -24.85 -11.42 7.21
C VAL D 177 -25.88 -10.37 7.58
N MET D 178 -26.92 -10.25 6.77
CA MET D 178 -27.94 -9.22 6.97
C MET D 178 -28.88 -9.68 8.08
N LYS D 179 -28.54 -9.30 9.31
CA LYS D 179 -29.29 -9.76 10.47
C LYS D 179 -30.70 -9.17 10.50
N ASP D 180 -30.80 -7.85 10.32
CA ASP D 180 -32.08 -7.18 10.38
C ASP D 180 -31.99 -5.89 9.58
N TYR D 181 -33.13 -5.40 9.12
CA TYR D 181 -33.18 -4.17 8.35
C TYR D 181 -34.58 -3.59 8.46
N ARG D 182 -34.66 -2.27 8.56
CA ARG D 182 -35.93 -1.59 8.71
C ARG D 182 -35.75 -0.13 8.35
N GLY D 183 -36.82 0.51 7.92
CA GLY D 183 -36.79 1.93 7.57
C GLY D 183 -37.76 2.71 8.43
N TRP D 184 -37.36 3.91 8.81
CA TRP D 184 -38.20 4.80 9.61
C TRP D 184 -38.29 6.16 8.94
N LYS D 185 -39.43 6.83 9.14
CA LYS D 185 -39.67 8.14 8.57
C LYS D 185 -39.68 9.18 9.68
N HIS D 186 -39.01 10.30 9.46
CA HIS D 186 -38.84 11.32 10.48
C HIS D 186 -39.30 12.68 9.96
N TRP D 187 -39.68 13.54 10.91
CA TRP D 187 -39.96 14.95 10.66
C TRP D 187 -38.89 15.75 11.40
N VAL D 188 -38.00 16.38 10.66
CA VAL D 188 -36.83 17.05 11.22
C VAL D 188 -36.96 18.54 10.98
N TYR D 189 -36.76 19.32 12.04
CA TYR D 189 -36.74 20.78 11.95
C TYR D 189 -35.30 21.24 11.97
N TYR D 190 -34.81 21.71 10.83
CA TYR D 190 -33.44 22.19 10.75
C TYR D 190 -33.36 23.66 11.12
N THR D 191 -32.14 24.12 11.38
CA THR D 191 -31.95 25.52 11.75
C THR D 191 -32.13 26.45 10.57
N CYS D 192 -31.91 25.95 9.35
CA CYS D 192 -32.05 26.80 8.17
C CYS D 192 -33.50 27.21 7.96
N CYS D 193 -34.45 26.28 8.13
CA CYS D 193 -35.88 26.55 7.98
C CYS D 193 -36.59 25.99 9.20
N PRO D 194 -36.53 26.69 10.33
CA PRO D 194 -37.12 26.14 11.56
C PRO D 194 -38.63 26.19 11.58
N ASP D 195 -39.26 26.95 10.69
CA ASP D 195 -40.70 27.12 10.73
C ASP D 195 -41.45 25.98 10.04
N THR D 196 -40.77 25.14 9.28
CA THR D 196 -41.43 24.05 8.57
C THR D 196 -40.57 22.79 8.66
N PRO D 197 -41.20 21.61 8.72
CA PRO D 197 -40.43 20.37 8.81
C PRO D 197 -40.04 19.82 7.44
N TYR D 198 -38.92 19.10 7.43
CA TYR D 198 -38.45 18.39 6.26
C TYR D 198 -38.48 16.90 6.53
N LEU D 199 -39.02 16.14 5.59
CA LEU D 199 -39.23 14.72 5.76
C LEU D 199 -38.04 13.93 5.22
N ASP D 200 -37.78 12.78 5.83
CA ASP D 200 -36.72 11.91 5.37
C ASP D 200 -37.02 10.49 5.83
N ILE D 201 -36.36 9.53 5.16
CA ILE D 201 -36.47 8.12 5.48
C ILE D 201 -35.06 7.57 5.66
N THR D 202 -34.82 6.92 6.79
CA THR D 202 -33.50 6.39 7.11
C THR D 202 -33.57 4.87 7.13
N TYR D 203 -32.79 4.22 6.27
CA TYR D 203 -32.73 2.77 6.19
C TYR D 203 -31.48 2.28 6.90
N HIS D 204 -31.66 1.46 7.92
CA HIS D 204 -30.53 0.92 8.68
C HIS D 204 -30.42 -0.57 8.44
N PHE D 205 -29.20 -1.04 8.22
CA PHE D 205 -28.90 -2.44 8.01
C PHE D 205 -28.00 -2.93 9.13
N ILE D 206 -28.38 -4.03 9.77
CA ILE D 206 -27.63 -4.63 10.86
C ILE D 206 -26.81 -5.76 10.26
N MET D 207 -25.52 -5.53 10.05
CA MET D 207 -24.67 -6.48 9.37
C MET D 207 -23.74 -7.14 10.36
N GLN D 208 -23.85 -8.46 10.49
CA GLN D 208 -22.99 -9.23 11.37
C GLN D 208 -21.80 -9.74 10.59
N ARG D 209 -20.60 -9.43 11.07
CA ARG D 209 -19.40 -9.85 10.36
C ARG D 209 -19.21 -11.36 10.47
N ILE D 210 -18.85 -11.98 9.36
CA ILE D 210 -18.47 -13.39 9.36
C ILE D 210 -17.00 -13.45 9.78
N PRO D 211 -16.69 -14.05 10.93
CA PRO D 211 -15.35 -13.92 11.51
C PRO D 211 -14.34 -14.98 11.10
N LEU D 212 -14.68 -15.86 10.16
CA LEU D 212 -13.78 -16.97 9.82
C LEU D 212 -12.45 -16.46 9.25
N TYR D 213 -12.51 -15.46 8.38
CA TYR D 213 -11.30 -14.97 7.75
C TYR D 213 -10.36 -14.35 8.77
N PHE D 214 -10.88 -13.52 9.67
CA PHE D 214 -10.03 -12.88 10.66
C PHE D 214 -9.58 -13.88 11.72
N VAL D 215 -10.39 -14.89 12.02
CA VAL D 215 -9.94 -15.94 12.93
C VAL D 215 -8.76 -16.69 12.33
N VAL D 216 -8.84 -17.02 11.04
CA VAL D 216 -7.75 -17.75 10.40
C VAL D 216 -6.51 -16.88 10.30
N ASN D 217 -6.66 -15.64 9.86
CA ASN D 217 -5.49 -14.82 9.55
C ASN D 217 -4.88 -14.13 10.76
N VAL D 218 -5.67 -13.85 11.80
CA VAL D 218 -5.19 -13.01 12.89
C VAL D 218 -5.29 -13.72 14.23
N ILE D 219 -6.48 -14.22 14.57
CA ILE D 219 -6.72 -14.71 15.93
C ILE D 219 -5.95 -15.99 16.19
N ILE D 220 -5.94 -16.91 15.23
CA ILE D 220 -5.23 -18.19 15.44
C ILE D 220 -3.73 -18.01 15.63
N PRO D 221 -3.00 -17.24 14.81
CA PRO D 221 -1.59 -17.01 15.12
C PRO D 221 -1.36 -16.31 16.45
N CYS D 222 -2.24 -15.38 16.83
CA CYS D 222 -2.10 -14.72 18.11
C CYS D 222 -2.28 -15.71 19.26
N LEU D 223 -3.24 -16.63 19.12
CA LEU D 223 -3.40 -17.67 20.13
C LEU D 223 -2.20 -18.60 20.18
N LEU D 224 -1.61 -18.90 19.02
CA LEU D 224 -0.41 -19.75 18.99
C LEU D 224 0.72 -19.09 19.76
N PHE D 225 0.95 -17.80 19.52
CA PHE D 225 2.04 -17.13 20.22
C PHE D 225 1.71 -16.92 21.69
N SER D 226 0.43 -16.71 22.03
CA SER D 226 0.05 -16.62 23.43
C SER D 226 0.29 -17.93 24.16
N PHE D 227 0.05 -19.06 23.49
CA PHE D 227 0.35 -20.34 24.10
C PHE D 227 1.84 -20.57 24.22
N LEU D 228 2.61 -20.13 23.22
CA LEU D 228 4.05 -20.24 23.30
C LEU D 228 4.64 -19.38 24.40
N THR D 229 3.93 -18.33 24.82
CA THR D 229 4.40 -17.50 25.92
C THR D 229 4.58 -18.32 27.20
N GLY D 230 3.64 -19.22 27.49
CA GLY D 230 3.72 -20.00 28.71
C GLY D 230 4.77 -21.09 28.69
N LEU D 231 5.23 -21.50 27.51
CA LEU D 231 6.28 -22.50 27.42
C LEU D 231 7.65 -21.95 27.80
N VAL D 232 7.77 -20.63 27.94
CA VAL D 232 9.02 -20.04 28.39
C VAL D 232 9.35 -20.52 29.79
N PHE D 233 8.35 -20.58 30.67
CA PHE D 233 8.59 -20.95 32.06
C PHE D 233 9.11 -22.38 32.16
N TYR D 234 8.58 -23.29 31.35
CA TYR D 234 9.04 -24.67 31.38
C TYR D 234 10.42 -24.83 30.77
N LEU D 235 10.88 -23.86 30.00
CA LEU D 235 12.19 -23.95 29.37
C LEU D 235 13.27 -23.78 30.42
N PRO D 236 14.26 -24.68 30.47
CA PRO D 236 15.31 -24.54 31.48
C PRO D 236 16.20 -23.35 31.21
N THR D 237 16.80 -22.84 32.28
CA THR D 237 17.67 -21.67 32.15
C THR D 237 18.96 -22.01 31.43
N ASP D 238 19.48 -23.23 31.62
CA ASP D 238 20.77 -23.59 31.07
C ASP D 238 20.77 -23.71 29.55
N SER D 239 19.59 -23.74 28.91
CA SER D 239 19.56 -23.83 27.46
C SER D 239 20.04 -22.55 26.79
N GLY D 240 19.87 -21.41 27.46
CA GLY D 240 20.29 -20.16 26.87
C GLY D 240 19.44 -19.68 25.72
N GLU D 241 18.20 -20.18 25.61
CA GLU D 241 17.28 -19.76 24.57
C GLU D 241 15.98 -19.23 25.14
N LYS D 242 15.92 -18.97 26.45
CA LYS D 242 14.71 -18.45 27.08
C LYS D 242 14.37 -17.06 26.57
N MET D 243 15.35 -16.15 26.61
CA MET D 243 15.12 -14.80 26.14
C MET D 243 14.87 -14.76 24.64
N THR D 244 15.48 -15.66 23.88
CA THR D 244 15.20 -15.74 22.46
C THR D 244 13.74 -16.04 22.20
N LEU D 245 13.19 -17.03 22.91
CA LEU D 245 11.80 -17.40 22.72
C LEU D 245 10.87 -16.28 23.18
N SER D 246 11.14 -15.70 24.35
CA SER D 246 10.28 -14.63 24.86
C SER D 246 10.29 -13.43 23.93
N ILE D 247 11.47 -13.05 23.44
CA ILE D 247 11.59 -11.90 22.57
C ILE D 247 10.91 -12.15 21.24
N SER D 248 11.04 -13.36 20.70
CA SER D 248 10.37 -13.68 19.45
C SER D 248 8.86 -13.63 19.61
N VAL D 249 8.33 -14.14 20.72
CA VAL D 249 6.89 -14.08 20.96
C VAL D 249 6.44 -12.63 21.09
N LEU D 250 7.20 -11.81 21.81
CA LEU D 250 6.83 -10.41 21.99
C LEU D 250 6.83 -9.67 20.66
N LEU D 251 7.83 -9.90 19.83
CA LEU D 251 7.89 -9.23 18.53
C LEU D 251 6.75 -9.69 17.63
N SER D 252 6.42 -10.98 17.65
CA SER D 252 5.30 -11.46 16.85
C SER D 252 3.99 -10.83 17.29
N LEU D 253 3.77 -10.73 18.60
CA LEU D 253 2.55 -10.10 19.10
C LEU D 253 2.50 -8.63 18.73
N THR D 254 3.66 -7.94 18.78
CA THR D 254 3.70 -6.54 18.37
C THR D 254 3.36 -6.38 16.90
N VAL D 255 3.89 -7.27 16.05
CA VAL D 255 3.59 -7.22 14.62
C VAL D 255 2.10 -7.43 14.38
N PHE D 256 1.50 -8.40 15.07
CA PHE D 256 0.08 -8.63 14.88
C PHE D 256 -0.76 -7.49 15.43
N LEU D 257 -0.31 -6.84 16.51
CA LEU D 257 -1.00 -5.66 16.99
C LEU D 257 -0.97 -4.54 15.96
N LEU D 258 0.17 -4.36 15.30
CA LEU D 258 0.27 -3.35 14.25
C LEU D 258 -0.64 -3.69 13.08
N VAL D 259 -0.75 -4.97 12.74
CA VAL D 259 -1.68 -5.39 11.67
C VAL D 259 -3.12 -5.08 12.06
N ILE D 260 -3.49 -5.37 13.30
CA ILE D 260 -4.85 -5.09 13.76
C ILE D 260 -5.11 -3.58 13.75
N VAL D 261 -4.09 -2.79 14.09
CA VAL D 261 -4.23 -1.33 14.01
C VAL D 261 -4.49 -0.90 12.58
N GLU D 262 -3.76 -1.48 11.63
CA GLU D 262 -4.02 -1.19 10.23
C GLU D 262 -5.39 -1.68 9.78
N LEU D 263 -6.01 -2.61 10.52
CA LEU D 263 -7.29 -3.16 10.11
C LEU D 263 -8.50 -2.42 10.66
N ILE D 264 -8.33 -1.47 11.56
CA ILE D 264 -9.47 -0.82 12.21
C ILE D 264 -9.35 0.69 12.06
N PRO D 265 -10.45 1.45 12.12
CA PRO D 265 -10.35 2.91 12.07
C PRO D 265 -9.67 3.45 13.31
N SER D 266 -9.04 4.62 13.14
CA SER D 266 -8.30 5.25 14.21
C SER D 266 -9.17 6.05 15.17
N THR D 267 -10.49 5.86 15.11
CA THR D 267 -11.39 6.57 16.01
C THR D 267 -11.21 6.06 17.44
N SER D 268 -11.24 6.98 18.40
CA SER D 268 -11.06 6.66 19.81
C SER D 268 -12.39 6.64 20.57
N SER D 269 -13.48 6.35 19.88
CA SER D 269 -14.78 6.26 20.55
C SER D 269 -14.81 5.10 21.54
N ALA D 270 -14.26 3.96 21.16
CA ALA D 270 -14.23 2.80 22.04
C ALA D 270 -13.06 1.91 21.66
N VAL D 271 -12.37 1.41 22.69
CA VAL D 271 -11.25 0.50 22.46
C VAL D 271 -11.79 -0.85 22.03
N PRO D 272 -11.30 -1.44 20.93
CA PRO D 272 -11.77 -2.77 20.52
C PRO D 272 -11.37 -3.83 21.54
N LEU D 273 -12.23 -4.85 21.66
CA LEU D 273 -11.93 -5.94 22.57
C LEU D 273 -10.72 -6.73 22.12
N ILE D 274 -10.52 -6.87 20.81
CA ILE D 274 -9.31 -7.52 20.32
C ILE D 274 -8.09 -6.67 20.65
N GLY D 275 -8.23 -5.34 20.62
CA GLY D 275 -7.15 -4.49 21.04
C GLY D 275 -6.85 -4.61 22.52
N LYS D 276 -7.89 -4.72 23.35
CA LYS D 276 -7.69 -4.96 24.78
C LYS D 276 -7.00 -6.29 25.03
N TYR D 277 -7.40 -7.32 24.29
CA TYR D 277 -6.77 -8.63 24.44
C TYR D 277 -5.30 -8.59 24.03
N MET D 278 -5.00 -7.89 22.94
CA MET D 278 -3.61 -7.75 22.51
C MET D 278 -2.80 -6.97 23.54
N LEU D 279 -3.36 -5.91 24.09
CA LEU D 279 -2.64 -5.13 25.09
C LEU D 279 -2.41 -5.94 26.34
N PHE D 280 -3.40 -6.73 26.77
CA PHE D 280 -3.23 -7.53 27.97
C PHE D 280 -2.24 -8.67 27.76
N THR D 281 -2.25 -9.29 26.58
CA THR D 281 -1.27 -10.35 26.35
C THR D 281 0.13 -9.77 26.18
N MET D 282 0.25 -8.54 25.66
CA MET D 282 1.57 -7.90 25.63
C MET D 282 2.03 -7.55 27.04
N ILE D 283 1.11 -7.11 27.90
CA ILE D 283 1.45 -6.86 29.29
C ILE D 283 1.91 -8.16 29.96
N PHE D 284 1.22 -9.26 29.68
CA PHE D 284 1.61 -10.55 30.25
C PHE D 284 2.97 -11.00 29.73
N VAL D 285 3.24 -10.79 28.44
CA VAL D 285 4.55 -11.15 27.89
C VAL D 285 5.65 -10.30 28.52
N ILE D 286 5.39 -9.01 28.71
CA ILE D 286 6.38 -8.14 29.36
C ILE D 286 6.62 -8.62 30.79
N SER D 287 5.56 -8.97 31.51
CA SER D 287 5.71 -9.46 32.87
C SER D 287 6.49 -10.77 32.90
N SER D 288 6.22 -11.66 31.95
CA SER D 288 6.98 -12.91 31.89
C SER D 288 8.43 -12.67 31.52
N ILE D 289 8.71 -11.65 30.71
CA ILE D 289 10.10 -11.29 30.42
C ILE D 289 10.78 -10.79 31.66
N ILE D 290 10.09 -9.97 32.46
CA ILE D 290 10.66 -9.50 33.72
C ILE D 290 10.96 -10.67 34.64
N ILE D 291 10.00 -11.58 34.78
CA ILE D 291 10.19 -12.73 35.66
C ILE D 291 11.29 -13.63 35.14
N THR D 292 11.40 -13.79 33.83
CA THR D 292 12.42 -14.69 33.30
C THR D 292 13.81 -14.08 33.35
N VAL D 293 13.95 -12.77 33.27
CA VAL D 293 15.27 -12.20 33.49
C VAL D 293 15.62 -12.26 34.97
N VAL D 294 14.62 -12.15 35.84
CA VAL D 294 14.87 -12.35 37.27
C VAL D 294 15.36 -13.77 37.52
N VAL D 295 14.73 -14.76 36.89
CA VAL D 295 15.12 -16.15 37.10
C VAL D 295 16.46 -16.44 36.45
N ILE D 296 16.79 -15.78 35.34
CA ILE D 296 18.10 -15.96 34.72
C ILE D 296 19.19 -15.39 35.62
N ASN D 297 18.96 -14.20 36.19
CA ASN D 297 19.90 -13.63 37.11
C ASN D 297 20.03 -14.48 38.37
N THR D 298 18.92 -15.08 38.82
CA THR D 298 18.97 -15.98 39.97
C THR D 298 19.80 -17.22 39.68
N HIS D 299 19.66 -17.78 38.48
CA HIS D 299 20.38 -19.00 38.15
C HIS D 299 21.89 -18.79 38.10
N HIS D 300 22.33 -17.55 37.86
CA HIS D 300 23.75 -17.25 37.73
C HIS D 300 24.30 -16.51 38.95
N ARG D 301 23.60 -16.56 40.08
CA ARG D 301 24.08 -15.90 41.28
C ARG D 301 25.36 -16.57 41.78
N SER D 302 26.45 -15.84 41.79
CA SER D 302 27.69 -16.36 42.35
C SER D 302 27.53 -16.48 43.87
N PRO D 303 27.79 -17.66 44.44
CA PRO D 303 27.58 -17.81 45.89
C PRO D 303 28.62 -17.09 46.73
N SER D 304 29.77 -16.72 46.15
CA SER D 304 30.76 -15.96 46.87
C SER D 304 30.39 -14.48 47.02
N THR D 305 29.33 -14.04 46.34
CA THR D 305 28.90 -12.65 46.37
C THR D 305 27.53 -12.46 47.02
N HIS D 306 26.55 -13.27 46.63
CA HIS D 306 25.18 -13.16 47.12
C HIS D 306 24.93 -14.26 48.13
N THR D 307 24.54 -13.89 49.35
CA THR D 307 24.22 -14.84 50.39
C THR D 307 22.74 -15.19 50.34
N MET D 308 22.43 -16.45 50.62
CA MET D 308 21.05 -16.93 50.51
C MET D 308 20.23 -16.44 51.71
N PRO D 309 19.16 -15.69 51.49
CA PRO D 309 18.29 -15.32 52.61
C PRO D 309 17.56 -16.52 53.18
N GLN D 310 17.26 -16.45 54.47
CA GLN D 310 16.61 -17.56 55.14
C GLN D 310 15.15 -17.69 54.70
N TRP D 311 14.45 -16.58 54.54
CA TRP D 311 13.05 -16.64 54.16
C TRP D 311 12.88 -17.17 52.75
N VAL D 312 13.74 -16.75 51.82
CA VAL D 312 13.74 -17.32 50.48
C VAL D 312 14.00 -18.82 50.54
N ARG D 313 14.97 -19.23 51.37
CA ARG D 313 15.34 -20.64 51.49
C ARG D 313 14.15 -21.48 51.96
N LYS D 314 13.50 -21.07 53.05
CA LYS D 314 12.37 -21.86 53.54
C LYS D 314 11.23 -21.85 52.54
N ILE D 315 10.84 -20.67 52.04
CA ILE D 315 9.65 -20.56 51.21
C ILE D 315 9.83 -21.21 49.85
N PHE D 316 11.06 -21.43 49.39
CA PHE D 316 11.26 -22.08 48.10
C PHE D 316 11.90 -23.45 48.20
N ILE D 317 12.18 -23.96 49.39
CA ILE D 317 12.76 -25.29 49.55
C ILE D 317 11.86 -26.20 50.39
N ASP D 318 11.31 -25.69 51.49
CA ASP D 318 10.63 -26.57 52.44
C ASP D 318 9.13 -26.68 52.18
N THR D 319 8.48 -25.58 51.80
CA THR D 319 7.02 -25.53 51.75
C THR D 319 6.46 -25.73 50.36
N ILE D 320 6.85 -24.87 49.41
CA ILE D 320 6.21 -24.88 48.09
C ILE D 320 6.44 -26.19 47.32
N PRO D 321 7.66 -26.70 47.17
CA PRO D 321 7.81 -27.96 46.43
C PRO D 321 7.16 -29.16 47.10
N ASN D 322 6.90 -29.09 48.41
CA ASN D 322 6.20 -30.16 49.10
C ASN D 322 4.70 -30.13 48.84
N VAL D 323 4.18 -29.07 48.23
CA VAL D 323 2.77 -28.98 47.89
C VAL D 323 2.50 -29.60 46.53
N PRO D 370 62.43 -30.73 52.93
CA PRO D 370 62.65 -30.50 51.50
C PRO D 370 61.34 -30.31 50.73
N ASP D 371 61.11 -31.15 49.73
CA ASP D 371 59.89 -31.08 48.94
C ASP D 371 58.79 -32.01 49.44
N VAL D 372 59.09 -32.89 50.41
CA VAL D 372 58.09 -33.82 50.90
C VAL D 372 56.99 -33.09 51.66
N LYS D 373 57.38 -32.21 52.58
CA LYS D 373 56.38 -31.49 53.36
C LYS D 373 55.65 -30.45 52.50
N SER D 374 56.33 -29.91 51.48
CA SER D 374 55.65 -29.01 50.55
C SER D 374 54.62 -29.77 49.73
N ALA D 375 54.93 -31.01 49.33
CA ALA D 375 53.95 -31.82 48.62
C ALA D 375 52.76 -32.17 49.51
N ILE D 376 53.03 -32.49 50.79
CA ILE D 376 51.93 -32.79 51.72
C ILE D 376 51.06 -31.56 51.93
N GLU D 377 51.68 -30.39 52.08
CA GLU D 377 50.92 -29.16 52.23
C GLU D 377 50.11 -28.86 50.97
N GLY D 378 50.67 -29.13 49.79
CA GLY D 378 49.92 -28.96 48.57
C GLY D 378 48.74 -29.90 48.48
N VAL D 379 48.90 -31.14 48.95
CA VAL D 379 47.79 -32.09 48.98
C VAL D 379 46.68 -31.58 49.90
N LYS D 380 47.06 -31.07 51.08
CA LYS D 380 46.07 -30.50 51.99
C LYS D 380 45.36 -29.30 51.35
N TYR D 381 46.11 -28.46 50.65
CA TYR D 381 45.52 -27.30 49.98
C TYR D 381 44.55 -27.73 48.89
N ILE D 382 44.91 -28.78 48.13
CA ILE D 382 44.01 -29.30 47.11
C ILE D 382 42.73 -29.82 47.75
N ALA D 383 42.86 -30.54 48.87
CA ALA D 383 41.68 -31.09 49.54
C ALA D 383 40.76 -29.97 50.05
N GLU D 384 41.33 -28.95 50.68
CA GLU D 384 40.48 -27.87 51.20
C GLU D 384 39.88 -27.05 50.07
N HIS D 385 40.60 -26.88 48.95
CA HIS D 385 40.04 -26.18 47.81
C HIS D 385 38.90 -26.98 47.18
N MET D 386 39.04 -28.31 47.16
CA MET D 386 37.95 -29.15 46.68
C MET D 386 36.73 -29.05 47.59
N LYS D 387 36.95 -28.99 48.90
CA LYS D 387 35.83 -28.80 49.82
C LYS D 387 35.14 -27.46 49.60
N SER D 388 35.93 -26.40 49.41
CA SER D 388 35.36 -25.08 49.14
C SER D 388 34.58 -25.07 47.83
N ASP D 389 35.12 -25.72 46.80
CA ASP D 389 34.41 -25.83 45.53
C ASP D 389 33.11 -26.61 45.70
N GLU D 390 33.13 -27.66 46.52
CA GLU D 390 31.93 -28.45 46.74
C GLU D 390 30.84 -27.64 47.42
N GLU D 391 31.20 -26.87 48.45
CA GLU D 391 30.18 -26.08 49.13
C GLU D 391 29.70 -24.93 48.26
N SER D 392 30.58 -24.33 47.46
CA SER D 392 30.16 -23.30 46.51
C SER D 392 29.19 -23.88 45.48
N SER D 393 29.47 -25.09 44.99
CA SER D 393 28.56 -25.74 44.05
C SER D 393 27.24 -26.09 44.72
N ASN D 394 27.26 -26.45 46.00
CA ASN D 394 26.02 -26.71 46.72
C ASN D 394 25.15 -25.45 46.82
N ALA D 395 25.78 -24.31 47.13
CA ALA D 395 25.02 -23.07 47.19
C ALA D 395 24.51 -22.65 45.81
N ALA D 396 25.32 -22.86 44.77
CA ALA D 396 24.87 -22.57 43.42
C ALA D 396 23.70 -23.46 43.03
N GLU D 397 23.74 -24.73 43.44
CA GLU D 397 22.62 -25.63 43.19
C GLU D 397 21.38 -25.18 43.96
N GLU D 398 21.55 -24.61 45.15
CA GLU D 398 20.42 -24.05 45.87
C GLU D 398 19.79 -22.90 45.08
N TRP D 399 20.62 -22.02 44.53
CA TRP D 399 20.11 -20.95 43.68
C TRP D 399 19.37 -21.51 42.47
N LYS D 400 19.93 -22.56 41.86
CA LYS D 400 19.29 -23.17 40.69
C LYS D 400 17.95 -23.82 41.07
N TYR D 401 17.88 -24.43 42.24
CA TYR D 401 16.62 -25.02 42.72
C TYR D 401 15.56 -23.94 42.92
N VAL D 402 15.96 -22.79 43.47
CA VAL D 402 15.03 -21.67 43.60
C VAL D 402 14.56 -21.20 42.23
N ALA D 403 15.48 -21.14 41.26
CA ALA D 403 15.08 -20.76 39.91
C ALA D 403 14.07 -21.76 39.33
N MET D 404 14.31 -23.05 39.53
CA MET D 404 13.39 -24.06 39.01
C MET D 404 12.02 -23.96 39.65
N VAL D 405 11.96 -23.72 40.97
CA VAL D 405 10.66 -23.66 41.62
C VAL D 405 9.92 -22.37 41.25
N ILE D 406 10.65 -21.27 41.02
CA ILE D 406 10.01 -20.06 40.51
C ILE D 406 9.42 -20.31 39.13
N ASP D 407 10.18 -21.01 38.28
CA ASP D 407 9.66 -21.37 36.96
C ASP D 407 8.41 -22.24 37.08
N HIS D 408 8.41 -23.19 38.00
CA HIS D 408 7.26 -24.07 38.15
C HIS D 408 6.02 -23.33 38.63
N ILE D 409 6.17 -22.42 39.60
CA ILE D 409 4.98 -21.71 40.06
C ILE D 409 4.48 -20.73 39.00
N LEU D 410 5.39 -20.15 38.20
CA LEU D 410 4.94 -19.31 37.08
C LEU D 410 4.20 -20.14 36.04
N LEU D 411 4.69 -21.36 35.77
CA LEU D 411 3.99 -22.25 34.84
C LEU D 411 2.61 -22.61 35.37
N CYS D 412 2.50 -22.85 36.68
CA CYS D 412 1.20 -23.16 37.27
C CYS D 412 0.25 -21.97 37.16
N VAL D 413 0.75 -20.76 37.35
CA VAL D 413 -0.09 -19.57 37.21
C VAL D 413 -0.57 -19.44 35.76
N PHE D 414 0.31 -19.68 34.79
CA PHE D 414 -0.10 -19.64 33.40
C PHE D 414 -1.14 -20.71 33.10
N MET D 415 -0.97 -21.91 33.65
CA MET D 415 -1.93 -22.98 33.43
C MET D 415 -3.29 -22.62 34.02
N LEU D 416 -3.29 -22.00 35.19
CA LEU D 416 -4.55 -21.55 35.80
C LEU D 416 -5.23 -20.50 34.92
N ILE D 417 -4.45 -19.57 34.38
CA ILE D 417 -5.01 -18.55 33.48
C ILE D 417 -5.62 -19.21 32.26
N CYS D 418 -4.92 -20.19 31.68
CA CYS D 418 -5.43 -20.88 30.50
C CYS D 418 -6.71 -21.64 30.79
N ILE D 419 -6.77 -22.34 31.93
CA ILE D 419 -7.96 -23.14 32.20
C ILE D 419 -9.16 -22.26 32.54
N ILE D 420 -8.93 -21.15 33.24
CA ILE D 420 -10.08 -20.26 33.49
C ILE D 420 -10.52 -19.57 32.20
N GLY D 421 -9.57 -19.29 31.29
CA GLY D 421 -9.97 -18.74 30.00
C GLY D 421 -10.79 -19.71 29.18
N THR D 422 -10.39 -21.00 29.17
CA THR D 422 -11.16 -22.00 28.44
C THR D 422 -12.51 -22.26 29.10
N VAL D 423 -12.59 -22.12 30.43
CA VAL D 423 -13.88 -22.23 31.10
C VAL D 423 -14.79 -21.06 30.71
N SER D 424 -14.25 -19.83 30.70
CA SER D 424 -15.04 -18.68 30.32
C SER D 424 -15.45 -18.72 28.86
N VAL D 425 -14.66 -19.39 28.02
CA VAL D 425 -15.06 -19.59 26.63
C VAL D 425 -16.32 -20.46 26.55
N PHE D 426 -16.36 -21.53 27.34
CA PHE D 426 -17.52 -22.42 27.38
C PHE D 426 -18.75 -21.71 27.93
N ASN E 1 -23.54 12.23 -52.82
CA ASN E 1 -23.63 10.99 -52.06
C ASN E 1 -25.08 10.72 -51.64
N GLU E 2 -25.61 9.57 -52.07
CA GLU E 2 -27.00 9.23 -51.78
C GLU E 2 -27.21 8.85 -50.32
N GLU E 3 -26.15 8.51 -49.59
CA GLU E 3 -26.30 8.19 -48.18
C GLU E 3 -26.82 9.39 -47.39
N GLY E 4 -26.44 10.60 -47.79
CA GLY E 4 -26.96 11.78 -47.11
C GLY E 4 -28.47 11.92 -47.25
N ARG E 5 -28.97 11.76 -48.47
CA ARG E 5 -30.40 11.84 -48.70
C ARG E 5 -31.12 10.72 -47.96
N LEU E 6 -30.55 9.51 -47.98
CA LEU E 6 -31.20 8.39 -47.31
C LEU E 6 -31.28 8.59 -45.80
N ILE E 7 -30.18 9.05 -45.18
CA ILE E 7 -30.17 9.22 -43.74
C ILE E 7 -31.05 10.39 -43.32
N GLU E 8 -31.04 11.47 -44.10
CA GLU E 8 -31.96 12.58 -43.80
C GLU E 8 -33.41 12.16 -43.96
N LYS E 9 -33.69 11.23 -44.88
CA LYS E 9 -35.06 10.73 -44.99
C LYS E 9 -35.42 9.85 -43.80
N LEU E 10 -34.49 9.01 -43.34
CA LEU E 10 -34.81 8.06 -42.27
C LEU E 10 -35.03 8.76 -40.94
N LEU E 11 -34.15 9.68 -40.58
CA LEU E 11 -34.19 10.32 -39.26
C LEU E 11 -34.96 11.63 -39.27
N GLY E 12 -35.66 11.95 -40.36
CA GLY E 12 -36.39 13.21 -40.43
C GLY E 12 -37.53 13.28 -39.45
N ASP E 13 -38.25 12.19 -39.27
CA ASP E 13 -39.39 12.11 -38.37
C ASP E 13 -39.25 10.95 -37.40
N TYR E 14 -38.02 10.73 -36.93
CA TYR E 14 -37.67 9.60 -36.08
C TYR E 14 -37.30 10.12 -34.71
N ASP E 15 -37.83 9.49 -33.67
CA ASP E 15 -37.49 9.84 -32.30
C ASP E 15 -37.03 8.59 -31.56
N LYS E 16 -35.95 8.73 -30.81
CA LYS E 16 -35.27 7.60 -30.19
C LYS E 16 -35.90 7.19 -28.86
N ARG E 17 -36.97 7.85 -28.44
CA ARG E 17 -37.59 7.56 -27.16
C ARG E 17 -38.70 6.53 -27.25
N ILE E 18 -38.97 5.97 -28.42
CA ILE E 18 -40.12 5.10 -28.64
C ILE E 18 -39.63 3.74 -29.08
N ILE E 19 -40.08 2.70 -28.37
CA ILE E 19 -39.80 1.32 -28.78
C ILE E 19 -40.52 1.04 -30.10
N PRO E 20 -39.85 0.44 -31.09
CA PRO E 20 -40.44 0.31 -32.43
C PRO E 20 -41.36 -0.90 -32.56
N ALA E 21 -42.46 -0.90 -31.82
CA ALA E 21 -43.47 -1.93 -31.95
C ALA E 21 -44.46 -1.53 -33.04
N LYS E 22 -44.74 -2.46 -33.96
CA LYS E 22 -45.65 -2.15 -35.06
C LYS E 22 -47.06 -1.90 -34.56
N THR E 23 -47.58 -2.81 -33.75
CA THR E 23 -48.90 -2.66 -33.18
C THR E 23 -48.86 -2.90 -31.67
N LEU E 24 -50.02 -2.93 -31.04
CA LEU E 24 -50.09 -3.30 -29.64
C LEU E 24 -49.74 -4.76 -29.46
N ASP E 25 -49.11 -5.07 -28.32
CA ASP E 25 -48.69 -6.42 -27.96
C ASP E 25 -47.68 -7.00 -28.94
N HIS E 26 -46.93 -6.15 -29.63
CA HIS E 26 -45.85 -6.59 -30.50
C HIS E 26 -44.55 -6.58 -29.70
N ILE E 27 -43.86 -7.71 -29.65
CA ILE E 27 -42.66 -7.87 -28.84
C ILE E 27 -41.45 -7.83 -29.76
N ILE E 28 -40.49 -6.98 -29.42
CA ILE E 28 -39.28 -6.83 -30.22
C ILE E 28 -38.29 -7.90 -29.80
N ASP E 29 -37.89 -8.74 -30.75
CA ASP E 29 -36.93 -9.80 -30.47
C ASP E 29 -35.52 -9.22 -30.51
N VAL E 30 -34.80 -9.35 -29.41
CA VAL E 30 -33.43 -8.86 -29.32
C VAL E 30 -32.53 -10.06 -29.09
N THR E 31 -31.58 -10.26 -30.00
CA THR E 31 -30.65 -11.38 -29.93
C THR E 31 -29.27 -10.90 -29.52
N LEU E 32 -28.62 -11.67 -28.66
CA LEU E 32 -27.31 -11.30 -28.13
C LEU E 32 -26.27 -12.36 -28.47
N LYS E 33 -25.06 -11.92 -28.73
CA LYS E 33 -23.89 -12.78 -28.84
C LYS E 33 -22.72 -12.06 -28.19
N LEU E 34 -21.82 -12.83 -27.59
CA LEU E 34 -20.66 -12.26 -26.93
C LEU E 34 -19.40 -12.79 -27.60
N THR E 35 -18.46 -11.89 -27.88
CA THR E 35 -17.18 -12.24 -28.49
C THR E 35 -16.08 -11.83 -27.53
N LEU E 36 -15.49 -12.80 -26.85
CA LEU E 36 -14.46 -12.53 -25.86
C LEU E 36 -13.13 -12.30 -26.58
N THR E 37 -12.74 -11.03 -26.72
CA THR E 37 -11.46 -10.72 -27.35
C THR E 37 -10.29 -11.06 -26.44
N ASN E 38 -10.39 -10.70 -25.17
CA ASN E 38 -9.27 -10.90 -24.24
C ASN E 38 -9.81 -10.89 -22.83
N LEU E 39 -9.54 -11.95 -22.08
CA LEU E 39 -9.85 -11.97 -20.65
C LEU E 39 -8.71 -11.24 -19.95
N ILE E 40 -8.98 -10.00 -19.52
CA ILE E 40 -7.90 -9.14 -19.04
C ILE E 40 -7.39 -9.62 -17.70
N SER E 41 -8.26 -9.64 -16.69
CA SER E 41 -7.82 -10.02 -15.35
C SER E 41 -9.03 -10.46 -14.54
N LEU E 42 -8.74 -11.17 -13.45
CA LEU E 42 -9.73 -11.54 -12.44
C LEU E 42 -9.16 -11.08 -11.11
N ASN E 43 -9.51 -9.85 -10.71
CA ASN E 43 -9.00 -9.27 -9.48
C ASN E 43 -9.75 -9.91 -8.32
N GLU E 44 -9.04 -10.70 -7.51
CA GLU E 44 -9.68 -11.39 -6.40
C GLU E 44 -10.08 -10.43 -5.29
N LYS E 45 -9.34 -9.32 -5.13
CA LYS E 45 -9.56 -8.44 -3.99
C LYS E 45 -10.96 -7.82 -4.02
N GLU E 46 -11.42 -7.38 -5.18
CA GLU E 46 -12.76 -6.83 -5.32
C GLU E 46 -13.71 -7.77 -6.04
N GLU E 47 -13.28 -9.01 -6.30
CA GLU E 47 -14.11 -10.04 -6.94
C GLU E 47 -14.68 -9.56 -8.27
N ALA E 48 -13.85 -8.88 -9.05
CA ALA E 48 -14.26 -8.31 -10.32
C ALA E 48 -13.55 -9.01 -11.46
N LEU E 49 -14.30 -9.35 -12.50
CA LEU E 49 -13.76 -9.97 -13.70
C LEU E 49 -13.77 -8.93 -14.82
N THR E 50 -12.59 -8.52 -15.27
CA THR E 50 -12.45 -7.55 -16.33
C THR E 50 -12.25 -8.28 -17.65
N THR E 51 -13.17 -8.10 -18.59
CA THR E 51 -13.09 -8.72 -19.89
C THR E 51 -13.27 -7.68 -20.98
N ASN E 52 -12.50 -7.81 -22.05
CA ASN E 52 -12.63 -6.97 -23.23
C ASN E 52 -13.42 -7.75 -24.27
N VAL E 53 -14.70 -7.39 -24.44
CA VAL E 53 -15.61 -8.17 -25.26
C VAL E 53 -16.27 -7.26 -26.30
N TRP E 54 -16.75 -7.89 -27.37
CA TRP E 54 -17.63 -7.25 -28.34
C TRP E 54 -19.00 -7.87 -28.20
N ILE E 55 -19.98 -7.09 -27.78
CA ILE E 55 -21.33 -7.59 -27.59
C ILE E 55 -22.13 -7.26 -28.84
N GLU E 56 -22.72 -8.29 -29.45
CA GLU E 56 -23.50 -8.12 -30.66
C GLU E 56 -24.98 -8.14 -30.31
N ILE E 57 -25.67 -7.06 -30.63
CA ILE E 57 -27.09 -6.89 -30.34
C ILE E 57 -27.80 -6.71 -31.66
N GLN E 58 -28.83 -7.51 -31.90
CA GLN E 58 -29.61 -7.42 -33.13
C GLN E 58 -31.09 -7.34 -32.80
N TRP E 59 -31.78 -6.39 -33.41
CA TRP E 59 -33.22 -6.28 -33.31
C TRP E 59 -33.74 -5.79 -34.66
N ASN E 60 -35.04 -5.53 -34.72
CA ASN E 60 -35.66 -5.07 -35.96
C ASN E 60 -36.43 -3.79 -35.67
N ASP E 61 -36.17 -2.76 -36.48
CA ASP E 61 -36.83 -1.46 -36.35
C ASP E 61 -37.50 -1.16 -37.68
N TYR E 62 -38.82 -1.26 -37.72
CA TYR E 62 -39.56 -1.09 -38.96
C TYR E 62 -39.49 0.34 -39.49
N ARG E 63 -39.19 1.32 -38.63
CA ARG E 63 -39.09 2.69 -39.08
C ARG E 63 -37.84 2.95 -39.92
N LEU E 64 -36.87 2.04 -39.88
CA LEU E 64 -35.58 2.21 -40.54
C LEU E 64 -35.45 1.33 -41.77
N SER E 65 -36.52 1.21 -42.54
CA SER E 65 -36.53 0.42 -43.76
C SER E 65 -36.66 1.34 -44.97
N TRP E 66 -36.05 0.91 -46.08
CA TRP E 66 -36.12 1.67 -47.33
C TRP E 66 -35.97 0.71 -48.50
N ASN E 67 -36.33 1.20 -49.68
CA ASN E 67 -36.24 0.43 -50.90
C ASN E 67 -34.94 0.78 -51.62
N THR E 68 -34.12 -0.24 -51.90
CA THR E 68 -32.79 0.02 -52.45
C THR E 68 -32.84 0.56 -53.87
N SER E 69 -33.91 0.26 -54.61
CA SER E 69 -34.00 0.74 -55.98
C SER E 69 -34.12 2.25 -56.08
N GLU E 70 -34.60 2.91 -55.02
CA GLU E 70 -34.76 4.35 -55.01
C GLU E 70 -33.56 5.09 -54.44
N TYR E 71 -32.51 4.39 -54.06
CA TYR E 71 -31.34 5.02 -53.47
C TYR E 71 -30.06 4.45 -54.06
N GLU E 72 -30.09 4.11 -55.35
CA GLU E 72 -28.91 3.69 -56.11
C GLU E 72 -28.24 2.47 -55.50
N GLY E 73 -29.04 1.48 -55.12
CA GLY E 73 -28.49 0.20 -54.70
C GLY E 73 -27.82 0.21 -53.34
N ILE E 74 -28.08 1.20 -52.51
CA ILE E 74 -27.51 1.23 -51.17
C ILE E 74 -28.36 0.32 -50.28
N ASP E 75 -27.72 -0.67 -49.66
CA ASP E 75 -28.41 -1.58 -48.77
C ASP E 75 -27.83 -1.60 -47.37
N LEU E 76 -26.86 -0.76 -47.08
CA LEU E 76 -26.26 -0.73 -45.75
C LEU E 76 -25.81 0.70 -45.47
N VAL E 77 -26.16 1.21 -44.29
CA VAL E 77 -25.73 2.52 -43.82
C VAL E 77 -25.25 2.37 -42.39
N ARG E 78 -24.46 3.35 -41.96
CA ARG E 78 -23.98 3.42 -40.59
C ARG E 78 -24.53 4.68 -39.96
N ILE E 79 -25.23 4.55 -38.85
CA ILE E 79 -25.83 5.67 -38.12
C ILE E 79 -25.26 5.65 -36.71
N PRO E 80 -24.85 6.78 -36.16
CA PRO E 80 -24.37 6.78 -34.77
C PRO E 80 -25.45 6.30 -33.82
N SER E 81 -25.04 5.54 -32.80
CA SER E 81 -25.99 4.92 -31.89
C SER E 81 -26.74 5.94 -31.05
N GLU E 82 -26.20 7.14 -30.89
CA GLU E 82 -26.87 8.15 -30.09
C GLU E 82 -28.13 8.69 -30.76
N LEU E 83 -28.26 8.52 -32.07
CA LEU E 83 -29.41 9.02 -32.82
C LEU E 83 -30.51 7.99 -32.98
N LEU E 84 -30.33 6.78 -32.49
CA LEU E 84 -31.26 5.69 -32.74
C LEU E 84 -31.78 5.13 -31.42
N TRP E 85 -32.94 4.48 -31.51
CA TRP E 85 -33.47 3.74 -30.38
C TRP E 85 -32.58 2.54 -30.09
N LEU E 86 -32.37 2.26 -28.81
CA LEU E 86 -31.60 1.11 -28.39
C LEU E 86 -32.41 0.29 -27.40
N PRO E 87 -32.20 -1.03 -27.38
CA PRO E 87 -32.91 -1.86 -26.40
C PRO E 87 -32.38 -1.73 -24.99
N ASP E 88 -31.35 -0.90 -24.76
CA ASP E 88 -30.81 -0.64 -23.43
C ASP E 88 -30.34 -1.92 -22.75
N VAL E 89 -29.69 -2.80 -23.50
CA VAL E 89 -29.13 -4.03 -22.95
C VAL E 89 -27.89 -3.65 -22.17
N VAL E 90 -27.93 -3.86 -20.85
CA VAL E 90 -26.84 -3.46 -19.96
C VAL E 90 -26.35 -4.70 -19.21
N LEU E 91 -25.23 -4.53 -18.51
CA LEU E 91 -24.67 -5.58 -17.68
C LEU E 91 -25.18 -5.36 -16.25
N GLU E 92 -26.17 -6.15 -15.85
CA GLU E 92 -26.74 -6.00 -14.51
C GLU E 92 -25.82 -6.49 -13.42
N ASN E 93 -24.69 -7.10 -13.77
CA ASN E 93 -23.80 -7.74 -12.83
C ASN E 93 -22.53 -6.94 -12.61
N ASN E 94 -22.58 -5.62 -12.82
CA ASN E 94 -21.36 -4.83 -12.77
C ASN E 94 -20.92 -4.57 -11.34
N VAL E 95 -19.62 -4.27 -11.19
CA VAL E 95 -19.07 -3.90 -9.89
C VAL E 95 -19.08 -2.40 -9.66
N ASP E 96 -19.40 -1.61 -10.67
CA ASP E 96 -19.39 -0.16 -10.58
C ASP E 96 -20.61 0.37 -11.33
N GLY E 97 -20.62 1.67 -11.58
CA GLY E 97 -21.77 2.26 -12.24
C GLY E 97 -21.80 2.09 -13.74
N GLN E 98 -20.86 1.34 -14.30
CA GLN E 98 -20.78 1.18 -15.75
C GLN E 98 -21.75 0.10 -16.20
N PHE E 99 -22.94 0.52 -16.62
CA PHE E 99 -23.93 -0.39 -17.17
C PHE E 99 -23.82 -0.51 -18.69
N GLU E 100 -23.71 0.63 -19.37
CA GLU E 100 -23.73 0.67 -20.82
C GLU E 100 -22.37 0.30 -21.39
N VAL E 101 -22.30 0.25 -22.72
CA VAL E 101 -21.05 -0.07 -23.39
C VAL E 101 -20.13 1.15 -23.36
N ALA E 102 -18.84 0.89 -23.58
CA ALA E 102 -17.84 1.94 -23.40
C ALA E 102 -17.83 2.94 -24.55
N TYR E 103 -18.01 2.48 -25.79
CA TYR E 103 -17.70 3.31 -26.95
C TYR E 103 -18.91 3.89 -27.66
N TYR E 104 -20.03 3.17 -27.74
CA TYR E 104 -21.20 3.58 -28.52
C TYR E 104 -20.85 3.77 -30.00
N ALA E 105 -20.48 2.65 -30.62
CA ALA E 105 -20.13 2.63 -32.03
C ALA E 105 -21.37 2.84 -32.90
N ASN E 106 -21.14 2.91 -34.20
CA ASN E 106 -22.25 3.06 -35.14
C ASN E 106 -23.06 1.77 -35.21
N VAL E 107 -24.27 1.89 -35.74
CA VAL E 107 -25.20 0.78 -35.88
C VAL E 107 -25.40 0.51 -37.37
N LEU E 108 -25.18 -0.72 -37.78
CA LEU E 108 -25.37 -1.11 -39.17
C LEU E 108 -26.85 -1.33 -39.42
N VAL E 109 -27.42 -0.56 -40.34
CA VAL E 109 -28.84 -0.59 -40.64
C VAL E 109 -29.03 -1.10 -42.06
N TYR E 110 -29.77 -2.19 -42.20
CA TYR E 110 -30.04 -2.79 -43.50
C TYR E 110 -31.39 -2.32 -44.01
N ASN E 111 -31.61 -2.52 -45.32
CA ASN E 111 -32.81 -1.98 -45.96
C ASN E 111 -34.09 -2.64 -45.48
N ASP E 112 -33.99 -3.82 -44.89
CA ASP E 112 -35.16 -4.51 -44.35
C ASP E 112 -35.44 -4.12 -42.90
N GLY E 113 -34.71 -3.16 -42.37
CA GLY E 113 -34.89 -2.72 -41.00
C GLY E 113 -34.10 -3.47 -39.97
N SER E 114 -33.28 -4.44 -40.38
CA SER E 114 -32.46 -5.19 -39.43
C SER E 114 -31.38 -4.27 -38.87
N MET E 115 -31.17 -4.36 -37.56
CA MET E 115 -30.16 -3.58 -36.87
C MET E 115 -29.06 -4.50 -36.38
N TYR E 116 -27.82 -4.08 -36.57
CA TYR E 116 -26.64 -4.87 -36.19
C TYR E 116 -25.69 -3.93 -35.46
N TRP E 117 -25.72 -3.95 -34.13
CA TRP E 117 -24.90 -3.07 -33.32
C TRP E 117 -23.86 -3.93 -32.60
N LEU E 118 -22.59 -3.60 -32.80
CA LEU E 118 -21.48 -4.36 -32.24
C LEU E 118 -20.49 -3.38 -31.60
N PRO E 119 -20.79 -2.89 -30.41
CA PRO E 119 -19.87 -1.96 -29.76
C PRO E 119 -18.85 -2.70 -28.91
N PRO E 120 -17.63 -2.21 -28.82
CA PRO E 120 -16.66 -2.77 -27.89
C PRO E 120 -17.02 -2.37 -26.47
N ALA E 121 -16.56 -3.17 -25.51
CA ALA E 121 -16.88 -2.90 -24.13
C ALA E 121 -15.84 -3.54 -23.23
N ILE E 122 -15.56 -2.89 -22.11
CA ILE E 122 -14.74 -3.44 -21.05
C ILE E 122 -15.64 -3.59 -19.84
N TYR E 123 -15.98 -4.84 -19.52
CA TYR E 123 -16.97 -5.14 -18.49
C TYR E 123 -16.28 -5.62 -17.23
N ARG E 124 -16.66 -5.04 -16.11
CA ARG E 124 -16.17 -5.46 -14.79
C ARG E 124 -17.36 -6.06 -14.06
N SER E 125 -17.47 -7.39 -14.07
CA SER E 125 -18.61 -8.10 -13.54
C SER E 125 -18.24 -8.83 -12.26
N THR E 126 -19.13 -8.80 -11.28
CA THR E 126 -18.89 -9.48 -10.02
C THR E 126 -19.01 -10.98 -10.20
N CYS E 127 -18.15 -11.71 -9.52
CA CYS E 127 -18.34 -13.15 -9.33
C CYS E 127 -17.62 -13.56 -8.06
N PRO E 128 -18.31 -14.17 -7.10
CA PRO E 128 -17.65 -14.63 -5.89
C PRO E 128 -16.63 -15.71 -6.21
N ILE E 129 -15.48 -15.64 -5.54
CA ILE E 129 -14.39 -16.56 -5.79
C ILE E 129 -14.47 -17.72 -4.81
N ALA E 130 -14.52 -18.94 -5.34
CA ALA E 130 -14.48 -20.14 -4.51
C ALA E 130 -13.03 -20.39 -4.14
N VAL E 131 -12.66 -20.02 -2.92
CA VAL E 131 -11.27 -20.09 -2.49
C VAL E 131 -10.94 -21.46 -1.93
N THR E 132 -11.89 -22.39 -1.99
CA THR E 132 -11.77 -23.65 -1.27
C THR E 132 -10.55 -24.46 -1.69
N TYR E 133 -10.13 -24.35 -2.95
CA TYR E 133 -9.02 -25.12 -3.46
C TYR E 133 -7.97 -24.22 -4.09
N PHE E 134 -7.74 -23.05 -3.52
CA PHE E 134 -6.71 -22.16 -4.01
C PHE E 134 -5.33 -22.79 -3.79
N PRO E 135 -4.40 -22.64 -4.74
CA PRO E 135 -4.47 -21.98 -6.04
C PRO E 135 -4.87 -22.89 -7.19
N PHE E 136 -5.24 -24.14 -6.94
CA PHE E 136 -5.63 -25.06 -7.97
C PHE E 136 -7.11 -24.94 -8.34
N ASP E 137 -7.72 -23.81 -8.03
CA ASP E 137 -9.16 -23.65 -8.13
C ASP E 137 -9.60 -23.33 -9.56
N TRP E 138 -10.90 -23.49 -9.79
CA TRP E 138 -11.56 -23.07 -11.01
C TRP E 138 -12.73 -22.19 -10.62
N GLN E 139 -12.89 -21.06 -11.31
CA GLN E 139 -13.89 -20.06 -10.95
C GLN E 139 -15.05 -20.12 -11.93
N ASN E 140 -16.26 -20.10 -11.39
CA ASN E 140 -17.48 -20.11 -12.19
C ASN E 140 -18.04 -18.69 -12.23
N CYS E 141 -17.36 -17.85 -13.01
CA CYS E 141 -17.77 -16.46 -13.17
C CYS E 141 -18.75 -16.32 -14.33
N SER E 142 -19.56 -15.26 -14.29
CA SER E 142 -20.62 -15.12 -15.27
C SER E 142 -20.93 -13.64 -15.49
N LEU E 143 -21.53 -13.36 -16.64
CA LEU E 143 -21.99 -12.02 -16.99
C LEU E 143 -23.49 -12.09 -17.25
N VAL E 144 -24.25 -11.21 -16.60
CA VAL E 144 -25.71 -11.21 -16.70
C VAL E 144 -26.13 -9.98 -17.47
N PHE E 145 -26.86 -10.18 -18.56
CA PHE E 145 -27.35 -9.09 -19.40
C PHE E 145 -28.87 -9.04 -19.30
N ARG E 146 -29.39 -7.88 -18.93
CA ARG E 146 -30.83 -7.66 -18.86
C ARG E 146 -31.15 -6.31 -19.48
N SER E 147 -32.38 -6.19 -19.97
CA SER E 147 -32.87 -4.90 -20.43
C SER E 147 -33.14 -4.02 -19.21
N GLN E 148 -32.45 -2.89 -19.13
CA GLN E 148 -32.55 -2.04 -17.95
C GLN E 148 -33.92 -1.38 -17.84
N THR E 149 -34.61 -1.20 -18.95
CA THR E 149 -35.86 -0.47 -18.96
C THR E 149 -37.06 -1.32 -19.35
N TYR E 150 -36.95 -2.10 -20.43
CA TYR E 150 -38.11 -2.82 -20.94
C TYR E 150 -38.24 -4.18 -20.26
N ASN E 151 -39.46 -4.70 -20.28
CA ASN E 151 -39.79 -5.97 -19.65
C ASN E 151 -40.13 -7.01 -20.72
N ALA E 152 -40.51 -8.22 -20.26
CA ALA E 152 -40.76 -9.32 -21.17
C ALA E 152 -41.98 -9.10 -22.06
N HIS E 153 -42.89 -8.22 -21.66
CA HIS E 153 -44.03 -7.89 -22.51
C HIS E 153 -43.66 -6.94 -23.64
N GLU E 154 -42.47 -6.34 -23.61
CA GLU E 154 -42.05 -5.37 -24.61
C GLU E 154 -40.88 -5.85 -25.46
N VAL E 155 -39.88 -6.48 -24.84
CA VAL E 155 -38.76 -7.08 -25.57
C VAL E 155 -38.65 -8.53 -25.17
N ASN E 156 -37.97 -9.29 -26.02
CA ASN E 156 -37.79 -10.73 -25.82
C ASN E 156 -36.31 -11.05 -26.05
N LEU E 157 -35.53 -11.09 -24.98
CA LEU E 157 -34.13 -11.41 -25.09
C LEU E 157 -33.96 -12.86 -25.54
N GLN E 158 -33.04 -13.08 -26.47
CA GLN E 158 -32.79 -14.41 -27.02
C GLN E 158 -31.32 -14.50 -27.37
N LEU E 159 -30.86 -15.72 -27.60
CA LEU E 159 -29.53 -15.95 -28.13
C LEU E 159 -29.59 -16.00 -29.65
N SER E 160 -28.54 -15.48 -30.29
CA SER E 160 -28.53 -15.36 -31.74
C SER E 160 -28.46 -16.75 -32.39
N ALA E 161 -28.83 -16.80 -33.66
CA ALA E 161 -28.82 -18.02 -34.43
C ALA E 161 -27.95 -17.83 -35.67
N GLU E 162 -27.06 -18.79 -35.93
CA GLU E 162 -26.14 -18.71 -37.06
C GLU E 162 -26.68 -19.42 -38.29
N GLU E 163 -26.95 -20.72 -38.18
CA GLU E 163 -27.43 -21.53 -39.29
C GLU E 163 -28.70 -22.26 -38.89
N GLY E 164 -29.63 -21.56 -38.27
CA GLY E 164 -30.85 -22.16 -37.80
C GLY E 164 -30.79 -22.74 -36.41
N GLU E 165 -29.63 -22.74 -35.78
CA GLU E 165 -29.47 -23.25 -34.43
C GLU E 165 -28.94 -22.13 -33.53
N ALA E 166 -29.30 -22.19 -32.26
CA ALA E 166 -28.87 -21.17 -31.31
C ALA E 166 -27.38 -21.27 -31.05
N VAL E 167 -26.78 -20.13 -30.71
CA VAL E 167 -25.34 -20.11 -30.46
C VAL E 167 -25.04 -20.80 -29.15
N GLU E 168 -25.53 -20.25 -28.03
CA GLU E 168 -25.42 -20.85 -26.70
C GLU E 168 -23.97 -21.03 -26.24
N TRP E 169 -23.06 -20.17 -26.70
CA TRP E 169 -21.71 -20.14 -26.14
C TRP E 169 -21.11 -18.77 -26.42
N ILE E 170 -20.03 -18.47 -25.69
CA ILE E 170 -19.27 -17.25 -25.92
C ILE E 170 -18.40 -17.46 -27.15
N HIS E 171 -18.71 -16.76 -28.23
CA HIS E 171 -17.93 -16.87 -29.45
C HIS E 171 -16.52 -16.36 -29.23
N ILE E 172 -15.55 -17.06 -29.80
CA ILE E 172 -14.15 -16.66 -29.76
C ILE E 172 -13.65 -16.61 -31.20
N ASP E 173 -13.32 -15.42 -31.66
CA ASP E 173 -12.80 -15.25 -33.01
C ASP E 173 -11.33 -15.65 -33.03
N PRO E 174 -10.92 -16.52 -33.96
CA PRO E 174 -9.49 -16.87 -34.06
C PRO E 174 -8.59 -15.67 -34.31
N GLU E 175 -9.06 -14.70 -35.09
CA GLU E 175 -8.36 -13.44 -35.21
C GLU E 175 -8.65 -12.56 -34.00
N ASP E 176 -7.62 -11.88 -33.52
CA ASP E 176 -7.73 -10.96 -32.38
C ASP E 176 -8.27 -11.67 -31.13
N PHE E 177 -7.50 -12.64 -30.66
CA PHE E 177 -7.78 -13.27 -29.38
C PHE E 177 -6.44 -13.63 -28.73
N THR E 178 -6.29 -13.27 -27.46
CA THR E 178 -5.07 -13.51 -26.72
C THR E 178 -5.38 -14.31 -25.46
N GLU E 179 -4.62 -15.37 -25.24
CA GLU E 179 -4.77 -16.16 -24.02
C GLU E 179 -4.31 -15.34 -22.82
N ASN E 180 -5.01 -15.51 -21.70
CA ASN E 180 -4.70 -14.71 -20.51
C ASN E 180 -3.34 -15.10 -19.92
N GLY E 181 -2.99 -16.37 -19.99
CA GLY E 181 -1.75 -16.85 -19.44
C GLY E 181 -1.83 -17.32 -18.01
N GLU E 182 -2.86 -16.91 -17.28
CA GLU E 182 -3.14 -17.42 -15.95
C GLU E 182 -4.44 -18.19 -15.85
N TRP E 183 -5.43 -17.87 -16.69
CA TRP E 183 -6.72 -18.52 -16.68
C TRP E 183 -6.95 -19.19 -18.02
N THR E 184 -7.43 -20.43 -17.99
CA THR E 184 -7.74 -21.20 -19.19
C THR E 184 -9.24 -21.41 -19.26
N ILE E 185 -9.83 -21.08 -20.41
CA ILE E 185 -11.28 -21.16 -20.57
C ILE E 185 -11.69 -22.59 -20.87
N ARG E 186 -12.02 -23.35 -19.84
CA ARG E 186 -12.44 -24.73 -20.03
C ARG E 186 -13.83 -24.80 -20.66
N HIS E 187 -14.78 -24.04 -20.14
CA HIS E 187 -16.13 -24.03 -20.68
C HIS E 187 -16.62 -22.61 -20.79
N ARG E 188 -17.46 -22.36 -21.80
CA ARG E 188 -18.07 -21.05 -22.00
C ARG E 188 -19.51 -21.22 -22.46
N PRO E 189 -20.38 -21.73 -21.60
CA PRO E 189 -21.78 -21.92 -22.00
C PRO E 189 -22.56 -20.62 -21.90
N ALA E 190 -23.74 -20.62 -22.53
CA ALA E 190 -24.63 -19.48 -22.48
C ALA E 190 -26.06 -19.97 -22.59
N LYS E 191 -26.95 -19.38 -21.80
CA LYS E 191 -28.36 -19.73 -21.86
C LYS E 191 -29.17 -18.58 -21.31
N LYS E 192 -30.45 -18.56 -21.69
CA LYS E 192 -31.39 -17.56 -21.20
C LYS E 192 -32.02 -18.07 -19.92
N ASN E 193 -31.96 -17.27 -18.87
CA ASN E 193 -32.45 -17.65 -17.56
C ASN E 193 -33.67 -16.82 -17.21
N TYR E 194 -34.67 -17.46 -16.60
CA TYR E 194 -35.85 -16.78 -16.11
C TYR E 194 -35.81 -16.75 -14.59
N ASN E 195 -36.20 -15.62 -14.01
CA ASN E 195 -36.34 -15.48 -12.57
C ASN E 195 -37.82 -15.61 -12.24
N TRP E 196 -38.22 -16.81 -11.81
CA TRP E 196 -39.64 -17.11 -11.67
C TRP E 196 -40.27 -16.48 -10.43
N GLN E 197 -39.48 -15.87 -9.55
CA GLN E 197 -40.07 -15.14 -8.43
C GLN E 197 -40.82 -13.90 -8.91
N LEU E 198 -40.41 -13.33 -10.03
CA LEU E 198 -41.04 -12.16 -10.60
C LEU E 198 -41.99 -12.56 -11.72
N THR E 199 -42.84 -11.63 -12.11
CA THR E 199 -43.76 -11.83 -13.21
C THR E 199 -43.14 -11.30 -14.51
N LYS E 200 -43.78 -11.62 -15.62
CA LYS E 200 -43.26 -11.23 -16.92
C LYS E 200 -43.58 -9.80 -17.30
N ASP E 201 -44.11 -9.01 -16.37
CA ASP E 201 -44.24 -7.57 -16.56
C ASP E 201 -43.19 -6.79 -15.77
N ASP E 202 -42.16 -7.45 -15.28
CA ASP E 202 -41.06 -6.81 -14.57
C ASP E 202 -39.82 -6.81 -15.44
N THR E 203 -38.96 -5.82 -15.22
CA THR E 203 -37.78 -5.65 -16.07
C THR E 203 -36.78 -6.78 -15.87
N ASP E 204 -36.61 -7.26 -14.63
CA ASP E 204 -35.62 -8.27 -14.31
C ASP E 204 -36.15 -9.69 -14.44
N PHE E 205 -37.21 -9.89 -15.22
CA PHE E 205 -37.79 -11.22 -15.34
C PHE E 205 -36.92 -12.13 -16.20
N GLN E 206 -36.36 -11.61 -17.28
CA GLN E 206 -35.56 -12.39 -18.22
C GLN E 206 -34.13 -11.89 -18.24
N GLU E 207 -33.19 -12.84 -18.28
CA GLU E 207 -31.77 -12.53 -18.34
C GLU E 207 -31.12 -13.42 -19.38
N ILE E 208 -29.94 -13.01 -19.83
CA ILE E 208 -29.07 -13.84 -20.66
C ILE E 208 -27.70 -13.87 -20.00
N ILE E 209 -27.24 -15.08 -19.67
CA ILE E 209 -26.04 -15.26 -18.85
C ILE E 209 -24.99 -15.95 -19.68
N PHE E 210 -23.80 -15.36 -19.76
CA PHE E 210 -22.64 -15.96 -20.39
C PHE E 210 -21.70 -16.43 -19.28
N PHE E 211 -21.56 -17.74 -19.14
CA PHE E 211 -20.70 -18.29 -18.11
C PHE E 211 -19.27 -18.44 -18.63
N LEU E 212 -18.33 -18.47 -17.69
CA LEU E 212 -16.90 -18.66 -18.00
C LEU E 212 -16.33 -19.54 -16.91
N ILE E 213 -16.11 -20.82 -17.24
CA ILE E 213 -15.50 -21.77 -16.32
C ILE E 213 -14.00 -21.70 -16.58
N ILE E 214 -13.32 -20.81 -15.86
CA ILE E 214 -11.90 -20.58 -16.05
C ILE E 214 -11.13 -21.32 -14.98
N GLN E 215 -10.08 -22.03 -15.37
CA GLN E 215 -9.23 -22.78 -14.46
C GLN E 215 -7.88 -22.09 -14.35
N ARG E 216 -7.44 -21.84 -13.12
CA ARG E 216 -6.16 -21.18 -12.91
C ARG E 216 -5.02 -22.14 -13.24
N LYS E 217 -3.96 -21.60 -13.84
CA LYS E 217 -2.75 -22.37 -14.10
C LYS E 217 -1.84 -22.21 -12.91
N PRO E 218 -1.59 -23.25 -12.12
CA PRO E 218 -0.94 -23.09 -10.82
C PRO E 218 0.58 -23.20 -10.82
N LEU E 219 1.23 -23.21 -11.98
CA LEU E 219 2.69 -23.37 -12.00
C LEU E 219 3.40 -22.20 -11.35
N PHE E 220 2.92 -20.98 -11.60
CA PHE E 220 3.52 -19.79 -10.99
C PHE E 220 3.40 -19.84 -9.47
N TYR E 221 2.21 -20.17 -8.97
CA TYR E 221 2.00 -20.22 -7.53
C TYR E 221 2.78 -21.37 -6.90
N ILE E 222 2.90 -22.49 -7.60
CA ILE E 222 3.68 -23.61 -7.08
C ILE E 222 5.14 -23.22 -6.94
N ILE E 223 5.71 -22.60 -7.98
CA ILE E 223 7.14 -22.30 -7.94
C ILE E 223 7.43 -21.16 -6.97
N ASN E 224 6.58 -20.15 -6.92
CA ASN E 224 6.89 -18.95 -6.16
C ASN E 224 6.37 -18.97 -4.73
N ILE E 225 5.37 -19.78 -4.40
CA ILE E 225 4.77 -19.73 -3.07
C ILE E 225 4.77 -21.10 -2.41
N ILE E 226 4.18 -22.08 -3.10
CA ILE E 226 3.94 -23.39 -2.48
C ILE E 226 5.24 -24.11 -2.20
N ALA E 227 6.13 -24.17 -3.20
CA ALA E 227 7.39 -24.90 -3.02
C ALA E 227 8.30 -24.26 -1.97
N PRO E 228 8.53 -22.94 -1.92
CA PRO E 228 9.30 -22.40 -0.80
C PRO E 228 8.62 -22.63 0.55
N CYS E 229 7.30 -22.58 0.61
CA CYS E 229 6.61 -22.84 1.87
C CYS E 229 6.80 -24.27 2.32
N VAL E 230 6.77 -25.23 1.39
CA VAL E 230 6.98 -26.63 1.76
C VAL E 230 8.43 -26.87 2.15
N LEU E 231 9.37 -26.29 1.42
CA LEU E 231 10.79 -26.50 1.74
C LEU E 231 11.13 -25.88 3.09
N ILE E 232 10.57 -24.72 3.40
CA ILE E 232 10.83 -24.10 4.70
C ILE E 232 10.16 -24.88 5.81
N SER E 233 8.92 -25.32 5.60
CA SER E 233 8.19 -26.03 6.64
C SER E 233 8.72 -27.44 6.87
N SER E 234 9.62 -27.94 6.04
CA SER E 234 10.24 -29.22 6.29
C SER E 234 11.47 -29.13 7.17
N LEU E 235 11.89 -27.91 7.52
CA LEU E 235 13.06 -27.73 8.36
C LEU E 235 12.78 -28.00 9.83
N VAL E 236 11.51 -27.96 10.25
CA VAL E 236 11.20 -28.29 11.64
C VAL E 236 11.44 -29.76 11.92
N VAL E 237 11.50 -30.60 10.88
CA VAL E 237 11.89 -31.98 11.08
C VAL E 237 13.35 -32.07 11.51
N LEU E 238 14.18 -31.13 11.07
CA LEU E 238 15.60 -31.16 11.36
C LEU E 238 15.94 -30.78 12.80
N VAL E 239 14.99 -30.24 13.57
CA VAL E 239 15.31 -29.78 14.91
C VAL E 239 15.57 -30.93 15.87
N TYR E 240 15.23 -32.16 15.48
CA TYR E 240 15.44 -33.30 16.37
C TYR E 240 16.85 -33.87 16.29
N PHE E 241 17.64 -33.48 15.29
CA PHE E 241 19.01 -33.90 15.20
C PHE E 241 19.98 -32.90 15.82
N LEU E 242 19.51 -31.69 16.11
CA LEU E 242 20.33 -30.73 16.82
C LEU E 242 20.51 -31.17 18.28
N PRO E 243 21.67 -30.92 18.87
CA PRO E 243 21.88 -31.30 20.26
C PRO E 243 21.03 -30.45 21.19
N ALA E 244 20.72 -31.02 22.35
CA ALA E 244 19.91 -30.35 23.36
C ALA E 244 20.76 -29.57 24.36
N GLN E 245 21.98 -29.21 23.99
CA GLN E 245 22.86 -28.44 24.85
C GLN E 245 22.56 -26.95 24.71
N ALA E 246 23.45 -26.11 25.23
CA ALA E 246 23.28 -24.67 25.10
C ALA E 246 23.35 -24.24 23.64
N GLY E 247 24.24 -24.86 22.86
CA GLY E 247 24.31 -24.61 21.44
C GLY E 247 23.26 -25.41 20.69
N GLY E 248 23.42 -25.42 19.37
CA GLY E 248 22.50 -26.15 18.51
C GLY E 248 21.29 -25.35 18.12
N GLN E 249 20.69 -24.65 19.09
CA GLN E 249 19.59 -23.71 18.87
C GLN E 249 18.38 -24.41 18.24
N LYS E 250 17.82 -25.37 18.97
CA LYS E 250 16.61 -26.04 18.51
C LYS E 250 15.44 -25.07 18.49
N CYS E 251 15.23 -24.36 19.60
CA CYS E 251 14.11 -23.43 19.70
C CYS E 251 14.27 -22.28 18.72
N THR E 252 15.50 -21.82 18.51
CA THR E 252 15.74 -20.75 17.53
C THR E 252 15.30 -21.18 16.14
N LEU E 253 15.72 -22.37 15.72
CA LEU E 253 15.36 -22.86 14.39
C LEU E 253 13.85 -23.05 14.26
N SER E 254 13.22 -23.69 15.24
CA SER E 254 11.79 -23.95 15.13
C SER E 254 10.99 -22.65 15.15
N ILE E 255 11.34 -21.72 16.03
CA ILE E 255 10.64 -20.45 16.12
C ILE E 255 10.83 -19.64 14.84
N SER E 256 12.04 -19.66 14.28
CA SER E 256 12.28 -18.92 13.05
C SER E 256 11.53 -19.53 11.87
N VAL E 257 11.38 -20.85 11.85
CA VAL E 257 10.56 -21.47 10.81
C VAL E 257 9.10 -21.07 10.98
N LEU E 258 8.63 -20.99 12.23
CA LEU E 258 7.27 -20.49 12.47
C LEU E 258 7.11 -19.05 11.98
N LEU E 259 8.14 -18.23 12.20
CA LEU E 259 8.12 -16.85 11.71
C LEU E 259 8.08 -16.79 10.19
N ALA E 260 8.84 -17.67 9.53
CA ALA E 260 8.81 -17.72 8.07
C ALA E 260 7.44 -18.13 7.56
N GLN E 261 6.80 -19.08 8.26
CA GLN E 261 5.43 -19.45 7.90
C GLN E 261 4.47 -18.28 8.09
N THR E 262 4.69 -17.48 9.14
CA THR E 262 3.87 -16.28 9.32
C THR E 262 4.07 -15.28 8.19
N ILE E 263 5.31 -15.13 7.73
CA ILE E 263 5.60 -14.27 6.59
C ILE E 263 4.85 -14.77 5.35
N PHE E 264 4.85 -16.09 5.16
CA PHE E 264 4.12 -16.65 4.02
C PHE E 264 2.62 -16.45 4.17
N LEU E 265 2.11 -16.49 5.41
CA LEU E 265 0.69 -16.23 5.62
C LEU E 265 0.33 -14.80 5.25
N PHE E 266 1.19 -13.85 5.61
CA PHE E 266 0.96 -12.46 5.21
C PHE E 266 1.06 -12.31 3.69
N LEU E 267 1.97 -13.05 3.05
CA LEU E 267 2.08 -13.00 1.59
C LEU E 267 0.81 -13.53 0.93
N ILE E 268 0.29 -14.66 1.42
CA ILE E 268 -0.88 -15.27 0.81
C ILE E 268 -2.13 -14.43 1.08
N ALA E 269 -2.19 -13.75 2.23
CA ALA E 269 -3.32 -12.88 2.52
C ALA E 269 -3.44 -11.73 1.53
N GLN E 270 -2.36 -11.38 0.85
CA GLN E 270 -2.40 -10.34 -0.18
C GLN E 270 -2.81 -10.89 -1.55
N LYS E 271 -3.03 -12.20 -1.66
CA LYS E 271 -3.44 -12.83 -2.90
C LYS E 271 -4.90 -13.25 -2.89
N VAL E 272 -5.31 -14.01 -1.88
CA VAL E 272 -6.68 -14.49 -1.76
C VAL E 272 -7.60 -13.32 -1.40
N PRO E 273 -8.89 -13.38 -1.72
CA PRO E 273 -9.80 -12.30 -1.35
C PRO E 273 -10.05 -12.27 0.15
N GLU E 274 -10.75 -11.23 0.58
CA GLU E 274 -11.09 -11.02 1.97
C GLU E 274 -12.37 -11.73 2.38
N THR E 275 -12.98 -12.49 1.47
CA THR E 275 -14.23 -13.17 1.77
C THR E 275 -14.03 -14.22 2.85
N SER E 276 -15.10 -14.45 3.62
CA SER E 276 -15.04 -15.31 4.80
C SER E 276 -15.88 -16.57 4.65
N LEU E 277 -16.25 -16.92 3.42
CA LEU E 277 -17.08 -18.11 3.22
C LEU E 277 -16.28 -19.39 3.47
N ASN E 278 -15.02 -19.43 3.02
CA ASN E 278 -14.20 -20.62 3.18
C ASN E 278 -12.76 -20.22 3.40
N VAL E 279 -11.98 -21.14 3.97
CA VAL E 279 -10.55 -20.95 4.16
C VAL E 279 -9.85 -21.46 2.91
N PRO E 280 -8.90 -20.72 2.34
CA PRO E 280 -8.18 -21.21 1.17
C PRO E 280 -7.42 -22.49 1.48
N LEU E 281 -7.23 -23.31 0.45
CA LEU E 281 -6.55 -24.59 0.64
C LEU E 281 -5.12 -24.39 1.13
N ILE E 282 -4.39 -23.45 0.51
CA ILE E 282 -3.05 -23.15 0.99
C ILE E 282 -3.10 -22.48 2.35
N GLY E 283 -4.21 -21.78 2.66
CA GLY E 283 -4.39 -21.27 4.00
C GLY E 283 -4.57 -22.37 5.03
N LYS E 284 -5.31 -23.41 4.67
CA LYS E 284 -5.44 -24.56 5.55
C LYS E 284 -4.11 -25.25 5.74
N TYR E 285 -3.32 -25.37 4.67
CA TYR E 285 -2.00 -25.97 4.79
C TYR E 285 -1.11 -25.13 5.70
N LEU E 286 -1.18 -23.81 5.58
CA LEU E 286 -0.38 -22.94 6.44
C LEU E 286 -0.81 -23.06 7.89
N ILE E 287 -2.11 -23.13 8.16
CA ILE E 287 -2.57 -23.31 9.53
C ILE E 287 -2.11 -24.65 10.08
N PHE E 288 -2.14 -25.69 9.25
CA PHE E 288 -1.71 -27.01 9.69
C PHE E 288 -0.22 -27.01 10.03
N VAL E 289 0.61 -26.42 9.17
CA VAL E 289 2.04 -26.43 9.45
C VAL E 289 2.37 -25.48 10.59
N MET E 290 1.57 -24.44 10.81
CA MET E 290 1.76 -23.59 11.98
C MET E 290 1.46 -24.36 13.26
N PHE E 291 0.38 -25.14 13.27
CA PHE E 291 0.07 -25.96 14.43
C PHE E 291 1.15 -27.01 14.66
N VAL E 292 1.66 -27.61 13.58
CA VAL E 292 2.75 -28.57 13.71
C VAL E 292 4.00 -27.91 14.26
N SER E 293 4.32 -26.70 13.78
CA SER E 293 5.48 -25.98 14.28
C SER E 293 5.32 -25.62 15.76
N MET E 294 4.11 -25.23 16.17
CA MET E 294 3.89 -24.95 17.58
C MET E 294 4.05 -26.21 18.43
N LEU E 295 3.55 -27.34 17.95
CA LEU E 295 3.74 -28.59 18.67
C LEU E 295 5.21 -28.98 18.72
N ILE E 296 5.95 -28.70 17.65
CA ILE E 296 7.38 -29.02 17.63
C ILE E 296 8.15 -28.11 18.57
N VAL E 297 7.76 -26.84 18.68
CA VAL E 297 8.37 -25.95 19.65
C VAL E 297 8.09 -26.45 21.07
N MET E 298 6.86 -26.88 21.32
CA MET E 298 6.53 -27.46 22.62
C MET E 298 7.37 -28.70 22.89
N ASN E 299 7.56 -29.54 21.88
CA ASN E 299 8.37 -30.75 22.07
C ASN E 299 9.83 -30.42 22.27
N CYS E 300 10.33 -29.36 21.62
CA CYS E 300 11.68 -28.90 21.86
C CYS E 300 11.84 -28.44 23.30
N VAL E 301 10.86 -27.72 23.81
CA VAL E 301 10.87 -27.32 25.21
C VAL E 301 10.88 -28.54 26.12
N ILE E 302 10.07 -29.55 25.78
CA ILE E 302 9.99 -30.76 26.59
C ILE E 302 11.34 -31.49 26.62
N VAL E 303 11.96 -31.68 25.45
CA VAL E 303 13.21 -32.42 25.42
C VAL E 303 14.34 -31.60 25.99
N LEU E 304 14.25 -30.28 25.93
CA LEU E 304 15.25 -29.45 26.61
C LEU E 304 15.12 -29.57 28.12
N ASN E 305 13.88 -29.64 28.62
CA ASN E 305 13.68 -29.83 30.05
C ASN E 305 14.18 -31.20 30.49
N VAL E 306 13.91 -32.24 29.68
CA VAL E 306 14.29 -33.59 30.04
C VAL E 306 15.81 -33.77 29.98
N SER E 307 16.45 -33.22 28.95
CA SER E 307 17.88 -33.43 28.78
C SER E 307 18.69 -32.61 29.77
N LEU E 308 18.23 -31.42 30.14
CA LEU E 308 19.02 -30.50 30.95
C LEU E 308 18.72 -30.61 32.43
N ARG E 309 17.88 -31.55 32.85
CA ARG E 309 17.61 -31.69 34.27
C ARG E 309 18.68 -32.57 34.92
N THR E 310 18.90 -32.32 36.21
CA THR E 310 19.96 -32.93 36.99
C THR E 310 19.36 -33.75 38.12
N PRO E 311 20.10 -34.74 38.63
CA PRO E 311 19.60 -35.49 39.81
C PRO E 311 19.44 -34.62 41.04
N ASN E 312 20.09 -33.45 41.07
CA ASN E 312 19.95 -32.53 42.18
C ASN E 312 18.67 -31.71 42.10
N THR E 313 17.92 -31.79 41.00
CA THR E 313 16.65 -31.10 40.86
C THR E 313 15.48 -32.03 40.62
N HIS E 314 15.67 -33.09 39.83
CA HIS E 314 14.63 -34.07 39.55
C HIS E 314 15.12 -35.45 39.99
N SER E 315 14.15 -36.33 40.24
CA SER E 315 14.43 -37.71 40.61
C SER E 315 14.14 -38.60 39.41
N LEU E 316 15.13 -39.37 38.99
CA LEU E 316 14.99 -40.28 37.85
C LEU E 316 14.39 -41.58 38.37
N SER E 317 13.08 -41.73 38.23
CA SER E 317 12.41 -42.95 38.66
C SER E 317 12.82 -44.12 37.79
N GLU E 318 12.88 -45.30 38.40
CA GLU E 318 13.29 -46.49 37.66
C GLU E 318 12.26 -46.89 36.61
N LYS E 319 10.98 -46.56 36.84
CA LYS E 319 9.95 -46.89 35.86
C LYS E 319 10.17 -46.13 34.56
N ILE E 320 10.40 -44.82 34.65
CA ILE E 320 10.60 -44.01 33.45
C ILE E 320 11.89 -44.41 32.74
N LYS E 321 12.95 -44.65 33.51
CA LYS E 321 14.22 -45.05 32.91
C LYS E 321 14.09 -46.39 32.19
N HIS E 322 13.41 -47.35 32.81
CA HIS E 322 13.17 -48.63 32.16
C HIS E 322 12.33 -48.46 30.90
N LEU E 323 11.27 -47.66 30.98
CA LEU E 323 10.38 -47.48 29.84
C LEU E 323 11.09 -46.85 28.65
N PHE E 324 11.95 -45.86 28.90
CA PHE E 324 12.64 -45.18 27.81
C PHE E 324 14.02 -45.75 27.51
N LEU E 325 14.44 -46.81 28.20
CA LEU E 325 15.74 -47.41 27.93
C LEU E 325 15.68 -48.87 27.49
N GLY E 326 14.59 -49.59 27.75
CA GLY E 326 14.54 -50.99 27.36
C GLY E 326 13.42 -51.30 26.39
N PHE E 327 12.38 -50.48 26.39
CA PHE E 327 11.24 -50.69 25.51
C PHE E 327 11.39 -49.91 24.20
N LEU E 328 11.51 -48.59 24.30
CA LEU E 328 11.65 -47.77 23.09
C LEU E 328 12.94 -48.04 22.31
N PRO E 329 14.12 -48.14 22.92
CA PRO E 329 15.31 -48.51 22.12
C PRO E 329 15.24 -49.91 21.54
N LYS E 330 14.38 -50.79 22.07
CA LYS E 330 14.22 -52.10 21.47
C LYS E 330 13.53 -52.04 20.12
N TYR E 331 12.73 -51.00 19.88
CA TYR E 331 12.05 -50.80 18.60
C TYR E 331 12.80 -49.86 17.67
N LEU E 332 13.44 -48.83 18.20
CA LEU E 332 14.18 -47.87 17.40
C LEU E 332 15.63 -48.30 17.24
N GLY E 333 16.26 -47.80 16.18
CA GLY E 333 17.64 -48.14 15.90
C GLY E 333 18.67 -47.33 16.64
N MET E 334 18.24 -46.35 17.45
CA MET E 334 19.12 -45.46 18.20
C MET E 334 20.09 -44.70 17.30
N ALA E 409 51.94 -40.54 63.11
CA ALA E 409 52.44 -39.34 62.44
C ALA E 409 51.29 -38.47 61.96
N PRO E 410 51.19 -37.24 62.49
CA PRO E 410 50.12 -36.34 62.06
C PRO E 410 50.17 -36.00 60.58
N GLU E 411 51.36 -35.87 60.01
CA GLU E 411 51.48 -35.55 58.58
C GLU E 411 50.92 -36.67 57.72
N ILE E 412 51.26 -37.93 58.05
CA ILE E 412 50.78 -39.06 57.28
C ILE E 412 49.27 -39.21 57.41
N LYS E 413 48.75 -39.05 58.62
CA LYS E 413 47.30 -39.14 58.83
C LYS E 413 46.56 -38.05 58.08
N SER E 414 47.09 -36.82 58.11
CA SER E 414 46.47 -35.72 57.37
C SER E 414 46.51 -35.95 55.87
N CYS E 415 47.64 -36.47 55.36
CA CYS E 415 47.72 -36.76 53.93
C CYS E 415 46.74 -37.86 53.53
N VAL E 416 46.60 -38.89 54.36
CA VAL E 416 45.66 -39.98 54.08
C VAL E 416 44.23 -39.44 54.08
N GLU E 417 43.89 -38.60 55.06
CA GLU E 417 42.55 -38.02 55.11
C GLU E 417 42.28 -37.14 53.89
N ALA E 418 43.28 -36.34 53.49
CA ALA E 418 43.12 -35.48 52.33
C ALA E 418 42.92 -36.29 51.05
N CYS E 419 43.72 -37.35 50.88
CA CYS E 419 43.58 -38.18 49.68
C CYS E 419 42.24 -38.92 49.67
N ASN E 420 41.80 -39.40 50.83
CA ASN E 420 40.49 -40.04 50.91
C ASN E 420 39.37 -39.07 50.57
N PHE E 421 39.47 -37.83 51.06
CA PHE E 421 38.46 -36.83 50.73
C PHE E 421 38.47 -36.51 49.23
N ILE E 422 39.66 -36.41 48.63
CA ILE E 422 39.76 -36.14 47.21
C ILE E 422 39.12 -37.27 46.40
N ALA E 423 39.42 -38.51 46.78
CA ALA E 423 38.85 -39.66 46.07
C ALA E 423 37.33 -39.72 46.23
N LYS E 424 36.84 -39.46 47.45
CA LYS E 424 35.40 -39.48 47.69
C LYS E 424 34.69 -38.39 46.89
N SER E 425 35.27 -37.19 46.85
CA SER E 425 34.68 -36.09 46.09
C SER E 425 34.68 -36.39 44.60
N THR E 426 35.78 -36.97 44.09
CA THR E 426 35.83 -37.33 42.68
C THR E 426 34.80 -38.40 42.34
N LYS E 427 34.64 -39.40 43.22
CA LYS E 427 33.66 -40.45 42.99
C LYS E 427 32.24 -39.89 43.02
N GLU E 428 31.96 -38.98 43.95
CA GLU E 428 30.64 -38.37 44.02
C GLU E 428 30.36 -37.51 42.80
N GLN E 429 31.37 -36.77 42.30
CA GLN E 429 31.18 -35.97 41.10
C GLN E 429 30.93 -36.85 39.88
N ASN E 430 31.66 -37.96 39.76
CA ASN E 430 31.46 -38.84 38.62
C ASN E 430 30.14 -39.59 38.71
N ASP E 431 29.68 -39.89 39.92
CA ASP E 431 28.40 -40.58 40.08
C ASP E 431 27.23 -39.65 39.77
N SER E 432 27.35 -38.38 40.12
CA SER E 432 26.27 -37.43 39.86
C SER E 432 26.09 -37.20 38.36
N GLY E 433 27.17 -37.19 37.60
CA GLY E 433 27.08 -36.99 36.17
C GLY E 433 26.52 -38.18 35.40
N SER E 434 26.44 -39.35 36.04
CA SER E 434 25.86 -40.51 35.38
C SER E 434 24.38 -40.30 35.08
N GLU E 435 23.64 -39.71 36.03
CA GLU E 435 22.22 -39.48 35.82
C GLU E 435 21.97 -38.40 34.78
N ASN E 436 22.88 -37.44 34.66
CA ASN E 436 22.78 -36.45 33.58
C ASN E 436 22.86 -37.13 32.21
N GLU E 437 23.78 -38.09 32.06
CA GLU E 437 23.87 -38.82 30.81
C GLU E 437 22.62 -39.65 30.56
N ASN E 438 22.03 -40.21 31.62
CA ASN E 438 20.78 -40.95 31.46
C ASN E 438 19.66 -40.03 30.98
N TRP E 439 19.56 -38.84 31.56
CA TRP E 439 18.55 -37.88 31.10
C TRP E 439 18.81 -37.46 29.67
N VAL E 440 20.09 -37.33 29.29
CA VAL E 440 20.44 -37.02 27.91
C VAL E 440 19.95 -38.11 26.98
N LEU E 441 20.14 -39.38 27.38
CA LEU E 441 19.67 -40.50 26.56
C LEU E 441 18.15 -40.51 26.46
N ILE E 442 17.45 -40.20 27.55
CA ILE E 442 15.99 -40.13 27.51
C ILE E 442 15.54 -39.05 26.53
N GLY E 443 16.19 -37.89 26.59
CA GLY E 443 15.89 -36.83 25.64
C GLY E 443 16.16 -37.24 24.20
N LYS E 444 17.24 -37.99 23.98
CA LYS E 444 17.57 -38.47 22.63
C LYS E 444 16.49 -39.43 22.12
N VAL E 445 16.04 -40.34 22.98
CA VAL E 445 15.01 -41.30 22.56
C VAL E 445 13.70 -40.59 22.25
N ILE E 446 13.32 -39.64 23.11
CA ILE E 446 12.10 -38.87 22.85
C ILE E 446 12.25 -38.06 21.57
N ASP E 447 13.44 -37.52 21.33
CA ASP E 447 13.69 -36.77 20.10
C ASP E 447 13.53 -37.67 18.88
N LYS E 448 14.04 -38.88 18.93
CA LYS E 448 13.92 -39.80 17.80
C LYS E 448 12.46 -40.17 17.54
N ALA E 449 11.73 -40.54 18.59
CA ALA E 449 10.34 -40.95 18.43
C ALA E 449 9.49 -39.78 17.92
N CYS E 450 9.66 -38.60 18.50
CA CYS E 450 8.90 -37.45 18.06
C CYS E 450 9.34 -36.99 16.68
N PHE E 451 10.59 -37.24 16.30
CA PHE E 451 11.01 -36.96 14.94
C PHE E 451 10.24 -37.82 13.95
N TRP E 452 10.13 -39.11 14.24
CA TRP E 452 9.39 -39.98 13.34
C TRP E 452 7.91 -39.59 13.29
N ILE E 453 7.33 -39.27 14.44
CA ILE E 453 5.92 -38.88 14.49
C ILE E 453 5.69 -37.59 13.70
N ALA E 454 6.57 -36.60 13.89
CA ALA E 454 6.42 -35.33 13.20
C ALA E 454 6.66 -35.46 11.71
N LEU E 455 7.63 -36.28 11.30
CA LEU E 455 7.86 -36.51 9.89
C LEU E 455 6.65 -37.17 9.24
N LEU E 456 6.08 -38.19 9.90
CA LEU E 456 4.89 -38.84 9.36
C LEU E 456 3.73 -37.87 9.27
N LEU E 457 3.52 -37.06 10.31
CA LEU E 457 2.41 -36.12 10.33
C LEU E 457 2.56 -35.06 9.25
N PHE E 458 3.76 -34.49 9.12
CA PHE E 458 4.00 -33.47 8.11
C PHE E 458 3.86 -34.03 6.71
N SER E 459 4.41 -35.21 6.46
CA SER E 459 4.31 -35.81 5.14
C SER E 459 2.86 -36.13 4.80
N ILE E 460 2.11 -36.69 5.74
CA ILE E 460 0.71 -37.03 5.47
C ILE E 460 -0.10 -35.77 5.22
N GLY E 461 0.12 -34.72 6.00
CA GLY E 461 -0.62 -33.48 5.80
C GLY E 461 -0.31 -32.85 4.46
N THR E 462 0.97 -32.75 4.12
CA THR E 462 1.37 -32.16 2.85
C THR E 462 0.82 -32.96 1.67
N LEU E 463 0.98 -34.28 1.72
CA LEU E 463 0.52 -35.12 0.64
C LEU E 463 -0.99 -35.06 0.48
N ALA E 464 -1.73 -35.10 1.59
CA ALA E 464 -3.18 -35.07 1.50
C ALA E 464 -3.68 -33.73 0.97
N ILE E 465 -3.11 -32.63 1.46
CA ILE E 465 -3.54 -31.31 1.02
C ILE E 465 -3.28 -31.14 -0.48
N PHE E 466 -2.07 -31.50 -0.94
CA PHE E 466 -1.79 -31.29 -2.34
C PHE E 466 -2.43 -32.33 -3.23
N LEU E 467 -2.80 -33.49 -2.69
CA LEU E 467 -3.54 -34.47 -3.47
C LEU E 467 -4.98 -34.04 -3.66
N THR E 468 -5.61 -33.48 -2.62
CA THR E 468 -6.96 -32.98 -2.80
C THR E 468 -6.98 -31.68 -3.59
N GLY E 469 -5.87 -30.93 -3.61
CA GLY E 469 -5.76 -29.84 -4.56
C GLY E 469 -5.62 -30.34 -5.99
N HIS E 470 -4.86 -31.41 -6.20
CA HIS E 470 -4.64 -31.93 -7.54
C HIS E 470 -5.90 -32.58 -8.09
N PHE E 471 -6.78 -33.09 -7.23
CA PHE E 471 -7.99 -33.77 -7.66
C PHE E 471 -9.18 -32.82 -7.79
N ASN E 472 -8.94 -31.50 -7.79
CA ASN E 472 -10.01 -30.53 -7.99
C ASN E 472 -10.22 -30.35 -9.50
N GLN E 473 -10.82 -31.37 -10.09
CA GLN E 473 -11.03 -31.38 -11.53
C GLN E 473 -12.16 -30.45 -11.93
N VAL E 474 -11.99 -29.78 -13.05
CA VAL E 474 -13.08 -29.00 -13.65
C VAL E 474 -14.17 -29.96 -14.09
N PRO E 475 -15.45 -29.68 -13.83
CA PRO E 475 -16.51 -30.61 -14.22
C PRO E 475 -16.55 -30.84 -15.71
N GLU E 476 -16.89 -32.07 -16.10
CA GLU E 476 -16.88 -32.43 -17.51
C GLU E 476 -17.92 -31.65 -18.30
N PHE E 477 -19.08 -31.48 -17.75
CA PHE E 477 -20.13 -30.76 -18.44
C PHE E 477 -20.24 -29.34 -17.91
N PRO E 478 -20.62 -28.38 -18.76
CA PRO E 478 -20.84 -27.01 -18.27
C PRO E 478 -21.92 -26.92 -17.21
N PHE E 479 -22.97 -27.73 -17.33
CA PHE E 479 -24.00 -27.85 -16.32
C PHE E 479 -24.08 -29.30 -15.88
N PRO E 480 -23.97 -29.58 -14.58
CA PRO E 480 -23.89 -30.98 -14.13
C PRO E 480 -25.10 -31.83 -14.51
N GLY E 481 -26.29 -31.26 -14.53
CA GLY E 481 -27.45 -32.04 -14.91
C GLY E 481 -27.76 -32.07 -16.38
N ASP E 482 -26.93 -31.44 -17.21
CA ASP E 482 -27.22 -31.29 -18.63
C ASP E 482 -26.23 -32.11 -19.44
N PRO E 483 -26.71 -33.05 -20.27
CA PRO E 483 -25.78 -33.85 -21.08
C PRO E 483 -25.13 -33.08 -22.23
N ARG E 484 -25.63 -31.89 -22.57
CA ARG E 484 -25.08 -31.13 -23.68
C ARG E 484 -23.69 -30.60 -23.36
N LYS E 485 -22.89 -30.40 -24.40
CA LYS E 485 -21.52 -29.94 -24.25
C LYS E 485 -21.34 -28.44 -24.42
N TYR E 486 -22.24 -27.79 -25.16
CA TYR E 486 -22.21 -26.34 -25.37
C TYR E 486 -20.89 -25.87 -25.99
N VAL E 487 -20.47 -26.58 -27.03
CA VAL E 487 -19.26 -26.20 -27.77
C VAL E 487 -19.60 -26.20 -29.26
N PRO E 488 -18.94 -25.36 -30.08
CA PRO E 488 -19.18 -25.34 -31.52
C PRO E 488 -18.72 -26.62 -32.20
C1 NAG F . 6.42 -7.75 -32.17
C2 NAG F . 7.24 -8.52 -33.20
C3 NAG F . 6.73 -8.18 -34.60
C4 NAG F . 5.22 -8.37 -34.72
C5 NAG F . 4.53 -7.70 -33.53
C6 NAG F . 3.04 -7.95 -33.48
C7 NAG F . 9.54 -8.99 -32.49
C8 NAG F . 10.94 -8.46 -32.47
N2 NAG F . 8.64 -8.18 -33.08
O3 NAG F . 7.47 -8.99 -35.47
O4 NAG F . 4.80 -7.73 -35.90
O5 NAG F . 5.08 -8.14 -32.32
O6 NAG F . 2.80 -9.34 -33.52
O7 NAG F . 9.26 -10.07 -32.00
C1 NAG F . 4.74 -8.64 -37.01
C2 NAG F . 3.49 -8.27 -37.84
C3 NAG F . 3.49 -8.98 -39.18
C4 NAG F . 4.82 -8.83 -39.91
C5 NAG F . 5.92 -9.29 -38.98
C6 NAG F . 7.31 -9.19 -39.56
C7 NAG F . 1.47 -7.72 -36.54
C8 NAG F . 0.27 -8.30 -35.85
N2 NAG F . 2.29 -8.62 -37.12
O3 NAG F . 2.42 -8.44 -39.92
O4 NAG F . 4.74 -9.63 -41.06
O5 NAG F . 5.89 -8.50 -37.81
O6 NAG F . 7.63 -7.83 -39.74
O7 NAG F . 1.68 -6.52 -36.57
C1 BMA F . 4.75 -8.79 -42.24
C2 BMA F . 5.27 -9.64 -43.38
C3 BMA F . 5.35 -8.77 -44.66
C4 BMA F . 4.15 -7.84 -44.91
C5 BMA F . 3.26 -7.53 -43.70
C6 BMA F . 1.77 -7.43 -44.01
O2 BMA F . 4.42 -10.74 -43.53
O3 BMA F . 5.62 -9.65 -45.72
O4 BMA F . 4.76 -6.64 -45.37
O5 BMA F . 3.47 -8.34 -42.56
O6 BMA F . 1.24 -8.68 -44.38
C1 MAN F . -0.17 -8.46 -44.56
C2 MAN F . -0.91 -9.75 -44.17
C3 MAN F . -0.60 -10.87 -45.16
C4 MAN F . -0.79 -10.42 -46.60
C5 MAN F . -0.03 -9.13 -46.85
C6 MAN F . -0.30 -8.56 -48.22
O2 MAN F . -2.27 -9.45 -44.16
O3 MAN F . -1.46 -11.92 -44.83
O4 MAN F . -0.31 -11.47 -47.41
O5 MAN F . -0.45 -8.16 -45.90
O6 MAN F . -1.65 -8.18 -48.31
C1 MAN F . -0.69 -13.07 -44.43
C2 MAN F . -1.57 -14.30 -44.64
C3 MAN F . -2.78 -14.19 -43.71
C4 MAN F . -2.34 -14.05 -42.27
C5 MAN F . -1.37 -12.87 -42.13
C6 MAN F . -0.75 -12.80 -40.76
O2 MAN F . -0.77 -15.43 -44.34
O3 MAN F . -3.58 -15.33 -43.92
O4 MAN F . -3.50 -13.87 -41.50
O5 MAN F . -0.32 -12.98 -43.08
O6 MAN F . 0.03 -11.63 -40.67
C1 MAN F . -1.95 -7.89 -49.70
C2 MAN F . -3.03 -6.81 -49.74
C3 MAN F . -4.39 -7.36 -50.16
C4 MAN F . -4.68 -8.73 -49.54
C5 MAN F . -3.51 -9.69 -49.72
C6 MAN F . -3.87 -10.86 -50.61
O2 MAN F . -2.58 -5.84 -50.67
O3 MAN F . -4.41 -7.41 -51.57
O4 MAN F . -4.95 -8.50 -48.17
O5 MAN F . -2.41 -9.05 -50.34
O6 MAN F . -2.75 -11.19 -51.39
C1 MAN F . 7.04 -9.93 -45.70
C2 MAN F . 7.74 -8.96 -46.65
C3 MAN F . 7.48 -9.29 -48.11
C4 MAN F . 7.73 -10.77 -48.39
C5 MAN F . 6.87 -11.59 -47.41
C6 MAN F . 7.06 -13.08 -47.57
O2 MAN F . 9.12 -9.01 -46.35
O3 MAN F . 8.31 -8.48 -48.90
O4 MAN F . 7.37 -11.02 -49.73
O5 MAN F . 7.27 -11.26 -46.09
O6 MAN F . 6.54 -13.71 -46.44
C1 NAG G . 16.21 23.31 -16.57
C2 NAG G . 17.60 23.94 -16.71
C3 NAG G . 17.66 24.81 -17.95
C4 NAG G . 17.20 24.04 -19.18
C5 NAG G . 15.83 23.42 -18.89
C6 NAG G . 15.27 22.60 -20.03
C7 NAG G . 19.04 24.50 -14.82
C8 NAG G . 19.22 25.42 -13.64
N2 NAG G . 17.93 24.71 -15.55
O3 NAG G . 18.97 25.25 -18.06
O4 NAG G . 17.09 24.97 -20.22
O5 NAG G . 15.92 22.60 -17.74
O6 NAG G . 14.07 22.00 -19.63
O7 NAG G . 19.87 23.65 -15.10
C1 NAG G . 18.13 24.76 -21.19
C2 NAG G . 17.58 25.28 -22.53
C3 NAG G . 18.68 25.37 -23.58
C4 NAG G . 19.87 26.14 -23.04
C5 NAG G . 20.35 25.42 -21.77
C6 NAG G . 21.57 26.03 -21.12
C7 NAG G . 15.22 24.80 -23.03
C8 NAG G . 14.28 23.74 -23.57
N2 NAG G . 16.52 24.44 -23.00
O3 NAG G . 18.14 25.99 -24.72
O4 NAG G . 20.85 26.16 -24.06
O5 NAG G . 19.29 25.46 -20.83
O6 NAG G . 21.39 27.43 -21.04
O7 NAG G . 14.82 25.88 -22.65
C1 BMA G . 21.15 27.55 -24.37
C2 BMA G . 22.27 27.57 -25.38
C3 BMA G . 22.71 29.04 -25.58
C4 BMA G . 21.58 30.10 -25.53
C5 BMA G . 20.14 29.58 -25.33
C6 BMA G . 19.18 29.85 -26.48
O2 BMA G . 21.85 26.96 -26.56
O3 BMA G . 23.49 29.09 -26.74
O4 BMA G . 21.93 30.92 -24.43
O5 BMA G . 20.03 28.20 -24.92
O6 BMA G . 19.73 29.43 -27.71
C1 MAN G . 24.85 29.32 -26.30
C2 MAN G . 25.60 30.07 -27.42
C3 MAN G . 26.90 29.36 -27.78
C4 MAN G . 26.67 27.89 -28.13
C5 MAN G . 25.73 27.23 -27.11
C6 MAN G . 26.33 25.96 -26.55
O2 MAN G . 25.83 31.37 -26.94
O3 MAN G . 27.79 29.52 -26.70
O4 MAN G . 26.12 27.87 -29.43
O5 MAN G . 25.49 28.09 -26.02
O6 MAN G . 27.25 26.30 -25.54
C1 MAN G . 18.88 29.97 -28.75
C2 MAN G . 18.00 28.83 -29.29
C3 MAN G . 18.83 27.82 -30.07
C4 MAN G . 19.65 28.51 -31.15
C5 MAN G . 20.49 29.62 -30.52
C6 MAN G . 21.21 30.44 -31.56
O2 MAN G . 17.01 29.43 -30.09
O3 MAN G . 17.93 26.87 -30.61
O4 MAN G . 20.45 27.51 -31.75
O5 MAN G . 19.66 30.51 -29.80
O6 MAN G . 20.76 31.77 -31.47
C1 NAG H . -5.19 29.65 12.08
C2 NAG H . -4.67 30.58 13.17
C3 NAG H . -5.01 32.04 12.86
C4 NAG H . -4.59 32.42 11.45
C5 NAG H . -5.18 31.40 10.47
C6 NAG H . -4.81 31.63 9.02
C7 NAG H . -4.47 29.48 15.33
C8 NAG H . -5.17 29.14 16.62
N2 NAG H . -5.19 30.19 14.45
O3 NAG H . -4.36 32.83 13.82
O4 NAG H . -5.12 33.71 11.23
O5 NAG H . -4.73 30.11 10.83
O6 NAG H . -5.23 30.53 8.26
O7 NAG H . -3.32 29.11 15.12
C1 NAG H . -4.07 34.64 10.88
C2 NAG H . -4.66 36.05 10.92
C3 NAG H . -3.60 37.06 10.51
C4 NAG H . -2.35 36.90 11.37
C5 NAG H . -1.91 35.43 11.38
C6 NAG H . -0.75 35.14 12.30
C7 NAG H . -6.00 35.92 8.79
C8 NAG H . -7.39 36.17 8.28
N2 NAG H . -5.85 36.17 10.11
O3 NAG H . -4.16 38.34 10.64
O4 NAG H . -1.38 37.75 10.80
O5 NAG H . -2.98 34.61 11.79
O6 NAG H . -1.08 35.54 13.61
O7 NAG H . -5.10 35.55 8.04
C1 BMA H . -1.03 38.77 11.77
C2 BMA H . 0.48 38.93 11.77
C3 BMA H . 0.86 39.89 12.91
C4 BMA H . -0.09 41.08 13.15
C5 BMA H . -1.36 41.13 12.30
C6 BMA H . -1.56 42.44 11.52
O2 BMA H . 0.87 39.39 10.50
O3 BMA H . 2.22 40.24 12.71
O4 BMA H . -0.44 40.96 14.52
O5 BMA H . -1.62 40.02 11.46
O6 BMA H . -0.90 42.40 10.28
C1 MAN H . 2.98 39.31 13.53
C2 MAN H . 3.95 40.14 14.40
C3 MAN H . 5.11 40.68 13.58
C4 MAN H . 5.79 39.56 12.80
C5 MAN H . 4.75 38.88 11.91
C6 MAN H . 5.33 37.69 11.19
O2 MAN H . 4.40 39.28 15.42
O3 MAN H . 6.00 41.31 14.47
O4 MAN H . 6.83 40.15 12.04
O5 MAN H . 3.68 38.39 12.72
O6 MAN H . 6.08 38.15 10.09
C1 MAN H . -0.90 43.75 9.75
C2 MAN H . -2.33 44.08 9.30
C3 MAN H . -2.70 43.29 8.07
C4 MAN H . -1.70 43.54 6.95
C5 MAN H . -0.30 43.17 7.46
C6 MAN H . 0.78 43.54 6.46
O2 MAN H . -2.36 45.47 9.06
O3 MAN H . -4.01 43.68 7.70
O4 MAN H . -2.10 42.75 5.85
O5 MAN H . 0.00 43.86 8.66
O6 MAN H . 0.73 42.64 5.37
C1 NAG I . -50.88 43.56 -5.23
C2 NAG I . -50.85 45.09 -5.33
C3 NAG I . -51.93 45.68 -4.44
C4 NAG I . -53.32 45.09 -4.71
C5 NAG I . -53.17 43.56 -4.65
C6 NAG I . -54.40 42.72 -4.95
C7 NAG I . -48.74 46.29 -5.76
C8 NAG I . -47.44 46.70 -5.14
N2 NAG I . -49.55 45.59 -4.95
O3 NAG I . -51.90 47.06 -4.62
O4 NAG I . -54.15 45.61 -3.69
O5 NAG I . -52.18 43.14 -5.57
O6 NAG I . -54.81 42.97 -6.27
O7 NAG I . -49.03 46.57 -6.91
C1 NAG I . -55.41 46.19 -4.15
C2 NAG I . -55.16 47.44 -5.02
C3 NAG I . -56.47 47.97 -5.59
C4 NAG I . -57.36 46.88 -6.19
C5 NAG I . -57.46 45.70 -5.22
C6 NAG I . -58.24 44.52 -5.77
C7 NAG I . -53.75 49.46 -4.73
C8 NAG I . -53.22 50.43 -3.71
N2 NAG I . -54.54 48.49 -4.24
O3 NAG I . -56.18 48.97 -6.54
O4 NAG I . -58.64 47.42 -6.50
O5 NAG I . -56.14 45.27 -4.93
O6 NAG I . -58.19 43.45 -4.85
O7 NAG I . -53.45 49.56 -5.92
C1 BMA I . -59.25 48.09 -5.38
C2 BMA I . -59.87 49.38 -5.88
C3 BMA I . -60.42 50.18 -4.68
C4 BMA I . -60.94 49.33 -3.49
C5 BMA I . -61.10 47.83 -3.76
C6 BMA I . -62.54 47.38 -3.99
O2 BMA I . -60.85 49.08 -6.84
O3 BMA I . -61.37 51.08 -5.21
O4 BMA I . -59.99 49.54 -2.46
O5 BMA I . -60.26 47.30 -4.79
O6 BMA I . -62.55 45.98 -4.19
C1 MAN I . -61.10 52.42 -4.72
C2 MAN I . -62.14 53.36 -5.34
C3 MAN I . -61.85 53.62 -6.81
C4 MAN I . -60.45 54.19 -6.97
C5 MAN I . -59.45 53.18 -6.40
C6 MAN I . -58.04 53.73 -6.38
O2 MAN I . -62.12 54.55 -4.59
O3 MAN I . -62.83 54.50 -7.31
O4 MAN I . -60.23 54.42 -8.34
O5 MAN I . -59.79 52.84 -5.05
O6 MAN I . -57.85 54.48 -5.20
C1 MAN I . -62.10 45.29 -3.00
C2 MAN I . -61.37 44.02 -3.46
C3 MAN I . -62.35 43.05 -4.10
C4 MAN I . -63.48 42.74 -3.14
C5 MAN I . -64.15 44.04 -2.67
C6 MAN I . -65.12 43.78 -1.54
O2 MAN I . -60.77 43.46 -2.31
O3 MAN I . -61.64 41.90 -4.48
O4 MAN I . -64.39 41.90 -3.84
O5 MAN I . -63.18 44.94 -2.17
O6 MAN I . -66.30 43.21 -2.06
C1 NAG J . -7.91 48.78 -11.67
C2 NAG J . -7.70 49.37 -13.06
C3 NAG J . -6.21 49.66 -13.26
C4 NAG J . -5.56 50.40 -12.09
C5 NAG J . -6.10 49.92 -10.74
C6 NAG J . -5.80 50.83 -9.57
C7 NAG J . -7.85 47.24 -14.39
C8 NAG J . -8.63 46.63 -15.53
N2 NAG J . -8.23 48.50 -14.09
O3 NAG J . -6.09 50.38 -14.47
O4 NAG J . -4.20 50.07 -12.22
O5 NAG J . -7.51 49.77 -10.77
O6 NAG J . -6.41 52.08 -9.80
O7 NAG J . -6.97 46.60 -13.82
C1 NAG J . -3.28 51.20 -12.26
C2 NAG J . -3.17 51.73 -13.70
C3 NAG J . -2.15 52.86 -13.72
C4 NAG J . -2.51 53.93 -12.69
C5 NAG J . -2.74 53.28 -11.33
C6 NAG J . -3.15 54.23 -10.23
C7 NAG J . -3.24 50.59 -15.87
C8 NAG J . -2.71 49.40 -16.65
N2 NAG J . -2.79 50.68 -14.61
O3 NAG J . -2.10 53.38 -15.02
O4 NAG J . -1.43 54.85 -12.65
O5 NAG J . -3.73 52.27 -11.46
O6 NAG J . -3.32 53.53 -9.03
O7 NAG J . -4.01 51.38 -16.38
C1 NAG K . -29.59 1.50 14.13
C2 NAG K . -30.50 1.13 15.28
C3 NAG K . -31.89 1.72 15.05
C4 NAG K . -31.83 3.21 14.73
C5 NAG K . -30.75 3.48 13.67
C6 NAG K . -30.50 4.94 13.39
C7 NAG K . -29.97 -0.99 16.37
C8 NAG K . -30.22 -2.48 16.36
N2 NAG K . -30.61 -0.29 15.43
O3 NAG K . -32.64 1.44 16.20
O4 NAG K . -33.08 3.58 14.19
O5 NAG K . -29.53 2.90 14.06
O6 NAG K . -30.18 5.59 14.59
O7 NAG K . -29.25 -0.47 17.21
C1 NAG K . -33.96 4.13 15.19
C2 NAG K . -34.72 5.29 14.54
C3 NAG K . -35.83 5.78 15.46
C4 NAG K . -36.71 4.64 15.92
C5 NAG K . -35.82 3.57 16.56
C6 NAG K . -36.57 2.35 17.03
C7 NAG K . -33.46 6.71 12.99
C8 NAG K . -32.55 7.90 12.88
N2 NAG K . -33.85 6.38 14.23
O3 NAG K . -36.55 6.74 14.74
O4 NAG K . -37.63 5.18 16.84
O5 NAG K . -34.86 3.14 15.62
O6 NAG K . -35.65 1.32 17.29
O7 NAG K . -33.83 6.10 12.00
C1 BMA K . -38.95 5.06 16.31
C2 BMA K . -39.92 5.12 17.49
C3 BMA K . -41.35 4.89 16.97
C4 BMA K . -41.70 5.57 15.63
C5 BMA K . -40.55 6.22 14.86
C6 BMA K . -40.84 7.65 14.39
O2 BMA K . -39.75 6.37 18.13
O3 BMA K . -42.22 5.21 18.03
O4 BMA K . -42.24 4.51 14.87
O5 BMA K . -39.26 6.12 15.43
O6 BMA K . -40.58 8.57 15.42
C1 MAN K . -40.55 9.89 14.82
C2 MAN K . -39.82 10.84 15.76
C3 MAN K . -40.63 11.06 17.03
C4 MAN K . -42.05 11.51 16.70
C5 MAN K . -42.67 10.48 15.76
C6 MAN K . -44.07 10.85 15.31
O2 MAN K . -39.64 12.04 15.05
O3 MAN K . -39.95 12.02 17.81
O4 MAN K . -42.74 11.59 17.92
O5 MAN K . -41.86 10.35 14.61
O6 MAN K . -44.06 12.09 14.66
C1 MAN K . -45.19 12.86 15.14
C2 MAN K . -46.46 12.30 14.49
C3 MAN K . -46.49 12.63 13.00
C4 MAN K . -46.33 14.13 12.79
C5 MAN K . -45.02 14.55 13.44
C6 MAN K . -44.79 16.05 13.35
O2 MAN K . -47.54 12.88 15.18
O3 MAN K . -47.73 12.17 12.48
O4 MAN K . -46.35 14.36 11.40
O5 MAN K . -45.03 14.23 14.81
O6 MAN K . -43.61 16.37 14.01
C1 MAN K . -42.21 4.07 18.93
C2 MAN K . -43.42 3.18 18.57
C3 MAN K . -44.73 3.84 18.97
C4 MAN K . -44.69 4.29 20.42
C5 MAN K . -43.48 5.20 20.61
C6 MAN K . -43.31 5.64 22.06
O2 MAN K . -43.24 1.96 19.25
O3 MAN K . -45.77 2.91 18.75
O4 MAN K . -45.91 4.96 20.68
O5 MAN K . -42.31 4.50 20.26
O6 MAN K . -41.96 6.01 22.25
C1 NAG L . -21.94 -22.23 -12.51
C2 NAG L . -22.28 -23.71 -12.61
C3 NAG L . -23.66 -23.89 -13.21
C4 NAG L . -24.70 -23.05 -12.50
C5 NAG L . -24.21 -21.61 -12.36
C6 NAG L . -25.13 -20.73 -11.56
C7 NAG L . -20.53 -25.39 -12.93
C8 NAG L . -19.55 -25.99 -13.91
N2 NAG L . -21.30 -24.41 -13.40
O3 NAG L . -23.98 -25.25 -13.15
O4 NAG L . -25.85 -23.09 -13.30
O5 NAG L . -22.94 -21.60 -11.76
O6 NAG L . -24.52 -19.47 -11.37
O7 NAG L . -20.59 -25.79 -11.77
C1 NAG L . -26.93 -23.78 -12.63
C2 NAG L . -28.22 -23.07 -13.03
C3 NAG L . -29.44 -23.83 -12.52
C4 NAG L . -29.38 -25.28 -12.95
C5 NAG L . -28.05 -25.87 -12.47
C6 NAG L . -27.86 -27.32 -12.85
C7 NAG L . -28.47 -20.64 -13.27
C8 NAG L . -28.42 -19.32 -12.53
N2 NAG L . -28.23 -21.72 -12.52
O3 NAG L . -30.57 -23.17 -13.02
O4 NAG L . -30.49 -25.93 -12.38
O5 NAG L . -26.99 -25.13 -13.03
O6 NAG L . -26.62 -27.77 -12.35
O7 NAG L . -28.71 -20.68 -14.46
C1 BMA L . -31.37 -26.36 -13.44
C2 BMA L . -32.06 -27.64 -13.01
C3 BMA L . -32.87 -28.20 -14.20
C4 BMA L . -33.43 -27.14 -15.17
C5 BMA L . -33.37 -25.68 -14.70
C6 BMA L . -34.73 -25.15 -14.25
O2 BMA L . -32.85 -27.36 -11.88
O3 BMA L . -33.85 -29.06 -13.66
O4 BMA L . -32.66 -27.29 -16.35
O5 BMA L . -32.37 -25.40 -13.72
O6 BMA L . -34.71 -24.82 -12.88
C1 MAN L . -35.50 -23.62 -12.68
C2 MAN L . -35.36 -23.20 -11.21
C3 MAN L . -36.12 -24.16 -10.30
C4 MAN L . -37.56 -24.28 -10.72
C5 MAN L . -37.60 -24.75 -12.18
C6 MAN L . -39.00 -24.81 -12.76
O2 MAN L . -35.89 -21.90 -11.12
O3 MAN L . -35.99 -23.66 -8.98
O4 MAN L . -38.16 -25.22 -9.85
O5 MAN L . -36.86 -23.85 -12.99
O6 MAN L . -39.93 -24.31 -11.84
C1 MAN L . -40.78 -23.35 -12.52
C2 MAN L . -41.99 -23.11 -11.60
C3 MAN L . -42.96 -22.10 -12.23
C4 MAN L . -42.81 -21.99 -13.75
C5 MAN L . -42.40 -23.34 -14.35
C6 MAN L . -42.14 -23.23 -15.84
O2 MAN L . -41.48 -22.63 -10.39
O3 MAN L . -42.74 -20.87 -11.59
O4 MAN L . -44.06 -21.55 -14.26
O5 MAN L . -41.21 -23.86 -13.76
O6 MAN L . -43.38 -23.22 -16.51
C1 MAN L . -33.78 -30.30 -14.40
C2 MAN L . -35.06 -31.10 -14.12
C3 MAN L . -35.09 -31.60 -12.68
C4 MAN L . -33.82 -32.38 -12.36
C5 MAN L . -32.60 -31.49 -12.65
C6 MAN L . -31.30 -32.24 -12.47
O2 MAN L . -35.08 -32.16 -15.04
O3 MAN L . -36.24 -32.41 -12.54
O4 MAN L . -33.89 -32.73 -10.99
O5 MAN L . -32.65 -31.05 -13.99
O6 MAN L . -30.96 -32.86 -13.68
N1 ACH M . -14.90 -5.40 -35.98
C2 ACH M . -16.37 -5.39 -35.68
C3 ACH M . -17.12 -4.12 -35.96
O4 ACH M . -18.51 -4.38 -35.82
C5 ACH M . -19.35 -3.72 -36.61
O7 ACH M . -20.13 -2.91 -36.20
C6 ACH M . -19.18 -4.14 -38.04
C8 ACH M . -14.63 -4.84 -37.32
C9 ACH M . -14.24 -4.55 -34.96
C10 ACH M . -14.32 -6.76 -35.90
N1 ACH N . -32.17 20.78 4.22
C2 ACH N . -31.60 21.89 3.37
C3 ACH N . -32.48 22.35 2.24
O4 ACH N . -31.97 23.56 1.70
C5 ACH N . -32.83 24.32 1.03
O7 ACH N . -32.69 24.58 -0.15
C6 ACH N . -33.93 24.81 1.90
C8 ACH N . -33.55 21.09 4.66
C9 ACH N . -32.19 19.55 3.39
C10 ACH N . -31.33 20.50 5.42
#